data_5CUB
# 
_entry.id   5CUB 
# 
_audit_conform.dict_name       mmcif_pdbx.dic 
_audit_conform.dict_version    5.391 
_audit_conform.dict_location   http://mmcif.pdb.org/dictionaries/ascii/mmcif_pdbx.dic 
# 
loop_
_database_2.database_id 
_database_2.database_code 
_database_2.pdbx_database_accession 
_database_2.pdbx_DOI 
PDB   5CUB         pdb_00005cub 10.2210/pdb5cub/pdb 
WWPDB D_1000212202 ?            ?                   
# 
loop_
_pdbx_audit_revision_history.ordinal 
_pdbx_audit_revision_history.data_content_type 
_pdbx_audit_revision_history.major_revision 
_pdbx_audit_revision_history.minor_revision 
_pdbx_audit_revision_history.revision_date 
1 'Structure model' 1 0 2015-09-09 
2 'Structure model' 1 1 2024-05-08 
# 
_pdbx_audit_revision_details.ordinal             1 
_pdbx_audit_revision_details.revision_ordinal    1 
_pdbx_audit_revision_details.data_content_type   'Structure model' 
_pdbx_audit_revision_details.provider            repository 
_pdbx_audit_revision_details.type                'Initial release' 
_pdbx_audit_revision_details.description         ? 
_pdbx_audit_revision_details.details             ? 
# 
loop_
_pdbx_audit_revision_group.ordinal 
_pdbx_audit_revision_group.revision_ordinal 
_pdbx_audit_revision_group.data_content_type 
_pdbx_audit_revision_group.group 
1 2 'Structure model' 'Data collection'     
2 2 'Structure model' 'Database references' 
# 
loop_
_pdbx_audit_revision_category.ordinal 
_pdbx_audit_revision_category.revision_ordinal 
_pdbx_audit_revision_category.data_content_type 
_pdbx_audit_revision_category.category 
1 2 'Structure model' chem_comp_atom              
2 2 'Structure model' chem_comp_bond              
3 2 'Structure model' database_2                  
4 2 'Structure model' diffrn_radiation_wavelength 
# 
loop_
_pdbx_audit_revision_item.ordinal 
_pdbx_audit_revision_item.revision_ordinal 
_pdbx_audit_revision_item.data_content_type 
_pdbx_audit_revision_item.item 
1 2 'Structure model' '_database_2.pdbx_DOI'                
2 2 'Structure model' '_database_2.pdbx_database_accession' 
# 
_pdbx_database_status.status_code                     REL 
_pdbx_database_status.status_code_sf                  REL 
_pdbx_database_status.status_code_mr                  ? 
_pdbx_database_status.entry_id                        5CUB 
_pdbx_database_status.recvd_initial_deposition_date   2015-07-24 
_pdbx_database_status.SG_entry                        Y 
_pdbx_database_status.deposit_site                    RCSB 
_pdbx_database_status.process_site                    PDBE 
_pdbx_database_status.status_code_cs                  ? 
_pdbx_database_status.methods_development_category    ? 
_pdbx_database_status.pdb_format_compatible           Y 
_pdbx_database_status.status_code_nmr_data            ? 
# 
loop_
_audit_author.name 
_audit_author.pdbx_ordinal 
'Bradley, A.'                          1  
'Pearce, N.'                           2  
'Krojer, T.'                           3  
'Ng, J.'                               4  
'Talon, R.'                            5  
'Vollmar, M.'                          6  
'Jose, B.'                             7  
'von Delft, F.'                        8  
'Bountra, C.'                          9  
'Arrowsmith, C.H.'                     10 
'Edwards, A.'                          11 
'Knapp, S.'                            12 
'Structural Genomics Consortium (SGC)' 13 
# 
_citation.abstract                  ? 
_citation.abstract_id_CAS           ? 
_citation.book_id_ISBN              ? 
_citation.book_publisher            ? 
_citation.book_publisher_city       ? 
_citation.book_title                ? 
_citation.coordinate_linkage        ? 
_citation.country                   ? 
_citation.database_id_Medline       ? 
_citation.details                   ? 
_citation.id                        primary 
_citation.journal_abbrev            'To be published' 
_citation.journal_id_ASTM           ? 
_citation.journal_id_CSD            0353 
_citation.journal_id_ISSN           ? 
_citation.journal_full              ? 
_citation.journal_issue             ? 
_citation.journal_volume            ? 
_citation.language                  ? 
_citation.page_first                ? 
_citation.page_last                 ? 
_citation.title                     
;Crystal structure of the second bromodomain of bromodomain adjancent to zinc finger domain protein 2B (BAZ2B) in complex with 314268-40-1 (SGC - Diamond I04-1 fragment screening)
;
_citation.year                      ? 
_citation.database_id_CSD           ? 
_citation.pdbx_database_id_DOI      ? 
_citation.pdbx_database_id_PubMed   ? 
_citation.unpublished_flag          ? 
# 
loop_
_citation_author.citation_id 
_citation_author.name 
_citation_author.ordinal 
_citation_author.identifier_ORCID 
primary 'Bradley, A.'                          1  ? 
primary 'Pearce, N.'                           2  ? 
primary 'Krojer, T.'                           3  ? 
primary 'Ng, J.'                               4  ? 
primary 'Talon, R.'                            5  ? 
primary 'Vollmar, M.'                          6  ? 
primary 'Jose, B.'                             7  ? 
primary 'von Delft, F.'                        8  ? 
primary 'Bountra, C.'                          9  ? 
primary 'Arrowsmith, C.H.'                     10 ? 
primary 'Edwards, A.'                          11 ? 
primary 'Knapp, S.'                            12 ? 
primary 'Structural Genomics Consortium (SGC)' 13 ? 
# 
loop_
_entity.id 
_entity.type 
_entity.src_method 
_entity.pdbx_description 
_entity.formula_weight 
_entity.pdbx_number_of_molecules 
_entity.pdbx_ec 
_entity.pdbx_mutation 
_entity.pdbx_fragment 
_entity.details 
1 polymer     man 'Bromodomain adjacent to zinc finger domain protein 2B' 13432.443 1   ? ? 'Bromodomain, UNP residues 1858-1970' 
? 
2 non-polymer syn 'methyl 4-[(4-methylpiperazin-1-yl)methyl]benzoate'     248.321   1   ? ? ?                                     
? 
3 non-polymer syn 1,2-ETHANEDIOL                                          62.068    1   ? ? ?                                     
? 
4 water       nat water                                                   18.015    151 ? ? ?                                     
? 
# 
_entity_name_com.entity_id   1 
_entity_name_com.name        hWALp4 
# 
_entity_poly.entity_id                      1 
_entity_poly.type                           'polypeptide(L)' 
_entity_poly.nstd_linkage                   no 
_entity_poly.nstd_monomer                   no 
_entity_poly.pdbx_seq_one_letter_code       
;SMSVKKPKRDDSKDLALCSMILTEMETHEDAWPFLLPVNLKLVPGYKKVIKKPMDFSTIREKLSSGQYPNLETFALDVRL
VFDNCETFNEDDSDIGRAGHNMRKYFEKKWTDTFK
;
_entity_poly.pdbx_seq_one_letter_code_can   
;SMSVKKPKRDDSKDLALCSMILTEMETHEDAWPFLLPVNLKLVPGYKKVIKKPMDFSTIREKLSSGQYPNLETFALDVRL
VFDNCETFNEDDSDIGRAGHNMRKYFEKKWTDTFK
;
_entity_poly.pdbx_strand_id                 A 
_entity_poly.pdbx_target_identifier         ? 
# 
loop_
_pdbx_entity_nonpoly.entity_id 
_pdbx_entity_nonpoly.name 
_pdbx_entity_nonpoly.comp_id 
2 'methyl 4-[(4-methylpiperazin-1-yl)methyl]benzoate' 54V 
3 1,2-ETHANEDIOL                                      EDO 
4 water                                               HOH 
# 
loop_
_entity_poly_seq.entity_id 
_entity_poly_seq.num 
_entity_poly_seq.mon_id 
_entity_poly_seq.hetero 
1 1   SER n 
1 2   MET n 
1 3   SER n 
1 4   VAL n 
1 5   LYS n 
1 6   LYS n 
1 7   PRO n 
1 8   LYS n 
1 9   ARG n 
1 10  ASP n 
1 11  ASP n 
1 12  SER n 
1 13  LYS n 
1 14  ASP n 
1 15  LEU n 
1 16  ALA n 
1 17  LEU n 
1 18  CYS n 
1 19  SER n 
1 20  MET n 
1 21  ILE n 
1 22  LEU n 
1 23  THR n 
1 24  GLU n 
1 25  MET n 
1 26  GLU n 
1 27  THR n 
1 28  HIS n 
1 29  GLU n 
1 30  ASP n 
1 31  ALA n 
1 32  TRP n 
1 33  PRO n 
1 34  PHE n 
1 35  LEU n 
1 36  LEU n 
1 37  PRO n 
1 38  VAL n 
1 39  ASN n 
1 40  LEU n 
1 41  LYS n 
1 42  LEU n 
1 43  VAL n 
1 44  PRO n 
1 45  GLY n 
1 46  TYR n 
1 47  LYS n 
1 48  LYS n 
1 49  VAL n 
1 50  ILE n 
1 51  LYS n 
1 52  LYS n 
1 53  PRO n 
1 54  MET n 
1 55  ASP n 
1 56  PHE n 
1 57  SER n 
1 58  THR n 
1 59  ILE n 
1 60  ARG n 
1 61  GLU n 
1 62  LYS n 
1 63  LEU n 
1 64  SER n 
1 65  SER n 
1 66  GLY n 
1 67  GLN n 
1 68  TYR n 
1 69  PRO n 
1 70  ASN n 
1 71  LEU n 
1 72  GLU n 
1 73  THR n 
1 74  PHE n 
1 75  ALA n 
1 76  LEU n 
1 77  ASP n 
1 78  VAL n 
1 79  ARG n 
1 80  LEU n 
1 81  VAL n 
1 82  PHE n 
1 83  ASP n 
1 84  ASN n 
1 85  CYS n 
1 86  GLU n 
1 87  THR n 
1 88  PHE n 
1 89  ASN n 
1 90  GLU n 
1 91  ASP n 
1 92  ASP n 
1 93  SER n 
1 94  ASP n 
1 95  ILE n 
1 96  GLY n 
1 97  ARG n 
1 98  ALA n 
1 99  GLY n 
1 100 HIS n 
1 101 ASN n 
1 102 MET n 
1 103 ARG n 
1 104 LYS n 
1 105 TYR n 
1 106 PHE n 
1 107 GLU n 
1 108 LYS n 
1 109 LYS n 
1 110 TRP n 
1 111 THR n 
1 112 ASP n 
1 113 THR n 
1 114 PHE n 
1 115 LYS n 
# 
_entity_src_gen.entity_id                          1 
_entity_src_gen.pdbx_src_id                        1 
_entity_src_gen.pdbx_alt_source_flag               sample 
_entity_src_gen.pdbx_seq_type                      'Biological sequence' 
_entity_src_gen.pdbx_beg_seq_num                   1 
_entity_src_gen.pdbx_end_seq_num                   115 
_entity_src_gen.gene_src_common_name               Human 
_entity_src_gen.gene_src_genus                     ? 
_entity_src_gen.pdbx_gene_src_gene                 'BAZ2B, KIAA1476' 
_entity_src_gen.gene_src_species                   ? 
_entity_src_gen.gene_src_strain                    ? 
_entity_src_gen.gene_src_tissue                    ? 
_entity_src_gen.gene_src_tissue_fraction           ? 
_entity_src_gen.gene_src_details                   ? 
_entity_src_gen.pdbx_gene_src_fragment             ? 
_entity_src_gen.pdbx_gene_src_scientific_name      'Homo sapiens' 
_entity_src_gen.pdbx_gene_src_ncbi_taxonomy_id     9606 
_entity_src_gen.pdbx_gene_src_variant              ? 
_entity_src_gen.pdbx_gene_src_cell_line            ? 
_entity_src_gen.pdbx_gene_src_atcc                 ? 
_entity_src_gen.pdbx_gene_src_organ                ? 
_entity_src_gen.pdbx_gene_src_organelle            ? 
_entity_src_gen.pdbx_gene_src_cell                 ? 
_entity_src_gen.pdbx_gene_src_cellular_location    ? 
_entity_src_gen.host_org_common_name               ? 
_entity_src_gen.pdbx_host_org_scientific_name      'Escherichia coli' 
_entity_src_gen.pdbx_host_org_ncbi_taxonomy_id     562 
_entity_src_gen.host_org_genus                     ? 
_entity_src_gen.pdbx_host_org_gene                 ? 
_entity_src_gen.pdbx_host_org_organ                ? 
_entity_src_gen.host_org_species                   ? 
_entity_src_gen.pdbx_host_org_tissue               ? 
_entity_src_gen.pdbx_host_org_tissue_fraction      ? 
_entity_src_gen.pdbx_host_org_strain               ? 
_entity_src_gen.pdbx_host_org_variant              ? 
_entity_src_gen.pdbx_host_org_cell_line            ? 
_entity_src_gen.pdbx_host_org_atcc                 ? 
_entity_src_gen.pdbx_host_org_culture_collection   ? 
_entity_src_gen.pdbx_host_org_cell                 ? 
_entity_src_gen.pdbx_host_org_organelle            ? 
_entity_src_gen.pdbx_host_org_cellular_location    ? 
_entity_src_gen.pdbx_host_org_vector_type          ? 
_entity_src_gen.pdbx_host_org_vector               ? 
_entity_src_gen.host_org_details                   ? 
_entity_src_gen.expression_system_id               ? 
_entity_src_gen.plasmid_name                       pNIC28 
_entity_src_gen.plasmid_details                    ? 
_entity_src_gen.pdbx_description                   ? 
# 
loop_
_chem_comp.id 
_chem_comp.type 
_chem_comp.mon_nstd_flag 
_chem_comp.name 
_chem_comp.pdbx_synonyms 
_chem_comp.formula 
_chem_comp.formula_weight 
54V non-polymer         . 'methyl 4-[(4-methylpiperazin-1-yl)methyl]benzoate' ?                 'C14 H20 N2 O2'  248.321 
ALA 'L-peptide linking' y ALANINE                                             ?                 'C3 H7 N O2'     89.093  
ARG 'L-peptide linking' y ARGININE                                            ?                 'C6 H15 N4 O2 1' 175.209 
ASN 'L-peptide linking' y ASPARAGINE                                          ?                 'C4 H8 N2 O3'    132.118 
ASP 'L-peptide linking' y 'ASPARTIC ACID'                                     ?                 'C4 H7 N O4'     133.103 
CYS 'L-peptide linking' y CYSTEINE                                            ?                 'C3 H7 N O2 S'   121.158 
EDO non-polymer         . 1,2-ETHANEDIOL                                      'ETHYLENE GLYCOL' 'C2 H6 O2'       62.068  
GLN 'L-peptide linking' y GLUTAMINE                                           ?                 'C5 H10 N2 O3'   146.144 
GLU 'L-peptide linking' y 'GLUTAMIC ACID'                                     ?                 'C5 H9 N O4'     147.129 
GLY 'peptide linking'   y GLYCINE                                             ?                 'C2 H5 N O2'     75.067  
HIS 'L-peptide linking' y HISTIDINE                                           ?                 'C6 H10 N3 O2 1' 156.162 
HOH non-polymer         . WATER                                               ?                 'H2 O'           18.015  
ILE 'L-peptide linking' y ISOLEUCINE                                          ?                 'C6 H13 N O2'    131.173 
LEU 'L-peptide linking' y LEUCINE                                             ?                 'C6 H13 N O2'    131.173 
LYS 'L-peptide linking' y LYSINE                                              ?                 'C6 H15 N2 O2 1' 147.195 
MET 'L-peptide linking' y METHIONINE                                          ?                 'C5 H11 N O2 S'  149.211 
PHE 'L-peptide linking' y PHENYLALANINE                                       ?                 'C9 H11 N O2'    165.189 
PRO 'L-peptide linking' y PROLINE                                             ?                 'C5 H9 N O2'     115.130 
SER 'L-peptide linking' y SERINE                                              ?                 'C3 H7 N O3'     105.093 
THR 'L-peptide linking' y THREONINE                                           ?                 'C4 H9 N O3'     119.119 
TRP 'L-peptide linking' y TRYPTOPHAN                                          ?                 'C11 H12 N2 O2'  204.225 
TYR 'L-peptide linking' y TYROSINE                                            ?                 'C9 H11 N O3'    181.189 
VAL 'L-peptide linking' y VALINE                                              ?                 'C5 H11 N O2'    117.146 
# 
loop_
_pdbx_poly_seq_scheme.asym_id 
_pdbx_poly_seq_scheme.entity_id 
_pdbx_poly_seq_scheme.seq_id 
_pdbx_poly_seq_scheme.mon_id 
_pdbx_poly_seq_scheme.ndb_seq_num 
_pdbx_poly_seq_scheme.pdb_seq_num 
_pdbx_poly_seq_scheme.auth_seq_num 
_pdbx_poly_seq_scheme.pdb_mon_id 
_pdbx_poly_seq_scheme.auth_mon_id 
_pdbx_poly_seq_scheme.pdb_strand_id 
_pdbx_poly_seq_scheme.pdb_ins_code 
_pdbx_poly_seq_scheme.hetero 
A 1 1   SER 1   1856 1856 SER SER A . n 
A 1 2   MET 2   1857 1857 MET MET A . n 
A 1 3   SER 3   1858 1858 SER SER A . n 
A 1 4   VAL 4   1859 1859 VAL VAL A . n 
A 1 5   LYS 5   1860 1860 LYS LYS A . n 
A 1 6   LYS 6   1861 1861 LYS LYS A . n 
A 1 7   PRO 7   1862 1862 PRO PRO A . n 
A 1 8   LYS 8   1863 1863 LYS LYS A . n 
A 1 9   ARG 9   1864 1864 ARG ARG A . n 
A 1 10  ASP 10  1865 1865 ASP ASP A . n 
A 1 11  ASP 11  1866 1866 ASP ASP A . n 
A 1 12  SER 12  1867 1867 SER SER A . n 
A 1 13  LYS 13  1868 1868 LYS LYS A . n 
A 1 14  ASP 14  1869 1869 ASP ASP A . n 
A 1 15  LEU 15  1870 1870 LEU LEU A . n 
A 1 16  ALA 16  1871 1871 ALA ALA A . n 
A 1 17  LEU 17  1872 1872 LEU LEU A . n 
A 1 18  CYS 18  1873 1873 CYS CYS A . n 
A 1 19  SER 19  1874 1874 SER SER A . n 
A 1 20  MET 20  1875 1875 MET MET A . n 
A 1 21  ILE 21  1876 1876 ILE ILE A . n 
A 1 22  LEU 22  1877 1877 LEU LEU A . n 
A 1 23  THR 23  1878 1878 THR THR A . n 
A 1 24  GLU 24  1879 1879 GLU GLU A . n 
A 1 25  MET 25  1880 1880 MET MET A . n 
A 1 26  GLU 26  1881 1881 GLU GLU A . n 
A 1 27  THR 27  1882 1882 THR THR A . n 
A 1 28  HIS 28  1883 1883 HIS HIS A . n 
A 1 29  GLU 29  1884 1884 GLU GLU A . n 
A 1 30  ASP 30  1885 1885 ASP ASP A . n 
A 1 31  ALA 31  1886 1886 ALA ALA A . n 
A 1 32  TRP 32  1887 1887 TRP TRP A . n 
A 1 33  PRO 33  1888 1888 PRO PRO A . n 
A 1 34  PHE 34  1889 1889 PHE PHE A . n 
A 1 35  LEU 35  1890 1890 LEU LEU A . n 
A 1 36  LEU 36  1891 1891 LEU LEU A . n 
A 1 37  PRO 37  1892 1892 PRO PRO A . n 
A 1 38  VAL 38  1893 1893 VAL VAL A . n 
A 1 39  ASN 39  1894 1894 ASN ASN A . n 
A 1 40  LEU 40  1895 1895 LEU LEU A . n 
A 1 41  LYS 41  1896 1896 LYS LYS A . n 
A 1 42  LEU 42  1897 1897 LEU LEU A . n 
A 1 43  VAL 43  1898 1898 VAL VAL A . n 
A 1 44  PRO 44  1899 1899 PRO PRO A . n 
A 1 45  GLY 45  1900 1900 GLY GLY A . n 
A 1 46  TYR 46  1901 1901 TYR TYR A . n 
A 1 47  LYS 47  1902 1902 LYS LYS A . n 
A 1 48  LYS 48  1903 1903 LYS LYS A . n 
A 1 49  VAL 49  1904 1904 VAL VAL A . n 
A 1 50  ILE 50  1905 1905 ILE ILE A . n 
A 1 51  LYS 51  1906 1906 LYS LYS A . n 
A 1 52  LYS 52  1907 1907 LYS LYS A . n 
A 1 53  PRO 53  1908 1908 PRO PRO A . n 
A 1 54  MET 54  1909 1909 MET MET A . n 
A 1 55  ASP 55  1910 1910 ASP ASP A . n 
A 1 56  PHE 56  1911 1911 PHE PHE A . n 
A 1 57  SER 57  1912 1912 SER SER A . n 
A 1 58  THR 58  1913 1913 THR THR A . n 
A 1 59  ILE 59  1914 1914 ILE ILE A . n 
A 1 60  ARG 60  1915 1915 ARG ARG A . n 
A 1 61  GLU 61  1916 1916 GLU GLU A . n 
A 1 62  LYS 62  1917 1917 LYS LYS A . n 
A 1 63  LEU 63  1918 1918 LEU LEU A . n 
A 1 64  SER 64  1919 1919 SER SER A . n 
A 1 65  SER 65  1920 1920 SER SER A . n 
A 1 66  GLY 66  1921 1921 GLY GLY A . n 
A 1 67  GLN 67  1922 1922 GLN GLN A . n 
A 1 68  TYR 68  1923 1923 TYR TYR A . n 
A 1 69  PRO 69  1924 1924 PRO PRO A . n 
A 1 70  ASN 70  1925 1925 ASN ASN A . n 
A 1 71  LEU 71  1926 1926 LEU LEU A . n 
A 1 72  GLU 72  1927 1927 GLU GLU A . n 
A 1 73  THR 73  1928 1928 THR THR A . n 
A 1 74  PHE 74  1929 1929 PHE PHE A . n 
A 1 75  ALA 75  1930 1930 ALA ALA A . n 
A 1 76  LEU 76  1931 1931 LEU LEU A . n 
A 1 77  ASP 77  1932 1932 ASP ASP A . n 
A 1 78  VAL 78  1933 1933 VAL VAL A . n 
A 1 79  ARG 79  1934 1934 ARG ARG A . n 
A 1 80  LEU 80  1935 1935 LEU LEU A . n 
A 1 81  VAL 81  1936 1936 VAL VAL A . n 
A 1 82  PHE 82  1937 1937 PHE PHE A . n 
A 1 83  ASP 83  1938 1938 ASP ASP A . n 
A 1 84  ASN 84  1939 1939 ASN ASN A . n 
A 1 85  CYS 85  1940 1940 CYS CYS A . n 
A 1 86  GLU 86  1941 1941 GLU GLU A . n 
A 1 87  THR 87  1942 1942 THR THR A . n 
A 1 88  PHE 88  1943 1943 PHE PHE A . n 
A 1 89  ASN 89  1944 1944 ASN ASN A . n 
A 1 90  GLU 90  1945 1945 GLU GLU A . n 
A 1 91  ASP 91  1946 1946 ASP ASP A . n 
A 1 92  ASP 92  1947 1947 ASP ASP A . n 
A 1 93  SER 93  1948 1948 SER SER A . n 
A 1 94  ASP 94  1949 1949 ASP ASP A . n 
A 1 95  ILE 95  1950 1950 ILE ILE A . n 
A 1 96  GLY 96  1951 1951 GLY GLY A . n 
A 1 97  ARG 97  1952 1952 ARG ARG A . n 
A 1 98  ALA 98  1953 1953 ALA ALA A . n 
A 1 99  GLY 99  1954 1954 GLY GLY A . n 
A 1 100 HIS 100 1955 1955 HIS HIS A . n 
A 1 101 ASN 101 1956 1956 ASN ASN A . n 
A 1 102 MET 102 1957 1957 MET MET A . n 
A 1 103 ARG 103 1958 1958 ARG ARG A . n 
A 1 104 LYS 104 1959 1959 LYS LYS A . n 
A 1 105 TYR 105 1960 1960 TYR TYR A . n 
A 1 106 PHE 106 1961 1961 PHE PHE A . n 
A 1 107 GLU 107 1962 1962 GLU GLU A . n 
A 1 108 LYS 108 1963 1963 LYS LYS A . n 
A 1 109 LYS 109 1964 1964 LYS LYS A . n 
A 1 110 TRP 110 1965 1965 TRP TRP A . n 
A 1 111 THR 111 1966 1966 THR THR A . n 
A 1 112 ASP 112 1967 1967 ASP ASP A . n 
A 1 113 THR 113 1968 1968 THR THR A . n 
A 1 114 PHE 114 1969 1969 PHE PHE A . n 
A 1 115 LYS 115 1970 1970 LYS LYS A . n 
# 
loop_
_pdbx_nonpoly_scheme.asym_id 
_pdbx_nonpoly_scheme.entity_id 
_pdbx_nonpoly_scheme.mon_id 
_pdbx_nonpoly_scheme.ndb_seq_num 
_pdbx_nonpoly_scheme.pdb_seq_num 
_pdbx_nonpoly_scheme.auth_seq_num 
_pdbx_nonpoly_scheme.pdb_mon_id 
_pdbx_nonpoly_scheme.auth_mon_id 
_pdbx_nonpoly_scheme.pdb_strand_id 
_pdbx_nonpoly_scheme.pdb_ins_code 
B 2 54V 1   2001 1   54V LIG A . 
C 3 EDO 1   2002 1   EDO EDO A . 
D 4 HOH 1   2101 120 HOH HOH A . 
D 4 HOH 2   2102 62  HOH HOH A . 
D 4 HOH 3   2103 93  HOH HOH A . 
D 4 HOH 4   2104 37  HOH HOH A . 
D 4 HOH 5   2105 127 HOH HOH A . 
D 4 HOH 6   2106 123 HOH HOH A . 
D 4 HOH 7   2107 85  HOH HOH A . 
D 4 HOH 8   2108 88  HOH HOH A . 
D 4 HOH 9   2109 60  HOH HOH A . 
D 4 HOH 10  2110 92  HOH HOH A . 
D 4 HOH 11  2111 46  HOH HOH A . 
D 4 HOH 12  2112 38  HOH HOH A . 
D 4 HOH 13  2113 39  HOH HOH A . 
D 4 HOH 14  2114 33  HOH HOH A . 
D 4 HOH 15  2115 69  HOH HOH A . 
D 4 HOH 16  2116 24  HOH HOH A . 
D 4 HOH 17  2117 21  HOH HOH A . 
D 4 HOH 18  2118 40  HOH HOH A . 
D 4 HOH 19  2119 91  HOH HOH A . 
D 4 HOH 20  2120 42  HOH HOH A . 
D 4 HOH 21  2121 25  HOH HOH A . 
D 4 HOH 22  2122 73  HOH HOH A . 
D 4 HOH 23  2123 150 HOH HOH A . 
D 4 HOH 24  2124 136 HOH HOH A . 
D 4 HOH 25  2125 14  HOH HOH A . 
D 4 HOH 26  2126 7   HOH HOH A . 
D 4 HOH 27  2127 2   HOH HOH A . 
D 4 HOH 28  2128 63  HOH HOH A . 
D 4 HOH 29  2129 29  HOH HOH A . 
D 4 HOH 30  2130 74  HOH HOH A . 
D 4 HOH 31  2131 149 HOH HOH A . 
D 4 HOH 32  2132 48  HOH HOH A . 
D 4 HOH 33  2133 71  HOH HOH A . 
D 4 HOH 34  2134 35  HOH HOH A . 
D 4 HOH 35  2135 31  HOH HOH A . 
D 4 HOH 36  2136 9   HOH HOH A . 
D 4 HOH 37  2137 6   HOH HOH A . 
D 4 HOH 38  2138 26  HOH HOH A . 
D 4 HOH 39  2139 41  HOH HOH A . 
D 4 HOH 40  2140 27  HOH HOH A . 
D 4 HOH 41  2141 47  HOH HOH A . 
D 4 HOH 42  2142 82  HOH HOH A . 
D 4 HOH 43  2143 23  HOH HOH A . 
D 4 HOH 44  2144 20  HOH HOH A . 
D 4 HOH 45  2145 105 HOH HOH A . 
D 4 HOH 46  2146 5   HOH HOH A . 
D 4 HOH 47  2147 15  HOH HOH A . 
D 4 HOH 48  2148 19  HOH HOH A . 
D 4 HOH 49  2149 65  HOH HOH A . 
D 4 HOH 50  2150 4   HOH HOH A . 
D 4 HOH 51  2151 16  HOH HOH A . 
D 4 HOH 52  2152 75  HOH HOH A . 
D 4 HOH 53  2153 132 HOH HOH A . 
D 4 HOH 54  2154 145 HOH HOH A . 
D 4 HOH 55  2155 77  HOH HOH A . 
D 4 HOH 56  2156 13  HOH HOH A . 
D 4 HOH 57  2157 128 HOH HOH A . 
D 4 HOH 58  2158 143 HOH HOH A . 
D 4 HOH 59  2159 53  HOH HOH A . 
D 4 HOH 60  2160 36  HOH HOH A . 
D 4 HOH 61  2161 17  HOH HOH A . 
D 4 HOH 62  2162 80  HOH HOH A . 
D 4 HOH 63  2163 28  HOH HOH A . 
D 4 HOH 64  2164 98  HOH HOH A . 
D 4 HOH 65  2165 45  HOH HOH A . 
D 4 HOH 66  2166 51  HOH HOH A . 
D 4 HOH 67  2167 144 HOH HOH A . 
D 4 HOH 68  2168 90  HOH HOH A . 
D 4 HOH 69  2169 50  HOH HOH A . 
D 4 HOH 70  2170 131 HOH HOH A . 
D 4 HOH 71  2171 122 HOH HOH A . 
D 4 HOH 72  2172 18  HOH HOH A . 
D 4 HOH 73  2173 78  HOH HOH A . 
D 4 HOH 74  2174 115 HOH HOH A . 
D 4 HOH 75  2175 10  HOH HOH A . 
D 4 HOH 76  2176 64  HOH HOH A . 
D 4 HOH 77  2177 67  HOH HOH A . 
D 4 HOH 78  2178 125 HOH HOH A . 
D 4 HOH 79  2179 12  HOH HOH A . 
D 4 HOH 80  2180 3   HOH HOH A . 
D 4 HOH 81  2181 1   HOH HOH A . 
D 4 HOH 82  2182 81  HOH HOH A . 
D 4 HOH 83  2183 30  HOH HOH A . 
D 4 HOH 84  2184 84  HOH HOH A . 
D 4 HOH 85  2185 112 HOH HOH A . 
D 4 HOH 86  2186 54  HOH HOH A . 
D 4 HOH 87  2187 55  HOH HOH A . 
D 4 HOH 88  2188 76  HOH HOH A . 
D 4 HOH 89  2189 95  HOH HOH A . 
D 4 HOH 90  2190 52  HOH HOH A . 
D 4 HOH 91  2191 87  HOH HOH A . 
D 4 HOH 92  2192 83  HOH HOH A . 
D 4 HOH 93  2193 148 HOH HOH A . 
D 4 HOH 94  2194 66  HOH HOH A . 
D 4 HOH 95  2195 8   HOH HOH A . 
D 4 HOH 96  2196 141 HOH HOH A . 
D 4 HOH 97  2197 107 HOH HOH A . 
D 4 HOH 98  2198 94  HOH HOH A . 
D 4 HOH 99  2199 138 HOH HOH A . 
D 4 HOH 100 2200 58  HOH HOH A . 
D 4 HOH 101 2201 11  HOH HOH A . 
D 4 HOH 102 2202 57  HOH HOH A . 
D 4 HOH 103 2203 126 HOH HOH A . 
D 4 HOH 104 2204 34  HOH HOH A . 
D 4 HOH 105 2205 137 HOH HOH A . 
D 4 HOH 106 2206 22  HOH HOH A . 
D 4 HOH 107 2207 97  HOH HOH A . 
D 4 HOH 108 2208 118 HOH HOH A . 
D 4 HOH 109 2209 70  HOH HOH A . 
D 4 HOH 110 2210 99  HOH HOH A . 
D 4 HOH 111 2211 104 HOH HOH A . 
D 4 HOH 112 2212 152 HOH HOH A . 
D 4 HOH 113 2213 109 HOH HOH A . 
D 4 HOH 114 2214 133 HOH HOH A . 
D 4 HOH 115 2215 101 HOH HOH A . 
D 4 HOH 116 2216 116 HOH HOH A . 
D 4 HOH 117 2217 32  HOH HOH A . 
D 4 HOH 118 2218 121 HOH HOH A . 
D 4 HOH 119 2219 43  HOH HOH A . 
D 4 HOH 120 2220 102 HOH HOH A . 
D 4 HOH 121 2221 129 HOH HOH A . 
D 4 HOH 122 2222 44  HOH HOH A . 
D 4 HOH 123 2223 61  HOH HOH A . 
D 4 HOH 124 2224 49  HOH HOH A . 
D 4 HOH 125 2225 151 HOH HOH A . 
D 4 HOH 126 2226 106 HOH HOH A . 
D 4 HOH 127 2227 59  HOH HOH A . 
D 4 HOH 128 2228 103 HOH HOH A . 
D 4 HOH 129 2229 96  HOH HOH A . 
D 4 HOH 130 2230 113 HOH HOH A . 
D 4 HOH 131 2231 100 HOH HOH A . 
D 4 HOH 132 2232 134 HOH HOH A . 
D 4 HOH 133 2233 119 HOH HOH A . 
D 4 HOH 134 2234 89  HOH HOH A . 
D 4 HOH 135 2235 140 HOH HOH A . 
D 4 HOH 136 2236 79  HOH HOH A . 
D 4 HOH 137 2237 117 HOH HOH A . 
D 4 HOH 138 2238 86  HOH HOH A . 
D 4 HOH 139 2239 139 HOH HOH A . 
D 4 HOH 140 2240 110 HOH HOH A . 
D 4 HOH 141 2241 56  HOH HOH A . 
D 4 HOH 142 2242 142 HOH HOH A . 
D 4 HOH 143 2243 72  HOH HOH A . 
D 4 HOH 144 2244 147 HOH HOH A . 
D 4 HOH 145 2245 111 HOH HOH A . 
D 4 HOH 146 2246 114 HOH HOH A . 
D 4 HOH 147 2247 68  HOH HOH A . 
D 4 HOH 148 2248 130 HOH HOH A . 
D 4 HOH 149 2249 124 HOH HOH A . 
D 4 HOH 150 2250 146 HOH HOH A . 
D 4 HOH 151 2251 135 HOH HOH A . 
# 
loop_
_pdbx_unobs_or_zero_occ_atoms.id 
_pdbx_unobs_or_zero_occ_atoms.PDB_model_num 
_pdbx_unobs_or_zero_occ_atoms.polymer_flag 
_pdbx_unobs_or_zero_occ_atoms.occupancy_flag 
_pdbx_unobs_or_zero_occ_atoms.auth_asym_id 
_pdbx_unobs_or_zero_occ_atoms.auth_comp_id 
_pdbx_unobs_or_zero_occ_atoms.auth_seq_id 
_pdbx_unobs_or_zero_occ_atoms.PDB_ins_code 
_pdbx_unobs_or_zero_occ_atoms.auth_atom_id 
_pdbx_unobs_or_zero_occ_atoms.label_alt_id 
_pdbx_unobs_or_zero_occ_atoms.label_asym_id 
_pdbx_unobs_or_zero_occ_atoms.label_comp_id 
_pdbx_unobs_or_zero_occ_atoms.label_seq_id 
_pdbx_unobs_or_zero_occ_atoms.label_atom_id 
1  1 Y 1 A LYS 1863 ? CG ? A LYS 8   CG 
2  1 Y 1 A LYS 1863 ? CD ? A LYS 8   CD 
3  1 Y 1 A LYS 1863 ? CE ? A LYS 8   CE 
4  1 Y 1 A LYS 1863 ? NZ ? A LYS 8   NZ 
5  1 Y 1 A LYS 1868 ? CE ? A LYS 13  CE 
6  1 Y 1 A LYS 1868 ? NZ ? A LYS 13  NZ 
7  1 Y 1 A LYS 1970 ? CG ? A LYS 115 CG 
8  1 Y 1 A LYS 1970 ? CD ? A LYS 115 CD 
9  1 Y 1 A LYS 1970 ? CE ? A LYS 115 CE 
10 1 Y 1 A LYS 1970 ? NZ ? A LYS 115 NZ 
# 
loop_
_software.citation_id 
_software.classification 
_software.compiler_name 
_software.compiler_version 
_software.contact_author 
_software.contact_author_email 
_software.date 
_software.description 
_software.dependencies 
_software.hardware 
_software.language 
_software.location 
_software.mods 
_software.name 
_software.os 
_software.os_version 
_software.type 
_software.version 
_software.pdbx_ordinal 
? 'data scaling'    ? ? ? ? ? ? ? ? ? ? ? Aimless     ? ? ? 0.2.17 1 
? refinement        ? ? ? ? ? ? ? ? ? ? ? PHENIX      ? ? ? .      2 
? 'data extraction' ? ? ? ? ? ? ? ? ? ? ? PDB_EXTRACT ? ? ? 3.15   3 
# 
_cell.angle_alpha                  90.000 
_cell.angle_alpha_esd              ? 
_cell.angle_beta                   90.000 
_cell.angle_beta_esd               ? 
_cell.angle_gamma                  90.000 
_cell.angle_gamma_esd              ? 
_cell.entry_id                     5CUB 
_cell.details                      ? 
_cell.formula_units_Z              ? 
_cell.length_a                     82.800 
_cell.length_a_esd                 ? 
_cell.length_b                     96.590 
_cell.length_b_esd                 ? 
_cell.length_c                     57.850 
_cell.length_c_esd                 ? 
_cell.volume                       ? 
_cell.volume_esd                   ? 
_cell.Z_PDB                        8 
_cell.reciprocal_angle_alpha       ? 
_cell.reciprocal_angle_beta        ? 
_cell.reciprocal_angle_gamma       ? 
_cell.reciprocal_angle_alpha_esd   ? 
_cell.reciprocal_angle_beta_esd    ? 
_cell.reciprocal_angle_gamma_esd   ? 
_cell.reciprocal_length_a          ? 
_cell.reciprocal_length_b          ? 
_cell.reciprocal_length_c          ? 
_cell.reciprocal_length_a_esd      ? 
_cell.reciprocal_length_b_esd      ? 
_cell.reciprocal_length_c_esd      ? 
_cell.pdbx_unique_axis             ? 
# 
_symmetry.entry_id                         5CUB 
_symmetry.cell_setting                     ? 
_symmetry.Int_Tables_number                20 
_symmetry.space_group_name_Hall            ? 
_symmetry.space_group_name_H-M             'C 2 2 21' 
_symmetry.pdbx_full_space_group_name_H-M   ? 
# 
_exptl.absorpt_coefficient_mu     ? 
_exptl.absorpt_correction_T_max   ? 
_exptl.absorpt_correction_T_min   ? 
_exptl.absorpt_correction_type    ? 
_exptl.absorpt_process_details    ? 
_exptl.entry_id                   5CUB 
_exptl.crystals_number            1 
_exptl.details                    ? 
_exptl.method                     'X-RAY DIFFRACTION' 
_exptl.method_details             ? 
# 
_exptl_crystal.colour                      ? 
_exptl_crystal.density_diffrn              ? 
_exptl_crystal.density_Matthews            4.50 
_exptl_crystal.density_method              ? 
_exptl_crystal.density_percent_sol         72.70 
_exptl_crystal.description                 ? 
_exptl_crystal.F_000                       ? 
_exptl_crystal.id                          1 
_exptl_crystal.preparation                 ? 
_exptl_crystal.size_max                    ? 
_exptl_crystal.size_mid                    ? 
_exptl_crystal.size_min                    ? 
_exptl_crystal.size_rad                    ? 
_exptl_crystal.colour_lustre               ? 
_exptl_crystal.colour_modifier             ? 
_exptl_crystal.colour_primary              ? 
_exptl_crystal.density_meas                ? 
_exptl_crystal.density_meas_esd            ? 
_exptl_crystal.density_meas_gt             ? 
_exptl_crystal.density_meas_lt             ? 
_exptl_crystal.density_meas_temp           ? 
_exptl_crystal.density_meas_temp_esd       ? 
_exptl_crystal.density_meas_temp_gt        ? 
_exptl_crystal.density_meas_temp_lt        ? 
_exptl_crystal.pdbx_crystal_image_url      ? 
_exptl_crystal.pdbx_crystal_image_format   ? 
_exptl_crystal.pdbx_mosaicity              ? 
_exptl_crystal.pdbx_mosaicity_esd          ? 
# 
_exptl_crystal_grow.apparatus       ? 
_exptl_crystal_grow.atmosphere      ? 
_exptl_crystal_grow.crystal_id      1 
_exptl_crystal_grow.details         ? 
_exptl_crystal_grow.method          'VAPOR DIFFUSION, SITTING DROP' 
_exptl_crystal_grow.method_ref      ? 
_exptl_crystal_grow.pH              6.0 
_exptl_crystal_grow.pressure        ? 
_exptl_crystal_grow.pressure_esd    ? 
_exptl_crystal_grow.seeding         ? 
_exptl_crystal_grow.seeding_ref     ? 
_exptl_crystal_grow.temp            277 
_exptl_crystal_grow.temp_details    ? 
_exptl_crystal_grow.temp_esd        ? 
_exptl_crystal_grow.time            ? 
_exptl_crystal_grow.pdbx_details    '20% PEG6000 , 10% ethylene glycol , 0.1M MES pH 6.0 , 0.1M calcium chloride' 
_exptl_crystal_grow.pdbx_pH_range   ? 
# 
_diffrn.ambient_environment    ? 
_diffrn.ambient_temp           100 
_diffrn.ambient_temp_details   ? 
_diffrn.ambient_temp_esd       ? 
_diffrn.crystal_id             1 
_diffrn.crystal_support        ? 
_diffrn.crystal_treatment      ? 
_diffrn.details                ? 
_diffrn.id                     1 
_diffrn.ambient_pressure       ? 
_diffrn.ambient_pressure_esd   ? 
_diffrn.ambient_pressure_gt    ? 
_diffrn.ambient_pressure_lt    ? 
_diffrn.ambient_temp_gt        ? 
_diffrn.ambient_temp_lt        ? 
# 
_diffrn_detector.details                      ? 
_diffrn_detector.detector                     PIXEL 
_diffrn_detector.diffrn_id                    1 
_diffrn_detector.type                         'PSI PILATUS 6M' 
_diffrn_detector.area_resol_mean              ? 
_diffrn_detector.dtime                        ? 
_diffrn_detector.pdbx_frames_total            ? 
_diffrn_detector.pdbx_collection_time_total   ? 
_diffrn_detector.pdbx_collection_date         2014-05-20 
# 
_diffrn_radiation.collimation                      ? 
_diffrn_radiation.diffrn_id                        1 
_diffrn_radiation.filter_edge                      ? 
_diffrn_radiation.inhomogeneity                    ? 
_diffrn_radiation.monochromator                    ? 
_diffrn_radiation.polarisn_norm                    ? 
_diffrn_radiation.polarisn_ratio                   ? 
_diffrn_radiation.probe                            ? 
_diffrn_radiation.type                             ? 
_diffrn_radiation.xray_symbol                      ? 
_diffrn_radiation.wavelength_id                    1 
_diffrn_radiation.pdbx_monochromatic_or_laue_m_l   M 
_diffrn_radiation.pdbx_wavelength_list             ? 
_diffrn_radiation.pdbx_wavelength                  ? 
_diffrn_radiation.pdbx_diffrn_protocol             'SINGLE WAVELENGTH' 
_diffrn_radiation.pdbx_analyzer                    ? 
_diffrn_radiation.pdbx_scattering_type             x-ray 
# 
_diffrn_radiation_wavelength.id           1 
_diffrn_radiation_wavelength.wavelength   0.92001 
_diffrn_radiation_wavelength.wt           1.0 
# 
_diffrn_source.current                     ? 
_diffrn_source.details                     ? 
_diffrn_source.diffrn_id                   1 
_diffrn_source.power                       ? 
_diffrn_source.size                        ? 
_diffrn_source.source                      SYNCHROTRON 
_diffrn_source.target                      ? 
_diffrn_source.type                        'DIAMOND BEAMLINE I04-1' 
_diffrn_source.voltage                     ? 
_diffrn_source.take-off_angle              ? 
_diffrn_source.pdbx_wavelength_list        0.92001 
_diffrn_source.pdbx_wavelength             ? 
_diffrn_source.pdbx_synchrotron_beamline   I04-1 
_diffrn_source.pdbx_synchrotron_site       Diamond 
# 
_reflns.B_iso_Wilson_estimate            ? 
_reflns.entry_id                         5CUB 
_reflns.data_reduction_details           ? 
_reflns.data_reduction_method            ? 
_reflns.d_resolution_high                2.100 
_reflns.d_resolution_low                 41.400 
_reflns.details                          ? 
_reflns.limit_h_max                      ? 
_reflns.limit_h_min                      ? 
_reflns.limit_k_max                      ? 
_reflns.limit_k_min                      ? 
_reflns.limit_l_max                      ? 
_reflns.limit_l_min                      ? 
_reflns.number_all                       ? 
_reflns.number_obs                       13869 
_reflns.observed_criterion               ? 
_reflns.observed_criterion_F_max         ? 
_reflns.observed_criterion_F_min         ? 
_reflns.observed_criterion_I_max         ? 
_reflns.observed_criterion_I_min         ? 
_reflns.observed_criterion_sigma_F       ? 
_reflns.observed_criterion_sigma_I       ? 
_reflns.percent_possible_obs             99.800 
_reflns.R_free_details                   ? 
_reflns.Rmerge_F_all                     ? 
_reflns.Rmerge_F_obs                     ? 
_reflns.Friedel_coverage                 ? 
_reflns.number_gt                        ? 
_reflns.threshold_expression             ? 
_reflns.pdbx_redundancy                  6.500 
_reflns.pdbx_Rmerge_I_obs                0.076 
_reflns.pdbx_Rmerge_I_all                ? 
_reflns.pdbx_Rsym_value                  ? 
_reflns.pdbx_netI_over_av_sigmaI         ? 
_reflns.pdbx_netI_over_sigmaI            18.100 
_reflns.pdbx_res_netI_over_av_sigmaI_2   ? 
_reflns.pdbx_res_netI_over_sigmaI_2      ? 
_reflns.pdbx_chi_squared                 ? 
_reflns.pdbx_scaling_rejects             ? 
_reflns.pdbx_d_res_high_opt              ? 
_reflns.pdbx_d_res_low_opt               ? 
_reflns.pdbx_d_res_opt_method            ? 
_reflns.phase_calculation_details        ? 
_reflns.pdbx_Rrim_I_all                  ? 
_reflns.pdbx_Rpim_I_all                  0.032 
_reflns.pdbx_d_opt                       ? 
_reflns.pdbx_number_measured_all         89704 
_reflns.pdbx_diffrn_id                   1 
_reflns.pdbx_ordinal                     1 
_reflns.pdbx_CC_half                     0.999 
_reflns.pdbx_R_split                     ? 
# 
loop_
_reflns_shell.d_res_high 
_reflns_shell.d_res_low 
_reflns_shell.meanI_over_sigI_all 
_reflns_shell.meanI_over_sigI_obs 
_reflns_shell.number_measured_all 
_reflns_shell.number_measured_obs 
_reflns_shell.number_possible 
_reflns_shell.number_unique_all 
_reflns_shell.number_unique_obs 
_reflns_shell.percent_possible_all 
_reflns_shell.percent_possible_obs 
_reflns_shell.Rmerge_F_all 
_reflns_shell.Rmerge_F_obs 
_reflns_shell.Rmerge_I_all 
_reflns_shell.Rmerge_I_obs 
_reflns_shell.meanI_over_sigI_gt 
_reflns_shell.meanI_over_uI_all 
_reflns_shell.meanI_over_uI_gt 
_reflns_shell.number_measured_gt 
_reflns_shell.number_unique_gt 
_reflns_shell.percent_possible_gt 
_reflns_shell.Rmerge_F_gt 
_reflns_shell.Rmerge_I_gt 
_reflns_shell.pdbx_redundancy 
_reflns_shell.pdbx_Rsym_value 
_reflns_shell.pdbx_chi_squared 
_reflns_shell.pdbx_netI_over_sigmaI_all 
_reflns_shell.pdbx_netI_over_sigmaI_obs 
_reflns_shell.pdbx_Rrim_I_all 
_reflns_shell.pdbx_Rpim_I_all 
_reflns_shell.pdbx_rejects 
_reflns_shell.pdbx_ordinal 
_reflns_shell.pdbx_diffrn_id 
_reflns_shell.pdbx_CC_half 
_reflns_shell.pdbx_R_split 
2.100 2.150  ? 2.800  6552 ? ? 1007 ? 99.700 ? ? ? ? 0.660 ? ? ? ? ? ? ? ? 6.500 ? ? ? ? ? 0.279 0 1 1 0.859 ? 
9.390 41.400 ? 59.100 1094 ? ? 185  ? 98.600 ? ? ? ? 0.025 ? ? ? ? ? ? ? ? 5.900 ? ? ? ? ? 0.012 0 2 1 0.998 ? 
# 
_refine.aniso_B[1][1]                            ? 
_refine.aniso_B[1][2]                            ? 
_refine.aniso_B[1][3]                            ? 
_refine.aniso_B[2][2]                            ? 
_refine.aniso_B[2][3]                            ? 
_refine.aniso_B[3][3]                            ? 
_refine.B_iso_max                                69.500 
_refine.B_iso_mean                               34.8906 
_refine.B_iso_min                                17.980 
_refine.correlation_coeff_Fo_to_Fc               ? 
_refine.correlation_coeff_Fo_to_Fc_free          ? 
_refine.details                                  ? 
_refine.diff_density_max                         ? 
_refine.diff_density_max_esd                     ? 
_refine.diff_density_min                         ? 
_refine.diff_density_min_esd                     ? 
_refine.diff_density_rms                         ? 
_refine.diff_density_rms_esd                     ? 
_refine.entry_id                                 5CUB 
_refine.pdbx_refine_id                           'X-RAY DIFFRACTION' 
_refine.ls_abs_structure_details                 ? 
_refine.ls_abs_structure_Flack                   ? 
_refine.ls_abs_structure_Flack_esd               ? 
_refine.ls_abs_structure_Rogers                  ? 
_refine.ls_abs_structure_Rogers_esd              ? 
_refine.ls_d_res_high                            2.1000 
_refine.ls_d_res_low                             41.4000 
_refine.ls_extinction_coef                       ? 
_refine.ls_extinction_coef_esd                   ? 
_refine.ls_extinction_expression                 ? 
_refine.ls_extinction_method                     ? 
_refine.ls_goodness_of_fit_all                   ? 
_refine.ls_goodness_of_fit_all_esd               ? 
_refine.ls_goodness_of_fit_obs                   ? 
_refine.ls_goodness_of_fit_obs_esd               ? 
_refine.ls_hydrogen_treatment                    ? 
_refine.ls_matrix_type                           ? 
_refine.ls_number_constraints                    ? 
_refine.ls_number_parameters                     ? 
_refine.ls_number_reflns_all                     ? 
_refine.ls_number_reflns_obs                     13856 
_refine.ls_number_reflns_R_free                  695 
_refine.ls_number_reflns_R_work                  ? 
_refine.ls_number_restraints                     ? 
_refine.ls_percent_reflns_obs                    99.7400 
_refine.ls_percent_reflns_R_free                 5.0200 
_refine.ls_R_factor_all                          ? 
_refine.ls_R_factor_obs                          0.1748 
_refine.ls_R_factor_R_free                       0.2154 
_refine.ls_R_factor_R_free_error                 ? 
_refine.ls_R_factor_R_free_error_details         ? 
_refine.ls_R_factor_R_work                       0.1726 
_refine.ls_R_Fsqd_factor_obs                     ? 
_refine.ls_R_I_factor_obs                        ? 
_refine.ls_redundancy_reflns_all                 ? 
_refine.ls_redundancy_reflns_obs                 ? 
_refine.ls_restrained_S_all                      ? 
_refine.ls_restrained_S_obs                      ? 
_refine.ls_shift_over_esd_max                    ? 
_refine.ls_shift_over_esd_mean                   ? 
_refine.ls_structure_factor_coef                 ? 
_refine.ls_weighting_details                     ? 
_refine.ls_weighting_scheme                      ? 
_refine.ls_wR_factor_all                         ? 
_refine.ls_wR_factor_obs                         ? 
_refine.ls_wR_factor_R_free                      ? 
_refine.ls_wR_factor_R_work                      ? 
_refine.occupancy_max                            ? 
_refine.occupancy_min                            ? 
_refine.solvent_model_details                    'FLAT BULK SOLVENT MODEL' 
_refine.solvent_model_param_bsol                 ? 
_refine.solvent_model_param_ksol                 ? 
_refine.ls_R_factor_gt                           ? 
_refine.ls_goodness_of_fit_gt                    ? 
_refine.ls_goodness_of_fit_ref                   ? 
_refine.ls_shift_over_su_max                     ? 
_refine.ls_shift_over_su_max_lt                  ? 
_refine.ls_shift_over_su_mean                    ? 
_refine.ls_shift_over_su_mean_lt                 ? 
_refine.pdbx_ls_sigma_I                          ? 
_refine.pdbx_ls_sigma_F                          1.350 
_refine.pdbx_ls_sigma_Fsqd                       ? 
_refine.pdbx_data_cutoff_high_absF               ? 
_refine.pdbx_data_cutoff_high_rms_absF           ? 
_refine.pdbx_data_cutoff_low_absF                ? 
_refine.pdbx_isotropic_thermal_model             ? 
_refine.pdbx_ls_cross_valid_method               'FREE R-VALUE' 
_refine.pdbx_method_to_determine_struct          'MOLECULAR REPLACEMENT' 
_refine.pdbx_starting_model                      ? 
_refine.pdbx_stereochemistry_target_values       ML 
_refine.pdbx_R_Free_selection_details            ? 
_refine.pdbx_stereochem_target_val_spec_case     ? 
_refine.pdbx_overall_ESU_R                       ? 
_refine.pdbx_overall_ESU_R_Free                  ? 
_refine.pdbx_solvent_vdw_probe_radii             1.1100 
_refine.pdbx_solvent_ion_probe_radii             ? 
_refine.pdbx_solvent_shrinkage_radii             0.9000 
_refine.pdbx_real_space_R                        ? 
_refine.pdbx_density_correlation                 ? 
_refine.pdbx_pd_number_of_powder_patterns        ? 
_refine.pdbx_pd_number_of_points                 ? 
_refine.pdbx_pd_meas_number_of_points            ? 
_refine.pdbx_pd_proc_ls_prof_R_factor            ? 
_refine.pdbx_pd_proc_ls_prof_wR_factor           ? 
_refine.pdbx_pd_Marquardt_correlation_coeff      ? 
_refine.pdbx_pd_Fsqrd_R_factor                   ? 
_refine.pdbx_pd_ls_matrix_band_width             ? 
_refine.pdbx_overall_phase_error                 21.6500 
_refine.pdbx_overall_SU_R_free_Cruickshank_DPI   ? 
_refine.pdbx_overall_SU_R_free_Blow_DPI          ? 
_refine.pdbx_overall_SU_R_Blow_DPI               ? 
_refine.pdbx_TLS_residual_ADP_flag               ? 
_refine.pdbx_diffrn_id                           1 
_refine.overall_SU_B                             ? 
_refine.overall_SU_ML                            0.2500 
_refine.overall_SU_R_Cruickshank_DPI             ? 
_refine.overall_SU_R_free                        ? 
_refine.overall_FOM_free_R_set                   ? 
_refine.overall_FOM_work_R_set                   ? 
_refine.pdbx_average_fsc_overall                 ? 
_refine.pdbx_average_fsc_work                    ? 
_refine.pdbx_average_fsc_free                    ? 
# 
_refine_hist.cycle_id                         final 
_refine_hist.pdbx_refine_id                   'X-RAY DIFFRACTION' 
_refine_hist.d_res_high                       2.1000 
_refine_hist.d_res_low                        41.4000 
_refine_hist.pdbx_number_atoms_ligand         22 
_refine_hist.number_atoms_solvent             151 
_refine_hist.number_atoms_total               1103 
_refine_hist.pdbx_number_residues_total       115 
_refine_hist.pdbx_B_iso_mean_ligand           45.13 
_refine_hist.pdbx_B_iso_mean_solvent          41.29 
_refine_hist.pdbx_number_atoms_protein        930 
_refine_hist.pdbx_number_atoms_nucleic_acid   0 
# 
_struct.entry_id                     5CUB 
_struct.title                        
;Crystal structure of the bromodomain of bromodomain adjacent to zinc finger domain protein 2B (BAZ2B) in complex with 314268-40-1 (SGC - Diamond I04-1 fragment screening)
;
_struct.pdbx_model_details           ? 
_struct.pdbx_formula_weight          ? 
_struct.pdbx_formula_weight_method   ? 
_struct.pdbx_model_type_details      ? 
_struct.pdbx_CASP_flag               ? 
# 
_struct_keywords.entry_id        5CUB 
_struct_keywords.text            'Structural Genomics, Structural Genomics Consortium, SGC, transcription' 
_struct_keywords.pdbx_keywords   TRANSCRIPTION 
# 
loop_
_struct_asym.id 
_struct_asym.pdbx_blank_PDB_chainid_flag 
_struct_asym.pdbx_modified 
_struct_asym.entity_id 
_struct_asym.details 
A N N 1 ? 
B N N 2 ? 
C N N 3 ? 
D N N 4 ? 
# 
_struct_ref.id                         1 
_struct_ref.db_name                    UNP 
_struct_ref.db_code                    BAZ2B_HUMAN 
_struct_ref.pdbx_db_accession          Q9UIF8 
_struct_ref.pdbx_db_isoform            Q9UIF8-4 
_struct_ref.entity_id                  1 
_struct_ref.pdbx_seq_one_letter_code   
;SVKKPKRDDSKDLALCSMILTEMETHEDAWPFLLPVNLKLVPGYKKVIKKPMDFSTIREKLSSGQYPNLETFALDVRLVF
DNCETFNEDDSDIGRAGHNMRKYFEKKWTDTFK
;
_struct_ref.pdbx_align_begin           1858 
# 
_struct_ref_seq.align_id                      1 
_struct_ref_seq.ref_id                        1 
_struct_ref_seq.pdbx_PDB_id_code              5CUB 
_struct_ref_seq.pdbx_strand_id                A 
_struct_ref_seq.seq_align_beg                 3 
_struct_ref_seq.pdbx_seq_align_beg_ins_code   ? 
_struct_ref_seq.seq_align_end                 115 
_struct_ref_seq.pdbx_seq_align_end_ins_code   ? 
_struct_ref_seq.pdbx_db_accession             Q9UIF8 
_struct_ref_seq.db_align_beg                  1858 
_struct_ref_seq.pdbx_db_align_beg_ins_code    ? 
_struct_ref_seq.db_align_end                  1970 
_struct_ref_seq.pdbx_db_align_end_ins_code    ? 
_struct_ref_seq.pdbx_auth_seq_align_beg       1858 
_struct_ref_seq.pdbx_auth_seq_align_end       1970 
# 
loop_
_struct_ref_seq_dif.align_id 
_struct_ref_seq_dif.pdbx_pdb_id_code 
_struct_ref_seq_dif.mon_id 
_struct_ref_seq_dif.pdbx_pdb_strand_id 
_struct_ref_seq_dif.seq_num 
_struct_ref_seq_dif.pdbx_pdb_ins_code 
_struct_ref_seq_dif.pdbx_seq_db_name 
_struct_ref_seq_dif.pdbx_seq_db_accession_code 
_struct_ref_seq_dif.db_mon_id 
_struct_ref_seq_dif.pdbx_seq_db_seq_num 
_struct_ref_seq_dif.details 
_struct_ref_seq_dif.pdbx_auth_seq_num 
_struct_ref_seq_dif.pdbx_ordinal 
1 5CUB SER A 1 ? UNP Q9UIF8 ? ? 'expression tag' 1856 1 
1 5CUB MET A 2 ? UNP Q9UIF8 ? ? 'expression tag' 1857 2 
# 
_pdbx_struct_assembly.id                   1 
_pdbx_struct_assembly.details              author_and_software_defined_assembly 
_pdbx_struct_assembly.method_details       PISA 
_pdbx_struct_assembly.oligomeric_details   monomeric 
_pdbx_struct_assembly.oligomeric_count     1 
# 
loop_
_pdbx_struct_assembly_prop.biol_id 
_pdbx_struct_assembly_prop.type 
_pdbx_struct_assembly_prop.value 
_pdbx_struct_assembly_prop.details 
1 'ABSA (A^2)' 210  ? 
1 MORE         3    ? 
1 'SSA (A^2)'  7820 ? 
# 
_pdbx_struct_assembly_gen.assembly_id       1 
_pdbx_struct_assembly_gen.oper_expression   1 
_pdbx_struct_assembly_gen.asym_id_list      A,B,C,D 
# 
_pdbx_struct_oper_list.id                   1 
_pdbx_struct_oper_list.type                 'identity operation' 
_pdbx_struct_oper_list.name                 1_555 
_pdbx_struct_oper_list.symmetry_operation   x,y,z 
_pdbx_struct_oper_list.matrix[1][1]         1.0000000000 
_pdbx_struct_oper_list.matrix[1][2]         0.0000000000 
_pdbx_struct_oper_list.matrix[1][3]         0.0000000000 
_pdbx_struct_oper_list.vector[1]            0.0000000000 
_pdbx_struct_oper_list.matrix[2][1]         0.0000000000 
_pdbx_struct_oper_list.matrix[2][2]         1.0000000000 
_pdbx_struct_oper_list.matrix[2][3]         0.0000000000 
_pdbx_struct_oper_list.vector[2]            0.0000000000 
_pdbx_struct_oper_list.matrix[3][1]         0.0000000000 
_pdbx_struct_oper_list.matrix[3][2]         0.0000000000 
_pdbx_struct_oper_list.matrix[3][3]         1.0000000000 
_pdbx_struct_oper_list.vector[3]            0.0000000000 
# 
loop_
_struct_conf.conf_type_id 
_struct_conf.id 
_struct_conf.pdbx_PDB_helix_id 
_struct_conf.beg_label_comp_id 
_struct_conf.beg_label_asym_id 
_struct_conf.beg_label_seq_id 
_struct_conf.pdbx_beg_PDB_ins_code 
_struct_conf.end_label_comp_id 
_struct_conf.end_label_asym_id 
_struct_conf.end_label_seq_id 
_struct_conf.pdbx_end_PDB_ins_code 
_struct_conf.beg_auth_comp_id 
_struct_conf.beg_auth_asym_id 
_struct_conf.beg_auth_seq_id 
_struct_conf.end_auth_comp_id 
_struct_conf.end_auth_asym_id 
_struct_conf.end_auth_seq_id 
_struct_conf.pdbx_PDB_helix_class 
_struct_conf.details 
_struct_conf.pdbx_PDB_helix_length 
HELX_P HELX_P1 AA1 LYS A 13 ? THR A 27  ? LYS A 1868 THR A 1882 1 ? 15 
HELX_P HELX_P2 AA2 HIS A 28 ? LEU A 35  ? HIS A 1883 LEU A 1890 5 ? 8  
HELX_P HELX_P3 AA3 GLY A 45 ? ILE A 50  ? GLY A 1900 ILE A 1905 1 ? 6  
HELX_P HELX_P4 AA4 ASP A 55 ? SER A 65  ? ASP A 1910 SER A 1920 1 ? 11 
HELX_P HELX_P5 AA5 ASN A 70 ? ASN A 89  ? ASN A 1925 ASN A 1944 1 ? 20 
HELX_P HELX_P6 AA6 SER A 93 ? LYS A 115 ? SER A 1948 LYS A 1970 1 ? 23 
# 
_struct_conf_type.id          HELX_P 
_struct_conf_type.criteria    ? 
_struct_conf_type.reference   ? 
# 
loop_
_struct_site.id 
_struct_site.pdbx_evidence_code 
_struct_site.pdbx_auth_asym_id 
_struct_site.pdbx_auth_comp_id 
_struct_site.pdbx_auth_seq_id 
_struct_site.pdbx_auth_ins_code 
_struct_site.pdbx_num_residues 
_struct_site.details 
AC1 Software A 54V 2001 ? 5 'binding site for residue 54V A 2001' 
AC2 Software A EDO 2002 ? 5 'binding site for residue EDO A 2002' 
# 
loop_
_struct_site_gen.id 
_struct_site_gen.site_id 
_struct_site_gen.pdbx_num_res 
_struct_site_gen.label_comp_id 
_struct_site_gen.label_asym_id 
_struct_site_gen.label_seq_id 
_struct_site_gen.pdbx_auth_ins_code 
_struct_site_gen.auth_comp_id 
_struct_site_gen.auth_asym_id 
_struct_site_gen.auth_seq_id 
_struct_site_gen.label_atom_id 
_struct_site_gen.label_alt_id 
_struct_site_gen.symmetry 
_struct_site_gen.details 
1  AC1 5 PRO A 33  ? PRO A 1888 . ? 1_555 ? 
2  AC1 5 VAL A 38  ? VAL A 1893 . ? 1_555 ? 
3  AC1 5 ASN A 89  ? ASN A 1944 . ? 1_555 ? 
4  AC1 5 ILE A 95  ? ILE A 1950 . ? 1_555 ? 
5  AC1 5 HOH D .   ? HOH A 2113 . ? 1_555 ? 
6  AC2 5 MET A 20  ? MET A 1875 . ? 1_555 ? 
7  AC2 5 GLU A 24  ? GLU A 1879 . ? 1_555 ? 
8  AC2 5 THR A 113 ? THR A 1968 . ? 1_555 ? 
9  AC2 5 HOH D .   ? HOH A 2103 . ? 1_555 ? 
10 AC2 5 HOH D .   ? HOH A 2182 . ? 1_555 ? 
# 
_pdbx_validate_close_contact.id               1 
_pdbx_validate_close_contact.PDB_model_num    1 
_pdbx_validate_close_contact.auth_atom_id_1   O 
_pdbx_validate_close_contact.auth_asym_id_1   A 
_pdbx_validate_close_contact.auth_comp_id_1   LYS 
_pdbx_validate_close_contact.auth_seq_id_1    1970 
_pdbx_validate_close_contact.PDB_ins_code_1   ? 
_pdbx_validate_close_contact.label_alt_id_1   ? 
_pdbx_validate_close_contact.auth_atom_id_2   O 
_pdbx_validate_close_contact.auth_asym_id_2   A 
_pdbx_validate_close_contact.auth_comp_id_2   HOH 
_pdbx_validate_close_contact.auth_seq_id_2    2101 
_pdbx_validate_close_contact.PDB_ins_code_2   ? 
_pdbx_validate_close_contact.label_alt_id_2   ? 
_pdbx_validate_close_contact.dist             2.17 
# 
_pdbx_SG_project.id                    1 
_pdbx_SG_project.project_name          ? 
_pdbx_SG_project.full_name_of_center   'Structural Genomics Consortium' 
_pdbx_SG_project.initial_of_center     SGC 
# 
_phasing.method   MR 
# 
loop_
_pdbx_distant_solvent_atoms.id 
_pdbx_distant_solvent_atoms.PDB_model_num 
_pdbx_distant_solvent_atoms.auth_atom_id 
_pdbx_distant_solvent_atoms.label_alt_id 
_pdbx_distant_solvent_atoms.auth_asym_id 
_pdbx_distant_solvent_atoms.auth_comp_id 
_pdbx_distant_solvent_atoms.auth_seq_id 
_pdbx_distant_solvent_atoms.PDB_ins_code 
_pdbx_distant_solvent_atoms.neighbor_macromolecule_distance 
_pdbx_distant_solvent_atoms.neighbor_ligand_distance 
1 1 O ? A HOH 2250 ? 5.98 . 
2 1 O ? A HOH 2251 ? 7.45 . 
# 
loop_
_chem_comp_atom.comp_id 
_chem_comp_atom.atom_id 
_chem_comp_atom.type_symbol 
_chem_comp_atom.pdbx_aromatic_flag 
_chem_comp_atom.pdbx_stereo_config 
_chem_comp_atom.pdbx_ordinal 
54V N1   N N N 1   
54V C4   C N N 2   
54V C5   C N N 3   
54V C6   C Y N 4   
54V C7   C Y N 5   
54V C8   C Y N 6   
54V C10  C Y N 7   
54V C13  C N N 8   
54V O    O N N 9   
54V C12  C N N 10  
54V O1   O N N 11  
54V C9   C Y N 12  
54V C11  C Y N 13  
54V C2   C N N 14  
54V C1   C N N 15  
54V C3   C N N 16  
54V N    N N N 17  
54V C    C N N 18  
54V H2   H N N 19  
54V H3   H N N 20  
54V H4   H N N 21  
54V H5   H N N 22  
54V H6   H N N 23  
54V H7   H N N 24  
54V H8   H N N 25  
54V H9   H N N 26  
54V H10  H N N 27  
54V H11  H N N 28  
54V H12  H N N 29  
54V H13  H N N 30  
54V H14  H N N 31  
54V H15  H N N 32  
54V H16  H N N 33  
54V H17  H N N 34  
54V H18  H N N 35  
54V H20  H N N 36  
54V H21  H N N 37  
54V H22  H N N 38  
ALA N    N N N 39  
ALA CA   C N S 40  
ALA C    C N N 41  
ALA O    O N N 42  
ALA CB   C N N 43  
ALA OXT  O N N 44  
ALA H    H N N 45  
ALA H2   H N N 46  
ALA HA   H N N 47  
ALA HB1  H N N 48  
ALA HB2  H N N 49  
ALA HB3  H N N 50  
ALA HXT  H N N 51  
ARG N    N N N 52  
ARG CA   C N S 53  
ARG C    C N N 54  
ARG O    O N N 55  
ARG CB   C N N 56  
ARG CG   C N N 57  
ARG CD   C N N 58  
ARG NE   N N N 59  
ARG CZ   C N N 60  
ARG NH1  N N N 61  
ARG NH2  N N N 62  
ARG OXT  O N N 63  
ARG H    H N N 64  
ARG H2   H N N 65  
ARG HA   H N N 66  
ARG HB2  H N N 67  
ARG HB3  H N N 68  
ARG HG2  H N N 69  
ARG HG3  H N N 70  
ARG HD2  H N N 71  
ARG HD3  H N N 72  
ARG HE   H N N 73  
ARG HH11 H N N 74  
ARG HH12 H N N 75  
ARG HH21 H N N 76  
ARG HH22 H N N 77  
ARG HXT  H N N 78  
ASN N    N N N 79  
ASN CA   C N S 80  
ASN C    C N N 81  
ASN O    O N N 82  
ASN CB   C N N 83  
ASN CG   C N N 84  
ASN OD1  O N N 85  
ASN ND2  N N N 86  
ASN OXT  O N N 87  
ASN H    H N N 88  
ASN H2   H N N 89  
ASN HA   H N N 90  
ASN HB2  H N N 91  
ASN HB3  H N N 92  
ASN HD21 H N N 93  
ASN HD22 H N N 94  
ASN HXT  H N N 95  
ASP N    N N N 96  
ASP CA   C N S 97  
ASP C    C N N 98  
ASP O    O N N 99  
ASP CB   C N N 100 
ASP CG   C N N 101 
ASP OD1  O N N 102 
ASP OD2  O N N 103 
ASP OXT  O N N 104 
ASP H    H N N 105 
ASP H2   H N N 106 
ASP HA   H N N 107 
ASP HB2  H N N 108 
ASP HB3  H N N 109 
ASP HD2  H N N 110 
ASP HXT  H N N 111 
CYS N    N N N 112 
CYS CA   C N R 113 
CYS C    C N N 114 
CYS O    O N N 115 
CYS CB   C N N 116 
CYS SG   S N N 117 
CYS OXT  O N N 118 
CYS H    H N N 119 
CYS H2   H N N 120 
CYS HA   H N N 121 
CYS HB2  H N N 122 
CYS HB3  H N N 123 
CYS HG   H N N 124 
CYS HXT  H N N 125 
EDO C1   C N N 126 
EDO O1   O N N 127 
EDO C2   C N N 128 
EDO O2   O N N 129 
EDO H11  H N N 130 
EDO H12  H N N 131 
EDO HO1  H N N 132 
EDO H21  H N N 133 
EDO H22  H N N 134 
EDO HO2  H N N 135 
GLN N    N N N 136 
GLN CA   C N S 137 
GLN C    C N N 138 
GLN O    O N N 139 
GLN CB   C N N 140 
GLN CG   C N N 141 
GLN CD   C N N 142 
GLN OE1  O N N 143 
GLN NE2  N N N 144 
GLN OXT  O N N 145 
GLN H    H N N 146 
GLN H2   H N N 147 
GLN HA   H N N 148 
GLN HB2  H N N 149 
GLN HB3  H N N 150 
GLN HG2  H N N 151 
GLN HG3  H N N 152 
GLN HE21 H N N 153 
GLN HE22 H N N 154 
GLN HXT  H N N 155 
GLU N    N N N 156 
GLU CA   C N S 157 
GLU C    C N N 158 
GLU O    O N N 159 
GLU CB   C N N 160 
GLU CG   C N N 161 
GLU CD   C N N 162 
GLU OE1  O N N 163 
GLU OE2  O N N 164 
GLU OXT  O N N 165 
GLU H    H N N 166 
GLU H2   H N N 167 
GLU HA   H N N 168 
GLU HB2  H N N 169 
GLU HB3  H N N 170 
GLU HG2  H N N 171 
GLU HG3  H N N 172 
GLU HE2  H N N 173 
GLU HXT  H N N 174 
GLY N    N N N 175 
GLY CA   C N N 176 
GLY C    C N N 177 
GLY O    O N N 178 
GLY OXT  O N N 179 
GLY H    H N N 180 
GLY H2   H N N 181 
GLY HA2  H N N 182 
GLY HA3  H N N 183 
GLY HXT  H N N 184 
HIS N    N N N 185 
HIS CA   C N S 186 
HIS C    C N N 187 
HIS O    O N N 188 
HIS CB   C N N 189 
HIS CG   C Y N 190 
HIS ND1  N Y N 191 
HIS CD2  C Y N 192 
HIS CE1  C Y N 193 
HIS NE2  N Y N 194 
HIS OXT  O N N 195 
HIS H    H N N 196 
HIS H2   H N N 197 
HIS HA   H N N 198 
HIS HB2  H N N 199 
HIS HB3  H N N 200 
HIS HD1  H N N 201 
HIS HD2  H N N 202 
HIS HE1  H N N 203 
HIS HE2  H N N 204 
HIS HXT  H N N 205 
HOH O    O N N 206 
HOH H1   H N N 207 
HOH H2   H N N 208 
ILE N    N N N 209 
ILE CA   C N S 210 
ILE C    C N N 211 
ILE O    O N N 212 
ILE CB   C N S 213 
ILE CG1  C N N 214 
ILE CG2  C N N 215 
ILE CD1  C N N 216 
ILE OXT  O N N 217 
ILE H    H N N 218 
ILE H2   H N N 219 
ILE HA   H N N 220 
ILE HB   H N N 221 
ILE HG12 H N N 222 
ILE HG13 H N N 223 
ILE HG21 H N N 224 
ILE HG22 H N N 225 
ILE HG23 H N N 226 
ILE HD11 H N N 227 
ILE HD12 H N N 228 
ILE HD13 H N N 229 
ILE HXT  H N N 230 
LEU N    N N N 231 
LEU CA   C N S 232 
LEU C    C N N 233 
LEU O    O N N 234 
LEU CB   C N N 235 
LEU CG   C N N 236 
LEU CD1  C N N 237 
LEU CD2  C N N 238 
LEU OXT  O N N 239 
LEU H    H N N 240 
LEU H2   H N N 241 
LEU HA   H N N 242 
LEU HB2  H N N 243 
LEU HB3  H N N 244 
LEU HG   H N N 245 
LEU HD11 H N N 246 
LEU HD12 H N N 247 
LEU HD13 H N N 248 
LEU HD21 H N N 249 
LEU HD22 H N N 250 
LEU HD23 H N N 251 
LEU HXT  H N N 252 
LYS N    N N N 253 
LYS CA   C N S 254 
LYS C    C N N 255 
LYS O    O N N 256 
LYS CB   C N N 257 
LYS CG   C N N 258 
LYS CD   C N N 259 
LYS CE   C N N 260 
LYS NZ   N N N 261 
LYS OXT  O N N 262 
LYS H    H N N 263 
LYS H2   H N N 264 
LYS HA   H N N 265 
LYS HB2  H N N 266 
LYS HB3  H N N 267 
LYS HG2  H N N 268 
LYS HG3  H N N 269 
LYS HD2  H N N 270 
LYS HD3  H N N 271 
LYS HE2  H N N 272 
LYS HE3  H N N 273 
LYS HZ1  H N N 274 
LYS HZ2  H N N 275 
LYS HZ3  H N N 276 
LYS HXT  H N N 277 
MET N    N N N 278 
MET CA   C N S 279 
MET C    C N N 280 
MET O    O N N 281 
MET CB   C N N 282 
MET CG   C N N 283 
MET SD   S N N 284 
MET CE   C N N 285 
MET OXT  O N N 286 
MET H    H N N 287 
MET H2   H N N 288 
MET HA   H N N 289 
MET HB2  H N N 290 
MET HB3  H N N 291 
MET HG2  H N N 292 
MET HG3  H N N 293 
MET HE1  H N N 294 
MET HE2  H N N 295 
MET HE3  H N N 296 
MET HXT  H N N 297 
PHE N    N N N 298 
PHE CA   C N S 299 
PHE C    C N N 300 
PHE O    O N N 301 
PHE CB   C N N 302 
PHE CG   C Y N 303 
PHE CD1  C Y N 304 
PHE CD2  C Y N 305 
PHE CE1  C Y N 306 
PHE CE2  C Y N 307 
PHE CZ   C Y N 308 
PHE OXT  O N N 309 
PHE H    H N N 310 
PHE H2   H N N 311 
PHE HA   H N N 312 
PHE HB2  H N N 313 
PHE HB3  H N N 314 
PHE HD1  H N N 315 
PHE HD2  H N N 316 
PHE HE1  H N N 317 
PHE HE2  H N N 318 
PHE HZ   H N N 319 
PHE HXT  H N N 320 
PRO N    N N N 321 
PRO CA   C N S 322 
PRO C    C N N 323 
PRO O    O N N 324 
PRO CB   C N N 325 
PRO CG   C N N 326 
PRO CD   C N N 327 
PRO OXT  O N N 328 
PRO H    H N N 329 
PRO HA   H N N 330 
PRO HB2  H N N 331 
PRO HB3  H N N 332 
PRO HG2  H N N 333 
PRO HG3  H N N 334 
PRO HD2  H N N 335 
PRO HD3  H N N 336 
PRO HXT  H N N 337 
SER N    N N N 338 
SER CA   C N S 339 
SER C    C N N 340 
SER O    O N N 341 
SER CB   C N N 342 
SER OG   O N N 343 
SER OXT  O N N 344 
SER H    H N N 345 
SER H2   H N N 346 
SER HA   H N N 347 
SER HB2  H N N 348 
SER HB3  H N N 349 
SER HG   H N N 350 
SER HXT  H N N 351 
THR N    N N N 352 
THR CA   C N S 353 
THR C    C N N 354 
THR O    O N N 355 
THR CB   C N R 356 
THR OG1  O N N 357 
THR CG2  C N N 358 
THR OXT  O N N 359 
THR H    H N N 360 
THR H2   H N N 361 
THR HA   H N N 362 
THR HB   H N N 363 
THR HG1  H N N 364 
THR HG21 H N N 365 
THR HG22 H N N 366 
THR HG23 H N N 367 
THR HXT  H N N 368 
TRP N    N N N 369 
TRP CA   C N S 370 
TRP C    C N N 371 
TRP O    O N N 372 
TRP CB   C N N 373 
TRP CG   C Y N 374 
TRP CD1  C Y N 375 
TRP CD2  C Y N 376 
TRP NE1  N Y N 377 
TRP CE2  C Y N 378 
TRP CE3  C Y N 379 
TRP CZ2  C Y N 380 
TRP CZ3  C Y N 381 
TRP CH2  C Y N 382 
TRP OXT  O N N 383 
TRP H    H N N 384 
TRP H2   H N N 385 
TRP HA   H N N 386 
TRP HB2  H N N 387 
TRP HB3  H N N 388 
TRP HD1  H N N 389 
TRP HE1  H N N 390 
TRP HE3  H N N 391 
TRP HZ2  H N N 392 
TRP HZ3  H N N 393 
TRP HH2  H N N 394 
TRP HXT  H N N 395 
TYR N    N N N 396 
TYR CA   C N S 397 
TYR C    C N N 398 
TYR O    O N N 399 
TYR CB   C N N 400 
TYR CG   C Y N 401 
TYR CD1  C Y N 402 
TYR CD2  C Y N 403 
TYR CE1  C Y N 404 
TYR CE2  C Y N 405 
TYR CZ   C Y N 406 
TYR OH   O N N 407 
TYR OXT  O N N 408 
TYR H    H N N 409 
TYR H2   H N N 410 
TYR HA   H N N 411 
TYR HB2  H N N 412 
TYR HB3  H N N 413 
TYR HD1  H N N 414 
TYR HD2  H N N 415 
TYR HE1  H N N 416 
TYR HE2  H N N 417 
TYR HH   H N N 418 
TYR HXT  H N N 419 
VAL N    N N N 420 
VAL CA   C N S 421 
VAL C    C N N 422 
VAL O    O N N 423 
VAL CB   C N N 424 
VAL CG1  C N N 425 
VAL CG2  C N N 426 
VAL OXT  O N N 427 
VAL H    H N N 428 
VAL H2   H N N 429 
VAL HA   H N N 430 
VAL HB   H N N 431 
VAL HG11 H N N 432 
VAL HG12 H N N 433 
VAL HG13 H N N 434 
VAL HG21 H N N 435 
VAL HG22 H N N 436 
VAL HG23 H N N 437 
VAL HXT  H N N 438 
# 
loop_
_chem_comp_bond.comp_id 
_chem_comp_bond.atom_id_1 
_chem_comp_bond.atom_id_2 
_chem_comp_bond.value_order 
_chem_comp_bond.pdbx_aromatic_flag 
_chem_comp_bond.pdbx_stereo_config 
_chem_comp_bond.pdbx_ordinal 
54V C13 O1   sing N N 1   
54V O1  C12  sing N N 2   
54V C10 C11  doub Y N 3   
54V C10 C9   sing Y N 4   
54V C11 C6   sing Y N 5   
54V C12 C9   sing N N 6   
54V C12 O    doub N N 7   
54V C9  C8   doub Y N 8   
54V C6  C5   sing N N 9   
54V C6  C7   doub Y N 10  
54V C5  N1   sing N N 11  
54V C8  C7   sing Y N 12  
54V N1  C2   sing N N 13  
54V N1  C3   sing N N 14  
54V C2  C1   sing N N 15  
54V C3  C4   sing N N 16  
54V C1  N    sing N N 17  
54V C4  N    sing N N 18  
54V N   C    sing N N 19  
54V C4  H2   sing N N 20  
54V C4  H3   sing N N 21  
54V C5  H4   sing N N 22  
54V C5  H5   sing N N 23  
54V C7  H6   sing N N 24  
54V C8  H7   sing N N 25  
54V C10 H8   sing N N 26  
54V C13 H9   sing N N 27  
54V C13 H10  sing N N 28  
54V C13 H11  sing N N 29  
54V C11 H12  sing N N 30  
54V C2  H13  sing N N 31  
54V C2  H14  sing N N 32  
54V C1  H15  sing N N 33  
54V C1  H16  sing N N 34  
54V C3  H17  sing N N 35  
54V C3  H18  sing N N 36  
54V C   H20  sing N N 37  
54V C   H21  sing N N 38  
54V C   H22  sing N N 39  
ALA N   CA   sing N N 40  
ALA N   H    sing N N 41  
ALA N   H2   sing N N 42  
ALA CA  C    sing N N 43  
ALA CA  CB   sing N N 44  
ALA CA  HA   sing N N 45  
ALA C   O    doub N N 46  
ALA C   OXT  sing N N 47  
ALA CB  HB1  sing N N 48  
ALA CB  HB2  sing N N 49  
ALA CB  HB3  sing N N 50  
ALA OXT HXT  sing N N 51  
ARG N   CA   sing N N 52  
ARG N   H    sing N N 53  
ARG N   H2   sing N N 54  
ARG CA  C    sing N N 55  
ARG CA  CB   sing N N 56  
ARG CA  HA   sing N N 57  
ARG C   O    doub N N 58  
ARG C   OXT  sing N N 59  
ARG CB  CG   sing N N 60  
ARG CB  HB2  sing N N 61  
ARG CB  HB3  sing N N 62  
ARG CG  CD   sing N N 63  
ARG CG  HG2  sing N N 64  
ARG CG  HG3  sing N N 65  
ARG CD  NE   sing N N 66  
ARG CD  HD2  sing N N 67  
ARG CD  HD3  sing N N 68  
ARG NE  CZ   sing N N 69  
ARG NE  HE   sing N N 70  
ARG CZ  NH1  sing N N 71  
ARG CZ  NH2  doub N N 72  
ARG NH1 HH11 sing N N 73  
ARG NH1 HH12 sing N N 74  
ARG NH2 HH21 sing N N 75  
ARG NH2 HH22 sing N N 76  
ARG OXT HXT  sing N N 77  
ASN N   CA   sing N N 78  
ASN N   H    sing N N 79  
ASN N   H2   sing N N 80  
ASN CA  C    sing N N 81  
ASN CA  CB   sing N N 82  
ASN CA  HA   sing N N 83  
ASN C   O    doub N N 84  
ASN C   OXT  sing N N 85  
ASN CB  CG   sing N N 86  
ASN CB  HB2  sing N N 87  
ASN CB  HB3  sing N N 88  
ASN CG  OD1  doub N N 89  
ASN CG  ND2  sing N N 90  
ASN ND2 HD21 sing N N 91  
ASN ND2 HD22 sing N N 92  
ASN OXT HXT  sing N N 93  
ASP N   CA   sing N N 94  
ASP N   H    sing N N 95  
ASP N   H2   sing N N 96  
ASP CA  C    sing N N 97  
ASP CA  CB   sing N N 98  
ASP CA  HA   sing N N 99  
ASP C   O    doub N N 100 
ASP C   OXT  sing N N 101 
ASP CB  CG   sing N N 102 
ASP CB  HB2  sing N N 103 
ASP CB  HB3  sing N N 104 
ASP CG  OD1  doub N N 105 
ASP CG  OD2  sing N N 106 
ASP OD2 HD2  sing N N 107 
ASP OXT HXT  sing N N 108 
CYS N   CA   sing N N 109 
CYS N   H    sing N N 110 
CYS N   H2   sing N N 111 
CYS CA  C    sing N N 112 
CYS CA  CB   sing N N 113 
CYS CA  HA   sing N N 114 
CYS C   O    doub N N 115 
CYS C   OXT  sing N N 116 
CYS CB  SG   sing N N 117 
CYS CB  HB2  sing N N 118 
CYS CB  HB3  sing N N 119 
CYS SG  HG   sing N N 120 
CYS OXT HXT  sing N N 121 
EDO C1  O1   sing N N 122 
EDO C1  C2   sing N N 123 
EDO C1  H11  sing N N 124 
EDO C1  H12  sing N N 125 
EDO O1  HO1  sing N N 126 
EDO C2  O2   sing N N 127 
EDO C2  H21  sing N N 128 
EDO C2  H22  sing N N 129 
EDO O2  HO2  sing N N 130 
GLN N   CA   sing N N 131 
GLN N   H    sing N N 132 
GLN N   H2   sing N N 133 
GLN CA  C    sing N N 134 
GLN CA  CB   sing N N 135 
GLN CA  HA   sing N N 136 
GLN C   O    doub N N 137 
GLN C   OXT  sing N N 138 
GLN CB  CG   sing N N 139 
GLN CB  HB2  sing N N 140 
GLN CB  HB3  sing N N 141 
GLN CG  CD   sing N N 142 
GLN CG  HG2  sing N N 143 
GLN CG  HG3  sing N N 144 
GLN CD  OE1  doub N N 145 
GLN CD  NE2  sing N N 146 
GLN NE2 HE21 sing N N 147 
GLN NE2 HE22 sing N N 148 
GLN OXT HXT  sing N N 149 
GLU N   CA   sing N N 150 
GLU N   H    sing N N 151 
GLU N   H2   sing N N 152 
GLU CA  C    sing N N 153 
GLU CA  CB   sing N N 154 
GLU CA  HA   sing N N 155 
GLU C   O    doub N N 156 
GLU C   OXT  sing N N 157 
GLU CB  CG   sing N N 158 
GLU CB  HB2  sing N N 159 
GLU CB  HB3  sing N N 160 
GLU CG  CD   sing N N 161 
GLU CG  HG2  sing N N 162 
GLU CG  HG3  sing N N 163 
GLU CD  OE1  doub N N 164 
GLU CD  OE2  sing N N 165 
GLU OE2 HE2  sing N N 166 
GLU OXT HXT  sing N N 167 
GLY N   CA   sing N N 168 
GLY N   H    sing N N 169 
GLY N   H2   sing N N 170 
GLY CA  C    sing N N 171 
GLY CA  HA2  sing N N 172 
GLY CA  HA3  sing N N 173 
GLY C   O    doub N N 174 
GLY C   OXT  sing N N 175 
GLY OXT HXT  sing N N 176 
HIS N   CA   sing N N 177 
HIS N   H    sing N N 178 
HIS N   H2   sing N N 179 
HIS CA  C    sing N N 180 
HIS CA  CB   sing N N 181 
HIS CA  HA   sing N N 182 
HIS C   O    doub N N 183 
HIS C   OXT  sing N N 184 
HIS CB  CG   sing N N 185 
HIS CB  HB2  sing N N 186 
HIS CB  HB3  sing N N 187 
HIS CG  ND1  sing Y N 188 
HIS CG  CD2  doub Y N 189 
HIS ND1 CE1  doub Y N 190 
HIS ND1 HD1  sing N N 191 
HIS CD2 NE2  sing Y N 192 
HIS CD2 HD2  sing N N 193 
HIS CE1 NE2  sing Y N 194 
HIS CE1 HE1  sing N N 195 
HIS NE2 HE2  sing N N 196 
HIS OXT HXT  sing N N 197 
HOH O   H1   sing N N 198 
HOH O   H2   sing N N 199 
ILE N   CA   sing N N 200 
ILE N   H    sing N N 201 
ILE N   H2   sing N N 202 
ILE CA  C    sing N N 203 
ILE CA  CB   sing N N 204 
ILE CA  HA   sing N N 205 
ILE C   O    doub N N 206 
ILE C   OXT  sing N N 207 
ILE CB  CG1  sing N N 208 
ILE CB  CG2  sing N N 209 
ILE CB  HB   sing N N 210 
ILE CG1 CD1  sing N N 211 
ILE CG1 HG12 sing N N 212 
ILE CG1 HG13 sing N N 213 
ILE CG2 HG21 sing N N 214 
ILE CG2 HG22 sing N N 215 
ILE CG2 HG23 sing N N 216 
ILE CD1 HD11 sing N N 217 
ILE CD1 HD12 sing N N 218 
ILE CD1 HD13 sing N N 219 
ILE OXT HXT  sing N N 220 
LEU N   CA   sing N N 221 
LEU N   H    sing N N 222 
LEU N   H2   sing N N 223 
LEU CA  C    sing N N 224 
LEU CA  CB   sing N N 225 
LEU CA  HA   sing N N 226 
LEU C   O    doub N N 227 
LEU C   OXT  sing N N 228 
LEU CB  CG   sing N N 229 
LEU CB  HB2  sing N N 230 
LEU CB  HB3  sing N N 231 
LEU CG  CD1  sing N N 232 
LEU CG  CD2  sing N N 233 
LEU CG  HG   sing N N 234 
LEU CD1 HD11 sing N N 235 
LEU CD1 HD12 sing N N 236 
LEU CD1 HD13 sing N N 237 
LEU CD2 HD21 sing N N 238 
LEU CD2 HD22 sing N N 239 
LEU CD2 HD23 sing N N 240 
LEU OXT HXT  sing N N 241 
LYS N   CA   sing N N 242 
LYS N   H    sing N N 243 
LYS N   H2   sing N N 244 
LYS CA  C    sing N N 245 
LYS CA  CB   sing N N 246 
LYS CA  HA   sing N N 247 
LYS C   O    doub N N 248 
LYS C   OXT  sing N N 249 
LYS CB  CG   sing N N 250 
LYS CB  HB2  sing N N 251 
LYS CB  HB3  sing N N 252 
LYS CG  CD   sing N N 253 
LYS CG  HG2  sing N N 254 
LYS CG  HG3  sing N N 255 
LYS CD  CE   sing N N 256 
LYS CD  HD2  sing N N 257 
LYS CD  HD3  sing N N 258 
LYS CE  NZ   sing N N 259 
LYS CE  HE2  sing N N 260 
LYS CE  HE3  sing N N 261 
LYS NZ  HZ1  sing N N 262 
LYS NZ  HZ2  sing N N 263 
LYS NZ  HZ3  sing N N 264 
LYS OXT HXT  sing N N 265 
MET N   CA   sing N N 266 
MET N   H    sing N N 267 
MET N   H2   sing N N 268 
MET CA  C    sing N N 269 
MET CA  CB   sing N N 270 
MET CA  HA   sing N N 271 
MET C   O    doub N N 272 
MET C   OXT  sing N N 273 
MET CB  CG   sing N N 274 
MET CB  HB2  sing N N 275 
MET CB  HB3  sing N N 276 
MET CG  SD   sing N N 277 
MET CG  HG2  sing N N 278 
MET CG  HG3  sing N N 279 
MET SD  CE   sing N N 280 
MET CE  HE1  sing N N 281 
MET CE  HE2  sing N N 282 
MET CE  HE3  sing N N 283 
MET OXT HXT  sing N N 284 
PHE N   CA   sing N N 285 
PHE N   H    sing N N 286 
PHE N   H2   sing N N 287 
PHE CA  C    sing N N 288 
PHE CA  CB   sing N N 289 
PHE CA  HA   sing N N 290 
PHE C   O    doub N N 291 
PHE C   OXT  sing N N 292 
PHE CB  CG   sing N N 293 
PHE CB  HB2  sing N N 294 
PHE CB  HB3  sing N N 295 
PHE CG  CD1  doub Y N 296 
PHE CG  CD2  sing Y N 297 
PHE CD1 CE1  sing Y N 298 
PHE CD1 HD1  sing N N 299 
PHE CD2 CE2  doub Y N 300 
PHE CD2 HD2  sing N N 301 
PHE CE1 CZ   doub Y N 302 
PHE CE1 HE1  sing N N 303 
PHE CE2 CZ   sing Y N 304 
PHE CE2 HE2  sing N N 305 
PHE CZ  HZ   sing N N 306 
PHE OXT HXT  sing N N 307 
PRO N   CA   sing N N 308 
PRO N   CD   sing N N 309 
PRO N   H    sing N N 310 
PRO CA  C    sing N N 311 
PRO CA  CB   sing N N 312 
PRO CA  HA   sing N N 313 
PRO C   O    doub N N 314 
PRO C   OXT  sing N N 315 
PRO CB  CG   sing N N 316 
PRO CB  HB2  sing N N 317 
PRO CB  HB3  sing N N 318 
PRO CG  CD   sing N N 319 
PRO CG  HG2  sing N N 320 
PRO CG  HG3  sing N N 321 
PRO CD  HD2  sing N N 322 
PRO CD  HD3  sing N N 323 
PRO OXT HXT  sing N N 324 
SER N   CA   sing N N 325 
SER N   H    sing N N 326 
SER N   H2   sing N N 327 
SER CA  C    sing N N 328 
SER CA  CB   sing N N 329 
SER CA  HA   sing N N 330 
SER C   O    doub N N 331 
SER C   OXT  sing N N 332 
SER CB  OG   sing N N 333 
SER CB  HB2  sing N N 334 
SER CB  HB3  sing N N 335 
SER OG  HG   sing N N 336 
SER OXT HXT  sing N N 337 
THR N   CA   sing N N 338 
THR N   H    sing N N 339 
THR N   H2   sing N N 340 
THR CA  C    sing N N 341 
THR CA  CB   sing N N 342 
THR CA  HA   sing N N 343 
THR C   O    doub N N 344 
THR C   OXT  sing N N 345 
THR CB  OG1  sing N N 346 
THR CB  CG2  sing N N 347 
THR CB  HB   sing N N 348 
THR OG1 HG1  sing N N 349 
THR CG2 HG21 sing N N 350 
THR CG2 HG22 sing N N 351 
THR CG2 HG23 sing N N 352 
THR OXT HXT  sing N N 353 
TRP N   CA   sing N N 354 
TRP N   H    sing N N 355 
TRP N   H2   sing N N 356 
TRP CA  C    sing N N 357 
TRP CA  CB   sing N N 358 
TRP CA  HA   sing N N 359 
TRP C   O    doub N N 360 
TRP C   OXT  sing N N 361 
TRP CB  CG   sing N N 362 
TRP CB  HB2  sing N N 363 
TRP CB  HB3  sing N N 364 
TRP CG  CD1  doub Y N 365 
TRP CG  CD2  sing Y N 366 
TRP CD1 NE1  sing Y N 367 
TRP CD1 HD1  sing N N 368 
TRP CD2 CE2  doub Y N 369 
TRP CD2 CE3  sing Y N 370 
TRP NE1 CE2  sing Y N 371 
TRP NE1 HE1  sing N N 372 
TRP CE2 CZ2  sing Y N 373 
TRP CE3 CZ3  doub Y N 374 
TRP CE3 HE3  sing N N 375 
TRP CZ2 CH2  doub Y N 376 
TRP CZ2 HZ2  sing N N 377 
TRP CZ3 CH2  sing Y N 378 
TRP CZ3 HZ3  sing N N 379 
TRP CH2 HH2  sing N N 380 
TRP OXT HXT  sing N N 381 
TYR N   CA   sing N N 382 
TYR N   H    sing N N 383 
TYR N   H2   sing N N 384 
TYR CA  C    sing N N 385 
TYR CA  CB   sing N N 386 
TYR CA  HA   sing N N 387 
TYR C   O    doub N N 388 
TYR C   OXT  sing N N 389 
TYR CB  CG   sing N N 390 
TYR CB  HB2  sing N N 391 
TYR CB  HB3  sing N N 392 
TYR CG  CD1  doub Y N 393 
TYR CG  CD2  sing Y N 394 
TYR CD1 CE1  sing Y N 395 
TYR CD1 HD1  sing N N 396 
TYR CD2 CE2  doub Y N 397 
TYR CD2 HD2  sing N N 398 
TYR CE1 CZ   doub Y N 399 
TYR CE1 HE1  sing N N 400 
TYR CE2 CZ   sing Y N 401 
TYR CE2 HE2  sing N N 402 
TYR CZ  OH   sing N N 403 
TYR OH  HH   sing N N 404 
TYR OXT HXT  sing N N 405 
VAL N   CA   sing N N 406 
VAL N   H    sing N N 407 
VAL N   H2   sing N N 408 
VAL CA  C    sing N N 409 
VAL CA  CB   sing N N 410 
VAL CA  HA   sing N N 411 
VAL C   O    doub N N 412 
VAL C   OXT  sing N N 413 
VAL CB  CG1  sing N N 414 
VAL CB  CG2  sing N N 415 
VAL CB  HB   sing N N 416 
VAL CG1 HG11 sing N N 417 
VAL CG1 HG12 sing N N 418 
VAL CG1 HG13 sing N N 419 
VAL CG2 HG21 sing N N 420 
VAL CG2 HG22 sing N N 421 
VAL CG2 HG23 sing N N 422 
VAL OXT HXT  sing N N 423 
# 
_atom_sites.entry_id                    5CUB 
_atom_sites.fract_transf_matrix[1][1]   -0.00480157 
_atom_sites.fract_transf_matrix[1][2]   -0.01104272 
_atom_sites.fract_transf_matrix[1][3]   -0.00092588 
_atom_sites.fract_transf_matrix[2][1]   0.00920641 
_atom_sites.fract_transf_matrix[2][2]   -0.00376192 
_atom_sites.fract_transf_matrix[2][3]   -0.00287657 
_atom_sites.fract_transf_matrix[3][1]   0.00391003 
_atom_sites.fract_transf_matrix[3][2]   -0.00308800 
_atom_sites.fract_transf_matrix[3][3]   0.01655239 
_atom_sites.fract_transf_vector[1]      0.282245 
_atom_sites.fract_transf_vector[2]      0.294163 
_atom_sites.fract_transf_vector[3]      0.459135 
# 
loop_
_atom_type.symbol 
C 
N 
O 
S 
# 
loop_
_atom_site.group_PDB 
_atom_site.id 
_atom_site.type_symbol 
_atom_site.label_atom_id 
_atom_site.label_alt_id 
_atom_site.label_comp_id 
_atom_site.label_asym_id 
_atom_site.label_entity_id 
_atom_site.label_seq_id 
_atom_site.pdbx_PDB_ins_code 
_atom_site.Cartn_x 
_atom_site.Cartn_y 
_atom_site.Cartn_z 
_atom_site.occupancy 
_atom_site.B_iso_or_equiv 
_atom_site.pdbx_formal_charge 
_atom_site.auth_seq_id 
_atom_site.auth_comp_id 
_atom_site.auth_asym_id 
_atom_site.auth_atom_id 
_atom_site.pdbx_PDB_model_num 
ATOM   1    N N   . SER A 1 1   ? -21.090 -21.317 -8.755  1.00 32.72 ? 1856 SER A N   1 
ATOM   2    C CA  . SER A 1 1   ? -21.040 -21.797 -10.128 1.00 36.97 ? 1856 SER A CA  1 
ATOM   3    C C   . SER A 1 1   ? -22.157 -21.144 -10.926 1.00 37.05 ? 1856 SER A C   1 
ATOM   4    O O   . SER A 1 1   ? -22.881 -20.304 -10.394 1.00 39.02 ? 1856 SER A O   1 
ATOM   5    C CB  . SER A 1 1   ? -21.166 -23.321 -10.175 1.00 30.23 ? 1856 SER A CB  1 
ATOM   6    O OG  . SER A 1 1   ? -22.480 -23.734 -9.858  1.00 29.38 ? 1856 SER A OG  1 
ATOM   7    N N   . MET A 1 2   ? -22.305 -21.537 -12.192 1.00 35.60 ? 1857 MET A N   1 
ATOM   8    C CA  . MET A 1 2   ? -23.325 -20.958 -13.073 1.00 35.84 ? 1857 MET A CA  1 
ATOM   9    C C   . MET A 1 2   ? -24.700 -20.892 -12.410 1.00 36.70 ? 1857 MET A C   1 
ATOM   10   O O   . MET A 1 2   ? -25.239 -21.912 -11.987 1.00 33.13 ? 1857 MET A O   1 
ATOM   11   C CB  . MET A 1 2   ? -23.427 -21.751 -14.379 1.00 35.81 ? 1857 MET A CB  1 
ATOM   12   C CG  . MET A 1 2   ? -24.044 -20.971 -15.527 1.00 29.62 ? 1857 MET A CG  1 
ATOM   13   S SD  . MET A 1 2   ? -24.452 -21.952 -16.996 1.00 32.37 ? 1857 MET A SD  1 
ATOM   14   C CE  . MET A 1 2   ? -23.077 -23.075 -17.101 1.00 28.45 ? 1857 MET A CE  1 
ATOM   15   N N   . SER A 1 3   ? -25.246 -19.674 -12.315 1.00 39.19 ? 1858 SER A N   1 
ATOM   16   C CA  . SER A 1 3   ? -26.555 -19.408 -11.686 1.00 40.06 ? 1858 SER A CA  1 
ATOM   17   C C   . SER A 1 3   ? -26.631 -19.740 -10.183 1.00 34.73 ? 1858 SER A C   1 
ATOM   18   O O   . SER A 1 3   ? -27.723 -19.913 -9.636  1.00 42.21 ? 1858 SER A O   1 
ATOM   19   C CB  . SER A 1 3   ? -27.672 -20.163 -12.423 1.00 38.88 ? 1858 SER A CB  1 
ATOM   20   O OG  . SER A 1 3   ? -27.802 -19.710 -13.763 1.00 34.95 ? 1858 SER A OG  1 
ATOM   21   N N   . VAL A 1 4   ? -25.483 -19.829 -9.519  1.00 36.37 ? 1859 VAL A N   1 
ATOM   22   C CA  . VAL A 1 4   ? -25.444 -20.116 -8.076  1.00 39.02 ? 1859 VAL A CA  1 
ATOM   23   C C   . VAL A 1 4   ? -24.458 -19.174 -7.394  1.00 34.65 ? 1859 VAL A C   1 
ATOM   24   O O   . VAL A 1 4   ? -23.253 -19.375 -7.482  1.00 36.72 ? 1859 VAL A O   1 
ATOM   25   C CB  . VAL A 1 4   ? -25.045 -21.595 -7.781  1.00 34.69 ? 1859 VAL A CB  1 
ATOM   26   C CG1 . VAL A 1 4   ? -24.976 -21.859 -6.275  1.00 33.69 ? 1859 VAL A CG1 1 
ATOM   27   C CG2 . VAL A 1 4   ? -26.017 -22.549 -8.427  1.00 32.65 ? 1859 VAL A CG2 1 
ATOM   28   N N   . LYS A 1 5   ? -24.976 -18.147 -6.725  1.00 38.45 ? 1860 LYS A N   1 
ATOM   29   C CA  . LYS A 1 5   ? -24.151 -17.070 -6.159  1.00 43.56 ? 1860 LYS A CA  1 
ATOM   30   C C   . LYS A 1 5   ? -24.241 -16.951 -4.644  1.00 40.65 ? 1860 LYS A C   1 
ATOM   31   O O   . LYS A 1 5   ? -25.335 -17.041 -4.090  1.00 39.42 ? 1860 LYS A O   1 
ATOM   32   C CB  . LYS A 1 5   ? -24.561 -15.722 -6.762  1.00 44.31 ? 1860 LYS A CB  1 
ATOM   33   C CG  . LYS A 1 5   ? -24.408 -15.651 -8.257  1.00 54.92 ? 1860 LYS A CG  1 
ATOM   34   C CD  . LYS A 1 5   ? -22.980 -15.977 -8.670  1.00 53.86 ? 1860 LYS A CD  1 
ATOM   35   C CE  . LYS A 1 5   ? -22.927 -16.488 -10.099 1.00 48.91 ? 1860 LYS A CE  1 
ATOM   36   N NZ  . LYS A 1 5   ? -21.556 -16.971 -10.406 1.00 56.05 ? 1860 LYS A NZ  1 
ATOM   37   N N   . LYS A 1 6   ? -23.098 -16.726 -3.990  1.00 41.37 ? 1861 LYS A N   1 
ATOM   38   C CA  . LYS A 1 6   ? -23.071 -16.241 -2.605  1.00 42.52 ? 1861 LYS A CA  1 
ATOM   39   C C   . LYS A 1 6   ? -23.826 -14.935 -2.544  1.00 44.25 ? 1861 LYS A C   1 
ATOM   40   O O   . LYS A 1 6   ? -23.855 -14.197 -3.528  1.00 46.11 ? 1861 LYS A O   1 
ATOM   41   C CB  . LYS A 1 6   ? -21.643 -15.983 -2.103  1.00 46.82 ? 1861 LYS A CB  1 
ATOM   42   C CG  . LYS A 1 6   ? -20.804 -17.180 -1.684  1.00 48.21 ? 1861 LYS A CG  1 
ATOM   43   C CD  . LYS A 1 6   ? -19.711 -16.701 -0.722  1.00 45.10 ? 1861 LYS A CD  1 
ATOM   44   C CE  . LYS A 1 6   ? -18.639 -17.749 -0.495  1.00 49.72 ? 1861 LYS A CE  1 
ATOM   45   N NZ  . LYS A 1 6   ? -18.056 -18.175 -1.799  1.00 51.88 ? 1861 LYS A NZ  1 
ATOM   46   N N   . PRO A 1 7   ? -24.418 -14.623 -1.386  1.00 48.44 ? 1862 PRO A N   1 
ATOM   47   C CA  . PRO A 1 7   ? -25.039 -13.307 -1.190  1.00 51.26 ? 1862 PRO A CA  1 
ATOM   48   C C   . PRO A 1 7   ? -24.073 -12.159 -1.527  1.00 51.14 ? 1862 PRO A C   1 
ATOM   49   O O   . PRO A 1 7   ? -22.879 -12.239 -1.200  1.00 48.03 ? 1862 PRO A O   1 
ATOM   50   C CB  . PRO A 1 7   ? -25.402 -13.316 0.295   1.00 47.81 ? 1862 PRO A CB  1 
ATOM   51   C CG  . PRO A 1 7   ? -25.658 -14.755 0.585   1.00 46.79 ? 1862 PRO A CG  1 
ATOM   52   C CD  . PRO A 1 7   ? -24.663 -15.524 -0.247  1.00 44.58 ? 1862 PRO A CD  1 
ATOM   53   N N   . LYS A 1 8   ? -24.587 -11.124 -2.192  1.00 50.35 ? 1863 LYS A N   1 
ATOM   54   C CA  . LYS A 1 8   ? -23.748 -10.042 -2.719  1.00 62.69 ? 1863 LYS A CA  1 
ATOM   55   C C   . LYS A 1 8   ? -23.248 -9.076  -1.634  1.00 54.51 ? 1863 LYS A C   1 
ATOM   56   O O   . LYS A 1 8   ? -24.027 -8.289  -1.096  1.00 58.11 ? 1863 LYS A O   1 
ATOM   57   C CB  . LYS A 1 8   ? -24.510 -9.256  -3.797  1.00 56.98 ? 1863 LYS A CB  1 
ATOM   58   N N   . ARG A 1 9   ? -21.955 -9.142  -1.318  1.00 48.94 ? 1864 ARG A N   1 
ATOM   59   C CA  . ARG A 1 9   ? -21.333 -8.156  -0.428  1.00 59.55 ? 1864 ARG A CA  1 
ATOM   60   C C   . ARG A 1 9   ? -21.385 -6.733  -1.022  1.00 54.72 ? 1864 ARG A C   1 
ATOM   61   O O   . ARG A 1 9   ? -21.089 -6.531  -2.204  1.00 53.87 ? 1864 ARG A O   1 
ATOM   62   C CB  . ARG A 1 9   ? -19.883 -8.538  -0.126  1.00 55.30 ? 1864 ARG A CB  1 
ATOM   63   C CG  . ARG A 1 9   ? -19.152 -7.466  0.645   1.00 53.69 ? 1864 ARG A CG  1 
ATOM   64   C CD  . ARG A 1 9   ? -17.646 -7.664  0.679   1.00 50.88 ? 1864 ARG A CD  1 
ATOM   65   N NE  . ARG A 1 9   ? -17.015 -6.527  1.349   1.00 54.45 ? 1864 ARG A NE  1 
ATOM   66   C CZ  . ARG A 1 9   ? -16.530 -5.451  0.727   1.00 49.35 ? 1864 ARG A CZ  1 
ATOM   67   N NH1 . ARG A 1 9   ? -16.553 -5.365  -0.597  1.00 43.43 ? 1864 ARG A NH1 1 
ATOM   68   N NH2 . ARG A 1 9   ? -15.999 -4.464  1.432   1.00 45.71 ? 1864 ARG A NH2 1 
ATOM   69   N N   . ASP A 1 10  ? -21.774 -5.755  -0.203  1.00 51.31 ? 1865 ASP A N   1 
ATOM   70   C CA  . ASP A 1 10  ? -21.873 -4.365  -0.657  1.00 50.95 ? 1865 ASP A CA  1 
ATOM   71   C C   . ASP A 1 10  ? -20.476 -3.753  -0.822  1.00 48.89 ? 1865 ASP A C   1 
ATOM   72   O O   . ASP A 1 10  ? -19.743 -3.577  0.157   1.00 43.99 ? 1865 ASP A O   1 
ATOM   73   C CB  . ASP A 1 10  ? -22.713 -3.537  0.327   1.00 49.51 ? 1865 ASP A CB  1 
ATOM   74   C CG  . ASP A 1 10  ? -22.947 -2.105  -0.147  1.00 53.12 ? 1865 ASP A CG  1 
ATOM   75   O OD1 . ASP A 1 10  ? -22.687 -1.794  -1.332  1.00 49.52 ? 1865 ASP A OD1 1 
ATOM   76   O OD2 . ASP A 1 10  ? -23.413 -1.287  0.680   1.00 59.73 ? 1865 ASP A OD2 1 
ATOM   77   N N   . ASP A 1 11  ? -20.110 -3.442  -2.063  1.00 46.21 ? 1866 ASP A N   1 
ATOM   78   C CA  . ASP A 1 11  ? -18.773 -2.935  -2.357  1.00 46.33 ? 1866 ASP A CA  1 
ATOM   79   C C   . ASP A 1 11  ? -18.814 -1.493  -2.868  1.00 43.54 ? 1866 ASP A C   1 
ATOM   80   O O   . ASP A 1 11  ? -17.805 -0.965  -3.348  1.00 37.99 ? 1866 ASP A O   1 
ATOM   81   C CB  . ASP A 1 11  ? -18.079 -3.835  -3.382  1.00 39.32 ? 1866 ASP A CB  1 
ATOM   82   C CG  . ASP A 1 11  ? -18.795 -3.850  -4.725  1.00 46.33 ? 1866 ASP A CG  1 
ATOM   83   O OD1 . ASP A 1 11  ? -19.918 -3.315  -4.815  1.00 51.32 ? 1866 ASP A OD1 1 
ATOM   84   O OD2 . ASP A 1 11  ? -18.238 -4.395  -5.699  1.00 50.30 ? 1866 ASP A OD2 1 
ATOM   85   N N   . SER A 1 12  ? -19.983 -0.866  -2.762  1.00 40.67 ? 1867 SER A N   1 
ATOM   86   C CA  . SER A 1 12  ? -20.209 0.461   -3.337  1.00 41.77 ? 1867 SER A CA  1 
ATOM   87   C C   . SER A 1 12  ? -19.373 1.549   -2.664  1.00 37.76 ? 1867 SER A C   1 
ATOM   88   O O   . SER A 1 12  ? -19.093 2.591   -3.267  1.00 42.06 ? 1867 SER A O   1 
ATOM   89   C CB  . SER A 1 12  ? -21.695 0.834   -3.250  1.00 44.99 ? 1867 SER A CB  1 
ATOM   90   O OG  . SER A 1 12  ? -22.169 0.733   -1.914  1.00 45.06 ? 1867 SER A OG  1 
ATOM   91   N N   . LYS A 1 13  ? -18.979 1.295   -1.421  1.00 37.96 ? 1868 LYS A N   1 
ATOM   92   C CA  . LYS A 1 13  ? -18.222 2.252   -0.627  1.00 38.53 ? 1868 LYS A CA  1 
ATOM   93   C C   . LYS A 1 13  ? -16.716 1.961   -0.582  1.00 37.76 ? 1868 LYS A C   1 
ATOM   94   O O   . LYS A 1 13  ? -15.964 2.684   0.065   1.00 36.64 ? 1868 LYS A O   1 
ATOM   95   C CB  . LYS A 1 13  ? -18.777 2.281   0.798   1.00 36.85 ? 1868 LYS A CB  1 
ATOM   96   C CG  . LYS A 1 13  ? -20.224 2.741   0.886   1.00 39.96 ? 1868 LYS A CG  1 
ATOM   97   C CD  . LYS A 1 13  ? -20.730 2.679   2.314   1.00 52.40 ? 1868 LYS A CD  1 
ATOM   98   N N   . ASP A 1 14  ? -16.277 0.906   -1.259  1.00 34.18 ? 1869 ASP A N   1 
ATOM   99   C CA  . ASP A 1 14  ? -14.877 0.477   -1.154  1.00 34.73 ? 1869 ASP A CA  1 
ATOM   100  C C   . ASP A 1 14  ? -13.886 1.543   -1.647  1.00 32.12 ? 1869 ASP A C   1 
ATOM   101  O O   . ASP A 1 14  ? -12.887 1.819   -0.978  1.00 31.53 ? 1869 ASP A O   1 
ATOM   102  C CB  . ASP A 1 14  ? -14.657 -0.837  -1.916  1.00 34.23 ? 1869 ASP A CB  1 
ATOM   103  C CG  . ASP A 1 14  ? -15.300 -2.041  -1.220  1.00 34.65 ? 1869 ASP A CG  1 
ATOM   104  O OD1 . ASP A 1 14  ? -15.849 -1.880  -0.110  1.00 34.50 ? 1869 ASP A OD1 1 
ATOM   105  O OD2 . ASP A 1 14  ? -15.233 -3.156  -1.774  1.00 37.66 ? 1869 ASP A OD2 1 
ATOM   106  N N   . LEU A 1 15  ? -14.165 2.132   -2.806  1.00 29.30 ? 1870 LEU A N   1 
ATOM   107  C CA  . LEU A 1 15  ? -13.315 3.186   -3.362  1.00 36.42 ? 1870 LEU A CA  1 
ATOM   108  C C   . LEU A 1 15  ? -13.095 4.316   -2.366  1.00 37.09 ? 1870 LEU A C   1 
ATOM   109  O O   . LEU A 1 15  ? -11.961 4.718   -2.128  1.00 37.26 ? 1870 LEU A O   1 
ATOM   110  C CB  . LEU A 1 15  ? -13.911 3.747   -4.656  1.00 33.17 ? 1870 LEU A CB  1 
ATOM   111  C CG  . LEU A 1 15  ? -13.043 4.741   -5.437  1.00 36.24 ? 1870 LEU A CG  1 
ATOM   112  C CD1 . LEU A 1 15  ? -11.643 4.175   -5.714  1.00 31.36 ? 1870 LEU A CD1 1 
ATOM   113  C CD2 . LEU A 1 15  ? -13.734 5.144   -6.744  1.00 35.03 ? 1870 LEU A CD2 1 
ATOM   114  N N   . ALA A 1 16  ? -14.176 4.811   -1.773  1.00 35.35 ? 1871 ALA A N   1 
ATOM   115  C CA  . ALA A 1 16  ? -14.097 5.905   -0.821  1.00 34.04 ? 1871 ALA A CA  1 
ATOM   116  C C   . ALA A 1 16  ? -13.348 5.513   0.450   1.00 36.60 ? 1871 ALA A C   1 
ATOM   117  O O   . ALA A 1 16  ? -12.574 6.306   0.991   1.00 39.74 ? 1871 ALA A O   1 
ATOM   118  C CB  . ALA A 1 16  ? -15.499 6.397   -0.469  1.00 33.45 ? 1871 ALA A CB  1 
ATOM   119  N N   . LEU A 1 17  ? -13.601 4.307   0.946   1.00 33.46 ? 1872 LEU A N   1 
ATOM   120  C CA  . LEU A 1 17  ? -12.930 3.824   2.149   1.00 32.29 ? 1872 LEU A CA  1 
ATOM   121  C C   . LEU A 1 17  ? -11.418 3.603   1.962   1.00 31.92 ? 1872 LEU A C   1 
ATOM   122  O O   . LEU A 1 17  ? -10.614 3.940   2.841   1.00 30.05 ? 1872 LEU A O   1 
ATOM   123  C CB  . LEU A 1 17  ? -13.580 2.527   2.614   1.00 33.94 ? 1872 LEU A CB  1 
ATOM   124  C CG  . LEU A 1 17  ? -14.985 2.739   3.179   1.00 38.61 ? 1872 LEU A CG  1 
ATOM   125  C CD1 . LEU A 1 17  ? -15.746 1.429   3.222   1.00 36.34 ? 1872 LEU A CD1 1 
ATOM   126  C CD2 . LEU A 1 17  ? -14.888 3.357   4.561   1.00 37.68 ? 1872 LEU A CD2 1 
ATOM   127  N N   . CYS A 1 18  ? -11.040 3.017   0.831   1.00 29.53 ? 1873 CYS A N   1 
ATOM   128  C CA  . CYS A 1 18  ? -9.623  2.828   0.513   1.00 32.23 ? 1873 CYS A CA  1 
ATOM   129  C C   . CYS A 1 18  ? -8.905  4.183   0.431   1.00 32.23 ? 1873 CYS A C   1 
ATOM   130  O O   . CYS A 1 18  ? -7.762  4.319   0.883   1.00 29.67 ? 1873 CYS A O   1 
ATOM   131  C CB  . CYS A 1 18  ? -9.460  2.061   -0.794  1.00 28.19 ? 1873 CYS A CB  1 
ATOM   132  S SG  . CYS A 1 18  ? -9.781  0.281   -0.648  1.00 27.83 ? 1873 CYS A SG  1 
ATOM   133  N N   . SER A 1 19  ? -9.590  5.177   -0.134  1.00 28.24 ? 1874 SER A N   1 
ATOM   134  C CA  . SER A 1 19  ? -9.059  6.534   -0.211  1.00 33.54 ? 1874 SER A CA  1 
ATOM   135  C C   . SER A 1 19  ? -8.832  7.147   1.178   1.00 34.42 ? 1874 SER A C   1 
ATOM   136  O O   . SER A 1 19  ? -7.842  7.851   1.402   1.00 33.59 ? 1874 SER A O   1 
ATOM   137  C CB  . SER A 1 19  ? -9.992  7.422   -1.030  1.00 34.51 ? 1874 SER A CB  1 
ATOM   138  O OG  . SER A 1 19  ? -9.471  8.736   -1.122  1.00 40.35 ? 1874 SER A OG  1 
ATOM   139  N N   . MET A 1 20  ? -9.742  6.876   2.112   1.00 32.94 ? 1875 MET A N   1 
ATOM   140  C CA  . MET A 1 20  ? -9.595  7.370   3.474   1.00 35.82 ? 1875 MET A CA  1 
ATOM   141  C C   . MET A 1 20  ? -8.420  6.720   4.176   1.00 34.01 ? 1875 MET A C   1 
ATOM   142  O O   . MET A 1 20  ? -7.695  7.369   4.930   1.00 32.47 ? 1875 MET A O   1 
ATOM   143  C CB  . MET A 1 20  ? -10.865 7.129   4.298   1.00 35.77 ? 1875 MET A CB  1 
ATOM   144  C CG  . MET A 1 20  ? -11.990 8.097   3.975   1.00 51.67 ? 1875 MET A CG  1 
ATOM   145  S SD  . MET A 1 20  ? -13.477 7.798   4.954   1.00 67.68 ? 1875 MET A SD  1 
ATOM   146  C CE  . MET A 1 20  ? -12.872 8.002   6.631   1.00 49.17 ? 1875 MET A CE  1 
ATOM   147  N N   . ILE A 1 21  ? -8.254  5.427   3.949   1.00 31.25 ? 1876 ILE A N   1 
ATOM   148  C CA  . ILE A 1 21  ? -7.156  4.710   4.565   1.00 33.14 ? 1876 ILE A CA  1 
ATOM   149  C C   . ILE A 1 21  ? -5.829  5.248   4.026   1.00 27.71 ? 1876 ILE A C   1 
ATOM   150  O O   . ILE A 1 21  ? -4.892  5.480   4.782   1.00 27.81 ? 1876 ILE A O   1 
ATOM   151  C CB  . ILE A 1 21  ? -7.272  3.196   4.324   1.00 29.18 ? 1876 ILE A CB  1 
ATOM   152  C CG1 . ILE A 1 21  ? -8.447  2.633   5.132   1.00 31.12 ? 1876 ILE A CG1 1 
ATOM   153  C CG2 . ILE A 1 21  ? -5.989  2.496   4.711   1.00 28.24 ? 1876 ILE A CG2 1 
ATOM   154  C CD1 . ILE A 1 21  ? -8.742  1.172   4.854   1.00 34.83 ? 1876 ILE A CD1 1 
ATOM   155  N N   . LEU A 1 22  ? -5.781  5.460   2.719   1.00 27.66 ? 1877 LEU A N   1 
ATOM   156  C CA  . LEU A 1 22  ? -4.582  5.952   2.066   1.00 30.33 ? 1877 LEU A CA  1 
ATOM   157  C C   . LEU A 1 22  ? -4.250  7.353   2.580   1.00 31.97 ? 1877 LEU A C   1 
ATOM   158  O O   . LEU A 1 22  ? -3.085  7.651   2.828   1.00 27.43 ? 1877 LEU A O   1 
ATOM   159  C CB  . LEU A 1 22  ? -4.745  5.952   0.546   1.00 26.82 ? 1877 LEU A CB  1 
ATOM   160  C CG  . LEU A 1 22  ? -3.494  6.377   -0.242  1.00 28.36 ? 1877 LEU A CG  1 
ATOM   161  C CD1 . LEU A 1 22  ? -2.299  5.545   0.155   1.00 24.19 ? 1877 LEU A CD1 1 
ATOM   162  C CD2 . LEU A 1 22  ? -3.744  6.285   -1.744  1.00 28.49 ? 1877 LEU A CD2 1 
ATOM   163  N N   . THR A 1 23  ? -5.277  8.184   2.782   1.00 29.83 ? 1878 THR A N   1 
ATOM   164  C CA  . THR A 1 23  ? -5.080  9.527   3.332   1.00 28.42 ? 1878 THR A CA  1 
ATOM   165  C C   . THR A 1 23  ? -4.478  9.461   4.723   1.00 29.76 ? 1878 THR A C   1 
ATOM   166  O O   . THR A 1 23  ? -3.533  10.183  5.030   1.00 32.60 ? 1878 THR A O   1 
ATOM   167  C CB  . THR A 1 23  ? -6.403  10.337  3.379   1.00 28.40 ? 1878 THR A CB  1 
ATOM   168  O OG1 . THR A 1 23  ? -6.836  10.615  2.044   1.00 32.38 ? 1878 THR A OG1 1 
ATOM   169  C CG2 . THR A 1 23  ? -6.203  11.662  4.109   1.00 33.63 ? 1878 THR A CG2 1 
ATOM   170  N N   . GLU A 1 24  ? -5.001  8.577   5.561   1.00 29.23 ? 1879 GLU A N   1 
ATOM   171  C CA  . GLU A 1 24  ? -4.459  8.414   6.906   1.00 30.93 ? 1879 GLU A CA  1 
ATOM   172  C C   . GLU A 1 24  ? -3.020  7.909   6.852   1.00 33.80 ? 1879 GLU A C   1 
ATOM   173  O O   . GLU A 1 24  ? -2.204  8.227   7.710   1.00 29.67 ? 1879 GLU A O   1 
ATOM   174  C CB  . GLU A 1 24  ? -5.342  7.460   7.726   1.00 31.67 ? 1879 GLU A CB  1 
ATOM   175  C CG  . GLU A 1 24  ? -6.648  8.108   8.181   1.00 37.45 ? 1879 GLU A CG  1 
ATOM   176  C CD  . GLU A 1 24  ? -7.771  7.115   8.475   1.00 46.69 ? 1879 GLU A CD  1 
ATOM   177  O OE1 . GLU A 1 24  ? -7.481  5.916   8.644   1.00 44.76 ? 1879 GLU A OE1 1 
ATOM   178  O OE2 . GLU A 1 24  ? -8.950  7.543   8.547   1.00 57.93 ? 1879 GLU A OE2 1 
ATOM   179  N N   . MET A 1 25  ? -2.698  7.126   5.834   1.00 29.94 ? 1880 MET A N   1 
ATOM   180  C CA  . MET A 1 25  ? -1.331  6.664   5.708   1.00 30.53 ? 1880 MET A CA  1 
ATOM   181  C C   . MET A 1 25  ? -0.402  7.767   5.231   1.00 29.44 ? 1880 MET A C   1 
ATOM   182  O O   . MET A 1 25  ? 0.703   7.896   5.739   1.00 27.34 ? 1880 MET A O   1 
ATOM   183  C CB  . MET A 1 25  ? -1.291  5.475   4.781   1.00 29.22 ? 1880 MET A CB  1 
ATOM   184  C CG  . MET A 1 25  ? -2.156  4.424   5.412   1.00 32.67 ? 1880 MET A CG  1 
ATOM   185  S SD  . MET A 1 25  ? -1.248  2.956   5.556   1.00 43.68 ? 1880 MET A SD  1 
ATOM   186  C CE  . MET A 1 25  ? -1.183  2.616   3.814   1.00 31.97 ? 1880 MET A CE  1 
ATOM   187  N N   . GLU A 1 26  ? -0.880  8.575   4.290   1.00 30.04 ? 1881 GLU A N   1 
ATOM   188  C CA  . GLU A 1 26  ? -0.127  9.708   3.772   1.00 30.11 ? 1881 GLU A CA  1 
ATOM   189  C C   . GLU A 1 26  ? 0.214   10.732  4.852   1.00 30.24 ? 1881 GLU A C   1 
ATOM   190  O O   . GLU A 1 26  ? 1.238   11.394  4.766   1.00 32.79 ? 1881 GLU A O   1 
ATOM   191  C CB  . GLU A 1 26  ? -0.904  10.380  2.636   1.00 29.62 ? 1881 GLU A CB  1 
ATOM   192  C CG  . GLU A 1 26  ? -0.871  9.609   1.314   1.00 32.02 ? 1881 GLU A CG  1 
ATOM   193  C CD  . GLU A 1 26  ? -2.005  9.990   0.369   1.00 34.71 ? 1881 GLU A CD  1 
ATOM   194  O OE1 . GLU A 1 26  ? -3.005  10.570  0.826   1.00 34.50 ? 1881 GLU A OE1 1 
ATOM   195  O OE2 . GLU A 1 26  ? -1.916  9.685   -0.837  1.00 36.71 ? 1881 GLU A OE2 1 
ATOM   196  N N   . THR A 1 27  ? -0.624  10.849  5.875   1.00 30.54 ? 1882 THR A N   1 
ATOM   197  C CA  . THR A 1 27  ? -0.438  11.879  6.896   1.00 31.17 ? 1882 THR A CA  1 
ATOM   198  C C   . THR A 1 27  ? 0.237   11.359  8.173   1.00 34.89 ? 1882 THR A C   1 
ATOM   199  O O   . THR A 1 27  ? 0.502   12.122  9.095   1.00 37.63 ? 1882 THR A O   1 
ATOM   200  C CB  . THR A 1 27  ? -1.786  12.523  7.284   1.00 31.95 ? 1882 THR A CB  1 
ATOM   201  O OG1 . THR A 1 27  ? -2.602  11.548  7.937   1.00 38.03 ? 1882 THR A OG1 1 
ATOM   202  C CG2 . THR A 1 27  ? -2.514  13.030  6.067   1.00 28.85 ? 1882 THR A CG2 1 
ATOM   203  N N   . HIS A 1 28  ? 0.505   10.062  8.238   1.00 30.07 ? 1883 HIS A N   1 
ATOM   204  C CA  . HIS A 1 28  ? 1.276   9.495   9.343   1.00 30.60 ? 1883 HIS A CA  1 
ATOM   205  C C   . HIS A 1 28  ? 2.698   10.096  9.353   1.00 31.73 ? 1883 HIS A C   1 
ATOM   206  O O   . HIS A 1 28  ? 3.303   10.273  8.296   1.00 29.64 ? 1883 HIS A O   1 
ATOM   207  C CB  . HIS A 1 28  ? 1.314   7.972   9.193   1.00 31.34 ? 1883 HIS A CB  1 
ATOM   208  C CG  . HIS A 1 28  ? 1.827   7.240   10.391  1.00 31.36 ? 1883 HIS A CG  1 
ATOM   209  N ND1 . HIS A 1 28  ? 3.073   7.471   10.934  1.00 29.69 ? 1883 HIS A ND1 1 
ATOM   210  C CD2 . HIS A 1 28  ? 1.276   6.242   11.123  1.00 30.57 ? 1883 HIS A CD2 1 
ATOM   211  C CE1 . HIS A 1 28  ? 3.261   6.662   11.959  1.00 27.62 ? 1883 HIS A CE1 1 
ATOM   212  N NE2 . HIS A 1 28  ? 2.184   5.909   12.098  1.00 31.14 ? 1883 HIS A NE2 1 
ATOM   213  N N   . GLU A 1 29  ? 3.244   10.405  10.526  1.00 32.55 ? 1884 GLU A N   1 
ATOM   214  C CA  . GLU A 1 29  ? 4.565   11.045  10.558  1.00 34.94 ? 1884 GLU A CA  1 
ATOM   215  C C   . GLU A 1 29  ? 5.696   10.118  10.075  1.00 32.61 ? 1884 GLU A C   1 
ATOM   216  O O   . GLU A 1 29  ? 6.760   10.595  9.685   1.00 31.17 ? 1884 GLU A O   1 
ATOM   217  C CB  . GLU A 1 29  ? 4.879   11.585  11.966  1.00 34.95 ? 1884 GLU A CB  1 
ATOM   218  C CG  . GLU A 1 29  ? 5.152   10.553  13.037  1.00 36.44 ? 1884 GLU A CG  1 
ATOM   219  C CD  . GLU A 1 29  ? 5.802   11.164  14.304  1.00 49.74 ? 1884 GLU A CD  1 
ATOM   220  O OE1 . GLU A 1 29  ? 6.975   11.590  14.235  1.00 52.62 ? 1884 GLU A OE1 1 
ATOM   221  O OE2 . GLU A 1 29  ? 5.153   11.208  15.375  1.00 51.85 ? 1884 GLU A OE2 1 
ATOM   222  N N   . ASP A 1 30  ? 5.463   8.808   10.065  1.00 29.22 ? 1885 ASP A N   1 
ATOM   223  C CA  . ASP A 1 30  ? 6.472   7.865   9.576   1.00 27.21 ? 1885 ASP A CA  1 
ATOM   224  C C   . ASP A 1 30  ? 6.273   7.506   8.094   1.00 27.26 ? 1885 ASP A C   1 
ATOM   225  O O   . ASP A 1 30  ? 6.862   6.547   7.604   1.00 26.97 ? 1885 ASP A O   1 
ATOM   226  C CB  . ASP A 1 30  ? 6.468   6.574   10.407  1.00 28.79 ? 1885 ASP A CB  1 
ATOM   227  C CG  . ASP A 1 30  ? 6.991   6.781   11.836  1.00 34.53 ? 1885 ASP A CG  1 
ATOM   228  O OD1 . ASP A 1 30  ? 7.499   7.882   12.141  1.00 31.86 ? 1885 ASP A OD1 1 
ATOM   229  O OD2 . ASP A 1 30  ? 6.891   5.838   12.653  1.00 28.84 ? 1885 ASP A OD2 1 
ATOM   230  N N   . ALA A 1 31  ? 5.447   8.272   7.389   1.00 27.20 ? 1886 ALA A N   1 
ATOM   231  C CA  . ALA A 1 31  ? 5.155   8.008   5.977   1.00 27.21 ? 1886 ALA A CA  1 
ATOM   232  C C   . ALA A 1 31  ? 6.246   8.494   5.015   1.00 28.02 ? 1886 ALA A C   1 
ATOM   233  O O   . ALA A 1 31  ? 6.285   8.053   3.854   1.00 24.71 ? 1886 ALA A O   1 
ATOM   234  C CB  . ALA A 1 31  ? 3.818   8.635   5.596   1.00 24.30 ? 1886 ALA A CB  1 
ATOM   235  N N   . TRP A 1 32  ? 7.135   9.373   5.500   1.00 27.50 ? 1887 TRP A N   1 
ATOM   236  C CA  . TRP A 1 32  ? 8.065   10.099  4.631   1.00 26.54 ? 1887 TRP A CA  1 
ATOM   237  C C   . TRP A 1 32  ? 8.916   9.205   3.719   1.00 25.72 ? 1887 TRP A C   1 
ATOM   238  O O   . TRP A 1 32  ? 9.213   9.607   2.603   1.00 28.13 ? 1887 TRP A O   1 
ATOM   239  C CB  . TRP A 1 32  ? 8.991   11.045  5.451   1.00 28.18 ? 1887 TRP A CB  1 
ATOM   240  C CG  . TRP A 1 32  ? 9.760   10.383  6.574   1.00 29.44 ? 1887 TRP A CG  1 
ATOM   241  C CD1 . TRP A 1 32  ? 9.358   10.251  7.879   1.00 26.67 ? 1887 TRP A CD1 1 
ATOM   242  C CD2 . TRP A 1 32  ? 11.054  9.761   6.490   1.00 27.48 ? 1887 TRP A CD2 1 
ATOM   243  N NE1 . TRP A 1 32  ? 10.309  9.572   8.597   1.00 29.47 ? 1887 TRP A NE1 1 
ATOM   244  C CE2 . TRP A 1 32  ? 11.357  9.254   7.770   1.00 32.17 ? 1887 TRP A CE2 1 
ATOM   245  C CE3 . TRP A 1 32  ? 11.971  9.563   5.453   1.00 30.17 ? 1887 TRP A CE3 1 
ATOM   246  C CZ2 . TRP A 1 32  ? 12.551  8.574   8.046   1.00 34.27 ? 1887 TRP A CZ2 1 
ATOM   247  C CZ3 . TRP A 1 32  ? 13.159  8.877   5.727   1.00 29.56 ? 1887 TRP A CZ3 1 
ATOM   248  C CH2 . TRP A 1 32  ? 13.435  8.400   7.015   1.00 32.01 ? 1887 TRP A CH2 1 
ATOM   249  N N   . PRO A 1 33  ? 9.306   7.993   4.159   1.00 24.64 ? 1888 PRO A N   1 
ATOM   250  C CA  . PRO A 1 33  ? 10.071  7.257   3.146   1.00 24.41 ? 1888 PRO A CA  1 
ATOM   251  C C   . PRO A 1 33  ? 9.236   6.707   1.990   1.00 27.28 ? 1888 PRO A C   1 
ATOM   252  O O   . PRO A 1 33  ? 9.813   6.187   1.021   1.00 27.02 ? 1888 PRO A O   1 
ATOM   253  C CB  . PRO A 1 33  ? 10.674  6.082   3.934   1.00 26.22 ? 1888 PRO A CB  1 
ATOM   254  C CG  . PRO A 1 33  ? 10.492  6.420   5.378   1.00 26.30 ? 1888 PRO A CG  1 
ATOM   255  C CD  . PRO A 1 33  ? 9.274   7.276   5.445   1.00 23.02 ? 1888 PRO A CD  1 
ATOM   256  N N   . PHE A 1 34  ? 7.911   6.790   2.098   1.00 24.58 ? 1889 PHE A N   1 
ATOM   257  C CA  . PHE A 1 34  ? 7.016   6.077   1.184   1.00 25.78 ? 1889 PHE A CA  1 
ATOM   258  C C   . PHE A 1 34  ? 6.136   7.009   0.371   1.00 25.67 ? 1889 PHE A C   1 
ATOM   259  O O   . PHE A 1 34  ? 5.318   6.547   -0.426  1.00 25.12 ? 1889 PHE A O   1 
ATOM   260  C CB  . PHE A 1 34  ? 6.130   5.101   1.969   1.00 24.93 ? 1889 PHE A CB  1 
ATOM   261  C CG  . PHE A 1 34  ? 6.889   4.292   2.977   1.00 25.44 ? 1889 PHE A CG  1 
ATOM   262  C CD1 . PHE A 1 34  ? 7.819   3.345   2.558   1.00 23.64 ? 1889 PHE A CD1 1 
ATOM   263  C CD2 . PHE A 1 34  ? 6.706   4.501   4.345   1.00 25.11 ? 1889 PHE A CD2 1 
ATOM   264  C CE1 . PHE A 1 34  ? 8.555   2.607   3.492   1.00 22.98 ? 1889 PHE A CE1 1 
ATOM   265  C CE2 . PHE A 1 34  ? 7.433   3.764   5.286   1.00 23.67 ? 1889 PHE A CE2 1 
ATOM   266  C CZ  . PHE A 1 34  ? 8.355   2.814   4.859   1.00 24.02 ? 1889 PHE A CZ  1 
ATOM   267  N N   . LEU A 1 35  ? 6.294   8.315   0.576   1.00 23.31 ? 1890 LEU A N   1 
ATOM   268  C CA  . LEU A 1 35  ? 5.411   9.286   -0.072  1.00 28.46 ? 1890 LEU A CA  1 
ATOM   269  C C   . LEU A 1 35  ? 5.634   9.371   -1.580  1.00 29.84 ? 1890 LEU A C   1 
ATOM   270  O O   . LEU A 1 35  ? 4.691   9.609   -2.335  1.00 25.93 ? 1890 LEU A O   1 
ATOM   271  C CB  . LEU A 1 35  ? 5.577   10.673  0.553   1.00 25.69 ? 1890 LEU A CB  1 
ATOM   272  C CG  . LEU A 1 35  ? 5.030   10.828  1.979   1.00 31.45 ? 1890 LEU A CG  1 
ATOM   273  C CD1 . LEU A 1 35  ? 5.381   12.202  2.546   1.00 27.38 ? 1890 LEU A CD1 1 
ATOM   274  C CD2 . LEU A 1 35  ? 3.508   10.594  2.033   1.00 27.90 ? 1890 LEU A CD2 1 
ATOM   275  N N   . LEU A 1 36  ? 6.875   9.158   -2.015  1.00 26.91 ? 1891 LEU A N   1 
ATOM   276  C CA  . LEU A 1 36  ? 7.222   9.303   -3.423  1.00 29.08 ? 1891 LEU A CA  1 
ATOM   277  C C   . LEU A 1 36  ? 8.030   8.114   -3.900  1.00 25.05 ? 1891 LEU A C   1 
ATOM   278  O O   . LEU A 1 36  ? 8.617   7.418   -3.083  1.00 26.86 ? 1891 LEU A O   1 
ATOM   279  C CB  . LEU A 1 36  ? 8.010   10.595  -3.646  1.00 29.87 ? 1891 LEU A CB  1 
ATOM   280  C CG  . LEU A 1 36  ? 7.279   11.914  -3.402  1.00 32.52 ? 1891 LEU A CG  1 
ATOM   281  C CD1 . LEU A 1 36  ? 8.257   13.090  -3.602  1.00 34.53 ? 1891 LEU A CD1 1 
ATOM   282  C CD2 . LEU A 1 36  ? 6.072   12.038  -4.316  1.00 31.14 ? 1891 LEU A CD2 1 
ATOM   283  N N   . PRO A 1 37  ? 8.075   7.879   -5.226  1.00 26.29 ? 1892 PRO A N   1 
ATOM   284  C CA  . PRO A 1 37  ? 8.941   6.797   -5.715  1.00 29.20 ? 1892 PRO A CA  1 
ATOM   285  C C   . PRO A 1 37  ? 10.378  6.947   -5.220  1.00 29.86 ? 1892 PRO A C   1 
ATOM   286  O O   . PRO A 1 37  ? 10.876  8.075   -5.135  1.00 27.36 ? 1892 PRO A O   1 
ATOM   287  C CB  . PRO A 1 37  ? 8.890   6.960   -7.233  1.00 27.17 ? 1892 PRO A CB  1 
ATOM   288  C CG  . PRO A 1 37  ? 7.620   7.672   -7.501  1.00 29.38 ? 1892 PRO A CG  1 
ATOM   289  C CD  . PRO A 1 37  ? 7.426   8.603   -6.335  1.00 26.89 ? 1892 PRO A CD  1 
ATOM   290  N N   . VAL A 1 38  ? 11.017  5.838   -4.867  1.00 24.58 ? 1893 VAL A N   1 
ATOM   291  C CA  . VAL A 1 38  ? 12.441  5.866   -4.575  1.00 30.04 ? 1893 VAL A CA  1 
ATOM   292  C C   . VAL A 1 38  ? 13.158  6.256   -5.864  1.00 32.84 ? 1893 VAL A C   1 
ATOM   293  O O   . VAL A 1 38  ? 12.844  5.721   -6.935  1.00 32.42 ? 1893 VAL A O   1 
ATOM   294  C CB  . VAL A 1 38  ? 12.970  4.505   -4.063  1.00 27.91 ? 1893 VAL A CB  1 
ATOM   295  C CG1 . VAL A 1 38  ? 14.500  4.527   -3.948  1.00 29.65 ? 1893 VAL A CG1 1 
ATOM   296  C CG2 . VAL A 1 38  ? 12.333  4.147   -2.726  1.00 28.30 ? 1893 VAL A CG2 1 
ATOM   297  N N   . ASN A 1 39  ? 14.096  7.195   -5.761  1.00 32.65 ? 1894 ASN A N   1 
ATOM   298  C CA  . ASN A 1 39  ? 14.829  7.683   -6.924  1.00 34.80 ? 1894 ASN A CA  1 
ATOM   299  C C   . ASN A 1 39  ? 15.806  6.625   -7.446  1.00 35.53 ? 1894 ASN A C   1 
ATOM   300  O O   . ASN A 1 39  ? 16.840  6.364   -6.829  1.00 36.34 ? 1894 ASN A O   1 
ATOM   301  C CB  . ASN A 1 39  ? 15.568  8.984   -6.568  1.00 38.95 ? 1894 ASN A CB  1 
ATOM   302  C CG  . ASN A 1 39  ? 16.109  9.716   -7.791  1.00 37.84 ? 1894 ASN A CG  1 
ATOM   303  O OD1 . ASN A 1 39  ? 16.492  9.106   -8.788  1.00 40.14 ? 1894 ASN A OD1 1 
ATOM   304  N ND2 . ASN A 1 39  ? 16.120  11.034  -7.720  1.00 42.25 ? 1894 ASN A ND2 1 
ATOM   305  N N   . LEU A 1 40  ? 15.472  6.031   -8.587  1.00 30.74 ? 1895 LEU A N   1 
ATOM   306  C CA  . LEU A 1 40  ? 16.227  4.908   -9.126  1.00 32.90 ? 1895 LEU A CA  1 
ATOM   307  C C   . LEU A 1 40  ? 17.602  5.313   -9.635  1.00 43.63 ? 1895 LEU A C   1 
ATOM   308  O O   . LEU A 1 40  ? 18.492  4.475   -9.777  1.00 40.75 ? 1895 LEU A O   1 
ATOM   309  C CB  . LEU A 1 40  ? 15.447  4.235   -10.253 1.00 34.11 ? 1895 LEU A CB  1 
ATOM   310  C CG  . LEU A 1 40  ? 14.200  3.466   -9.828  1.00 35.55 ? 1895 LEU A CG  1 
ATOM   311  C CD1 . LEU A 1 40  ? 13.647  2.707   -11.011 1.00 36.68 ? 1895 LEU A CD1 1 
ATOM   312  C CD2 . LEU A 1 40  ? 14.506  2.521   -8.663  1.00 32.12 ? 1895 LEU A CD2 1 
ATOM   313  N N   . LYS A 1 41  ? 17.778  6.599   -9.907  1.00 43.73 ? 1896 LYS A N   1 
ATOM   314  C CA  . LYS A 1 41  ? 19.066  7.077   -10.372 1.00 44.10 ? 1896 LYS A CA  1 
ATOM   315  C C   . LYS A 1 41  ? 19.992  7.417   -9.212  1.00 46.09 ? 1896 LYS A C   1 
ATOM   316  O O   . LYS A 1 41  ? 21.206  7.430   -9.386  1.00 49.16 ? 1896 LYS A O   1 
ATOM   317  C CB  . LYS A 1 41  ? 18.887  8.287   -11.298 1.00 43.76 ? 1896 LYS A CB  1 
ATOM   318  C CG  . LYS A 1 41  ? 18.238  7.919   -12.629 1.00 49.59 ? 1896 LYS A CG  1 
ATOM   319  C CD  . LYS A 1 41  ? 18.499  8.950   -13.719 1.00 58.45 ? 1896 LYS A CD  1 
ATOM   320  C CE  . LYS A 1 41  ? 17.764  10.249  -13.463 1.00 61.85 ? 1896 LYS A CE  1 
ATOM   321  N NZ  . LYS A 1 41  ? 16.287  10.054  -13.478 1.00 69.50 ? 1896 LYS A NZ  1 
ATOM   322  N N   . LEU A 1 42  ? 19.439  7.669   -8.029  1.00 40.61 ? 1897 LEU A N   1 
ATOM   323  C CA  . LEU A 1 42  ? 20.270  8.125   -6.913  1.00 39.88 ? 1897 LEU A CA  1 
ATOM   324  C C   . LEU A 1 42  ? 20.491  7.067   -5.842  1.00 41.60 ? 1897 LEU A C   1 
ATOM   325  O O   . LEU A 1 42  ? 21.357  7.223   -4.985  1.00 41.50 ? 1897 LEU A O   1 
ATOM   326  C CB  . LEU A 1 42  ? 19.663  9.365   -6.260  1.00 39.37 ? 1897 LEU A CB  1 
ATOM   327  C CG  . LEU A 1 42  ? 19.589  10.618  -7.136  1.00 46.54 ? 1897 LEU A CG  1 
ATOM   328  C CD1 . LEU A 1 42  ? 18.895  11.735  -6.396  1.00 47.11 ? 1897 LEU A CD1 1 
ATOM   329  C CD2 . LEU A 1 42  ? 20.983  11.052  -7.562  1.00 44.64 ? 1897 LEU A CD2 1 
ATOM   330  N N   . VAL A 1 43  ? 19.705  5.998   -5.870  1.00 38.38 ? 1898 VAL A N   1 
ATOM   331  C CA  . VAL A 1 43  ? 19.874  4.950   -4.876  1.00 33.21 ? 1898 VAL A CA  1 
ATOM   332  C C   . VAL A 1 43  ? 20.431  3.693   -5.532  1.00 36.62 ? 1898 VAL A C   1 
ATOM   333  O O   . VAL A 1 43  ? 19.705  2.962   -6.203  1.00 33.37 ? 1898 VAL A O   1 
ATOM   334  C CB  . VAL A 1 43  ? 18.560  4.633   -4.161  1.00 36.13 ? 1898 VAL A CB  1 
ATOM   335  C CG1 . VAL A 1 43  ? 18.803  3.627   -3.040  1.00 32.18 ? 1898 VAL A CG1 1 
ATOM   336  C CG2 . VAL A 1 43  ? 17.946  5.921   -3.602  1.00 35.54 ? 1898 VAL A CG2 1 
ATOM   337  N N   . PRO A 1 44  ? 21.742  3.458   -5.357  1.00 40.90 ? 1899 PRO A N   1 
ATOM   338  C CA  . PRO A 1 44  ? 22.429  2.282   -5.909  1.00 40.48 ? 1899 PRO A CA  1 
ATOM   339  C C   . PRO A 1 44  ? 21.750  0.970   -5.522  1.00 35.46 ? 1899 PRO A C   1 
ATOM   340  O O   . PRO A 1 44  ? 21.368  0.779   -4.369  1.00 37.12 ? 1899 PRO A O   1 
ATOM   341  C CB  . PRO A 1 44  ? 23.834  2.370   -5.286  1.00 42.61 ? 1899 PRO A CB  1 
ATOM   342  C CG  . PRO A 1 44  ? 24.024  3.812   -4.969  1.00 41.55 ? 1899 PRO A CG  1 
ATOM   343  C CD  . PRO A 1 44  ? 22.657  4.325   -4.590  1.00 38.35 ? 1899 PRO A CD  1 
ATOM   344  N N   . GLY A 1 45  ? 21.595  0.080   -6.492  1.00 33.10 ? 1900 GLY A N   1 
ATOM   345  C CA  . GLY A 1 45  ? 21.030  -1.227  -6.236  1.00 32.15 ? 1900 GLY A CA  1 
ATOM   346  C C   . GLY A 1 45  ? 19.518  -1.316  -6.354  1.00 31.60 ? 1900 GLY A C   1 
ATOM   347  O O   . GLY A 1 45  ? 18.997  -2.380  -6.681  1.00 30.59 ? 1900 GLY A O   1 
ATOM   348  N N   . TYR A 1 46  ? 18.809  -0.215  -6.107  1.00 34.27 ? 1901 TYR A N   1 
ATOM   349  C CA  . TYR A 1 46  ? 17.346  -0.300  -5.987  1.00 34.57 ? 1901 TYR A CA  1 
ATOM   350  C C   . TYR A 1 46  ? 16.679  -0.833  -7.251  1.00 31.92 ? 1901 TYR A C   1 
ATOM   351  O O   . TYR A 1 46  ? 15.812  -1.714  -7.171  1.00 29.86 ? 1901 TYR A O   1 
ATOM   352  C CB  . TYR A 1 46  ? 16.716  1.052   -5.623  1.00 30.40 ? 1901 TYR A CB  1 
ATOM   353  C CG  . TYR A 1 46  ? 15.412  0.852   -4.865  1.00 29.56 ? 1901 TYR A CG  1 
ATOM   354  C CD1 . TYR A 1 46  ? 15.418  0.539   -3.506  1.00 27.18 ? 1901 TYR A CD1 1 
ATOM   355  C CD2 . TYR A 1 46  ? 14.182  0.935   -5.515  1.00 31.19 ? 1901 TYR A CD2 1 
ATOM   356  C CE1 . TYR A 1 46  ? 14.227  0.340   -2.808  1.00 29.24 ? 1901 TYR A CE1 1 
ATOM   357  C CE2 . TYR A 1 46  ? 12.984  0.742   -4.824  1.00 26.89 ? 1901 TYR A CE2 1 
ATOM   358  C CZ  . TYR A 1 46  ? 13.011  0.437   -3.478  1.00 29.64 ? 1901 TYR A CZ  1 
ATOM   359  O OH  . TYR A 1 46  ? 11.820  0.229   -2.798  1.00 31.44 ? 1901 TYR A OH  1 
ATOM   360  N N   . LYS A 1 47  ? 17.091  -0.326  -8.409  1.00 32.39 ? 1902 LYS A N   1 
ATOM   361  C CA  . LYS A 1 47  ? 16.451  -0.726  -9.658  1.00 33.84 ? 1902 LYS A CA  1 
ATOM   362  C C   . LYS A 1 47  ? 16.613  -2.227  -9.927  1.00 33.91 ? 1902 LYS A C   1 
ATOM   363  O O   . LYS A 1 47  ? 15.657  -2.902  -10.309 1.00 32.63 ? 1902 LYS A O   1 
ATOM   364  C CB  . LYS A 1 47  ? 17.007  0.077   -10.830 1.00 35.84 ? 1902 LYS A CB  1 
ATOM   365  C CG  . LYS A 1 47  ? 16.143  0.028   -12.095 1.00 40.88 ? 1902 LYS A CG  1 
ATOM   366  C CD  . LYS A 1 47  ? 16.810  0.821   -13.218 1.00 47.37 ? 1902 LYS A CD  1 
ATOM   367  C CE  . LYS A 1 47  ? 15.849  1.198   -14.344 1.00 55.25 ? 1902 LYS A CE  1 
ATOM   368  N NZ  . LYS A 1 47  ? 15.377  0.026   -15.121 1.00 58.17 ? 1902 LYS A NZ  1 
ATOM   369  N N   . LYS A 1 48  ? 17.815  -2.747  -9.704  1.00 32.02 ? 1903 LYS A N   1 
ATOM   370  C CA  . LYS A 1 48  ? 18.102  -4.138  -10.017 1.00 31.75 ? 1903 LYS A CA  1 
ATOM   371  C C   . LYS A 1 48  ? 17.434  -5.069  -9.017  1.00 29.98 ? 1903 LYS A C   1 
ATOM   372  O O   . LYS A 1 48  ? 16.907  -6.112  -9.378  1.00 34.90 ? 1903 LYS A O   1 
ATOM   373  C CB  . LYS A 1 48  ? 19.621  -4.375  -10.039 1.00 35.36 ? 1903 LYS A CB  1 
ATOM   374  C CG  . LYS A 1 48  ? 20.032  -5.797  -10.428 1.00 32.10 ? 1903 LYS A CG  1 
ATOM   375  C CD  . LYS A 1 48  ? 19.505  -6.163  -11.807 1.00 32.41 ? 1903 LYS A CD  1 
ATOM   376  C CE  . LYS A 1 48  ? 19.879  -7.587  -12.195 1.00 33.96 ? 1903 LYS A CE  1 
ATOM   377  N NZ  . LYS A 1 48  ? 21.300  -7.675  -12.645 1.00 34.29 ? 1903 LYS A NZ  1 
ATOM   378  N N   . VAL A 1 49  ? 17.452  -4.679  -7.749  1.00 32.95 ? 1904 VAL A N   1 
ATOM   379  C CA  . VAL A 1 49  ? 16.991  -5.545  -6.674  1.00 30.71 ? 1904 VAL A CA  1 
ATOM   380  C C   . VAL A 1 49  ? 15.465  -5.560  -6.539  1.00 30.99 ? 1904 VAL A C   1 
ATOM   381  O O   . VAL A 1 49  ? 14.861  -6.623  -6.402  1.00 32.79 ? 1904 VAL A O   1 
ATOM   382  C CB  . VAL A 1 49  ? 17.633  -5.119  -5.331  1.00 30.69 ? 1904 VAL A CB  1 
ATOM   383  C CG1 . VAL A 1 49  ? 17.009  -5.859  -4.152  1.00 30.05 ? 1904 VAL A CG1 1 
ATOM   384  C CG2 . VAL A 1 49  ? 19.132  -5.365  -5.381  1.00 32.31 ? 1904 VAL A CG2 1 
ATOM   385  N N   . ILE A 1 50  ? 14.845  -4.384  -6.592  1.00 31.78 ? 1905 ILE A N   1 
ATOM   386  C CA  . ILE A 1 50  ? 13.407  -4.271  -6.332  1.00 30.92 ? 1905 ILE A CA  1 
ATOM   387  C C   . ILE A 1 50  ? 12.635  -4.272  -7.646  1.00 29.61 ? 1905 ILE A C   1 
ATOM   388  O O   . ILE A 1 50  ? 12.566  -3.260  -8.327  1.00 32.62 ? 1905 ILE A O   1 
ATOM   389  C CB  . ILE A 1 50  ? 13.081  -2.995  -5.517  1.00 29.79 ? 1905 ILE A CB  1 
ATOM   390  C CG1 . ILE A 1 50  ? 13.829  -3.021  -4.187  1.00 29.94 ? 1905 ILE A CG1 1 
ATOM   391  C CG2 . ILE A 1 50  ? 11.574  -2.870  -5.255  1.00 28.90 ? 1905 ILE A CG2 1 
ATOM   392  C CD1 . ILE A 1 50  ? 13.375  -4.154  -3.266  1.00 27.53 ? 1905 ILE A CD1 1 
ATOM   393  N N   . LYS A 1 51  ? 12.081  -5.423  -8.001  1.00 28.49 ? 1906 LYS A N   1 
ATOM   394  C CA  . LYS A 1 51  ? 11.483  -5.617  -9.322  1.00 34.26 ? 1906 LYS A CA  1 
ATOM   395  C C   . LYS A 1 51  ? 10.210  -4.794  -9.536  1.00 34.96 ? 1906 LYS A C   1 
ATOM   396  O O   . LYS A 1 51  ? 9.935   -4.354  -10.648 1.00 34.02 ? 1906 LYS A O   1 
ATOM   397  C CB  . LYS A 1 51  ? 11.171  -7.107  -9.547  1.00 36.28 ? 1906 LYS A CB  1 
ATOM   398  C CG  . LYS A 1 51  ? 12.370  -8.030  -9.341  1.00 39.19 ? 1906 LYS A CG  1 
ATOM   399  C CD  . LYS A 1 51  ? 13.491  -7.685  -10.308 1.00 39.45 ? 1906 LYS A CD  1 
ATOM   400  C CE  . LYS A 1 51  ? 14.784  -8.434  -9.949  1.00 41.55 ? 1906 LYS A CE  1 
ATOM   401  N NZ  . LYS A 1 51  ? 15.841  -8.232  -10.986 1.00 42.67 ? 1906 LYS A NZ  1 
ATOM   402  N N   . LYS A 1 52  ? 9.426   -4.604  -8.481  1.00 28.29 ? 1907 LYS A N   1 
ATOM   403  C CA  . LYS A 1 52  ? 8.208   -3.818  -8.593  1.00 30.12 ? 1907 LYS A CA  1 
ATOM   404  C C   . LYS A 1 52  ? 8.156   -2.736  -7.520  1.00 28.38 ? 1907 LYS A C   1 
ATOM   405  O O   . LYS A 1 52  ? 7.591   -2.954  -6.437  1.00 26.23 ? 1907 LYS A O   1 
ATOM   406  C CB  . LYS A 1 52  ? 6.975   -4.724  -8.505  1.00 33.33 ? 1907 LYS A CB  1 
ATOM   407  C CG  . LYS A 1 52  ? 6.837   -5.683  -9.686  1.00 38.48 ? 1907 LYS A CG  1 
ATOM   408  C CD  . LYS A 1 52  ? 5.740   -6.726  -9.460  1.00 51.15 ? 1907 LYS A CD  1 
ATOM   409  C CE  . LYS A 1 52  ? 6.311   -8.118  -9.174  1.00 57.24 ? 1907 LYS A CE  1 
ATOM   410  N NZ  . LYS A 1 52  ? 5.368   -9.210  -9.595  1.00 66.95 ? 1907 LYS A NZ  1 
ATOM   411  N N   . PRO A 1 53  ? 8.776   -1.575  -7.810  1.00 29.54 ? 1908 PRO A N   1 
ATOM   412  C CA  . PRO A 1 53  ? 8.737   -0.405  -6.932  1.00 27.51 ? 1908 PRO A CA  1 
ATOM   413  C C   . PRO A 1 53  ? 7.306   0.059   -6.739  1.00 27.33 ? 1908 PRO A C   1 
ATOM   414  O O   . PRO A 1 53  ? 6.521   0.007   -7.686  1.00 27.59 ? 1908 PRO A O   1 
ATOM   415  C CB  . PRO A 1 53  ? 9.554   0.647   -7.693  1.00 25.85 ? 1908 PRO A CB  1 
ATOM   416  C CG  . PRO A 1 53  ? 10.387  -0.134  -8.649  1.00 30.17 ? 1908 PRO A CG  1 
ATOM   417  C CD  . PRO A 1 53  ? 9.578   -1.326  -9.019  1.00 31.64 ? 1908 PRO A CD  1 
ATOM   418  N N   . MET A 1 54  ? 6.974   0.504   -5.532  1.00 25.03 ? 1909 MET A N   1 
ATOM   419  C CA  . MET A 1 54  ? 5.639   1.035   -5.264  1.00 24.54 ? 1909 MET A CA  1 
ATOM   420  C C   . MET A 1 54  ? 5.717   2.044   -4.116  1.00 24.46 ? 1909 MET A C   1 
ATOM   421  O O   . MET A 1 54  ? 6.571   1.917   -3.229  1.00 24.84 ? 1909 MET A O   1 
ATOM   422  C CB  . MET A 1 54  ? 4.655   -0.112  -4.955  1.00 21.70 ? 1909 MET A CB  1 
ATOM   423  C CG  . MET A 1 54  ? 3.177   0.316   -4.804  1.00 24.03 ? 1909 MET A CG  1 
ATOM   424  S SD  . MET A 1 54  ? 2.536   1.245   -6.226  1.00 26.11 ? 1909 MET A SD  1 
ATOM   425  C CE  . MET A 1 54  ? 2.842   0.072   -7.561  1.00 25.12 ? 1909 MET A CE  1 
ATOM   426  N N   . ASP A 1 55  ? 4.846   3.050   -4.144  1.00 21.10 ? 1910 ASP A N   1 
ATOM   427  C CA  . ASP A 1 55  ? 4.830   4.111   -3.131  1.00 22.10 ? 1910 ASP A CA  1 
ATOM   428  C C   . ASP A 1 55  ? 3.436   4.721   -3.058  1.00 23.07 ? 1910 ASP A C   1 
ATOM   429  O O   . ASP A 1 55  ? 2.613   4.483   -3.947  1.00 23.57 ? 1910 ASP A O   1 
ATOM   430  C CB  . ASP A 1 55  ? 5.847   5.197   -3.467  1.00 23.27 ? 1910 ASP A CB  1 
ATOM   431  C CG  . ASP A 1 55  ? 5.428   6.011   -4.681  1.00 25.66 ? 1910 ASP A CG  1 
ATOM   432  O OD1 . ASP A 1 55  ? 5.571   5.509   -5.817  1.00 25.66 ? 1910 ASP A OD1 1 
ATOM   433  O OD2 . ASP A 1 55  ? 4.954   7.148   -4.497  1.00 27.66 ? 1910 ASP A OD2 1 
ATOM   434  N N   . PHE A 1 56  ? 3.177   5.514   -2.017  1.00 21.98 ? 1911 PHE A N   1 
ATOM   435  C CA  . PHE A 1 56  ? 1.834   6.019   -1.763  1.00 21.58 ? 1911 PHE A CA  1 
ATOM   436  C C   . PHE A 1 56  ? 1.330   6.892   -2.911  1.00 25.17 ? 1911 PHE A C   1 
ATOM   437  O O   . PHE A 1 56  ? 0.160   6.809   -3.255  1.00 25.28 ? 1911 PHE A O   1 
ATOM   438  C CB  . PHE A 1 56  ? 1.779   6.807   -0.444  1.00 21.76 ? 1911 PHE A CB  1 
ATOM   439  C CG  . PHE A 1 56  ? 2.033   5.968   0.794   1.00 23.91 ? 1911 PHE A CG  1 
ATOM   440  C CD1 . PHE A 1 56  ? 2.011   4.579   0.743   1.00 23.10 ? 1911 PHE A CD1 1 
ATOM   441  C CD2 . PHE A 1 56  ? 2.288   6.582   2.013   1.00 22.90 ? 1911 PHE A CD2 1 
ATOM   442  C CE1 . PHE A 1 56  ? 2.250   3.821   1.883   1.00 22.40 ? 1911 PHE A CE1 1 
ATOM   443  C CE2 . PHE A 1 56  ? 2.522   5.829   3.155   1.00 25.56 ? 1911 PHE A CE2 1 
ATOM   444  C CZ  . PHE A 1 56  ? 2.503   4.444   3.088   1.00 22.88 ? 1911 PHE A CZ  1 
ATOM   445  N N   . SER A 1 57  ? 2.192   7.718   -3.510  1.00 23.04 ? 1912 SER A N   1 
ATOM   446  C CA  . SER A 1 57  ? 1.719   8.635   -4.553  1.00 26.47 ? 1912 SER A CA  1 
ATOM   447  C C   . SER A 1 57  ? 1.342   7.855   -5.817  1.00 29.41 ? 1912 SER A C   1 
ATOM   448  O O   . SER A 1 57  ? 0.408   8.225   -6.533  1.00 26.42 ? 1912 SER A O   1 
ATOM   449  C CB  . SER A 1 57  ? 2.763   9.713   -4.881  1.00 28.09 ? 1912 SER A CB  1 
ATOM   450  O OG  . SER A 1 57  ? 3.802   9.184   -5.686  1.00 26.77 ? 1912 SER A OG  1 
ATOM   451  N N   . THR A 1 58  ? 2.052   6.765   -6.088  1.00 24.91 ? 1913 THR A N   1 
ATOM   452  C CA  . THR A 1 58  ? 1.676   5.921   -7.212  1.00 25.29 ? 1913 THR A CA  1 
ATOM   453  C C   . THR A 1 58  ? 0.367   5.193   -6.915  1.00 26.99 ? 1913 THR A C   1 
ATOM   454  O O   . THR A 1 58  ? -0.486  5.032   -7.793  1.00 28.68 ? 1913 THR A O   1 
ATOM   455  C CB  . THR A 1 58  ? 2.757   4.902   -7.538  1.00 26.15 ? 1913 THR A CB  1 
ATOM   456  O OG1 . THR A 1 58  ? 3.973   5.596   -7.837  1.00 28.34 ? 1913 THR A OG1 1 
ATOM   457  C CG2 . THR A 1 58  ? 2.343   4.072   -8.742  1.00 27.08 ? 1913 THR A CG2 1 
ATOM   458  N N   . ILE A 1 59  ? 0.203   4.760   -5.672  1.00 24.72 ? 1914 ILE A N   1 
ATOM   459  C CA  . ILE A 1 59  ? -1.034  4.097   -5.278  1.00 22.83 ? 1914 ILE A CA  1 
ATOM   460  C C   . ILE A 1 59  ? -2.181  5.098   -5.400  1.00 26.88 ? 1914 ILE A C   1 
ATOM   461  O O   . ILE A 1 59  ? -3.246  4.757   -5.894  1.00 25.62 ? 1914 ILE A O   1 
ATOM   462  C CB  . ILE A 1 59  ? -0.946  3.522   -3.843  1.00 24.92 ? 1914 ILE A CB  1 
ATOM   463  C CG1 . ILE A 1 59  ? 0.041   2.337   -3.801  1.00 21.32 ? 1914 ILE A CG1 1 
ATOM   464  C CG2 . ILE A 1 59  ? -2.331  3.097   -3.323  1.00 19.95 ? 1914 ILE A CG2 1 
ATOM   465  C CD1 . ILE A 1 59  ? 0.338   1.825   -2.382  1.00 20.06 ? 1914 ILE A CD1 1 
ATOM   466  N N   . ARG A 1 60  ? -1.942  6.341   -4.986  1.00 25.29 ? 1915 ARG A N   1 
ATOM   467  C CA  . ARG A 1 60  ? -2.969  7.375   -5.054  1.00 26.09 ? 1915 ARG A CA  1 
ATOM   468  C C   . ARG A 1 60  ? -3.377  7.639   -6.504  1.00 32.62 ? 1915 ARG A C   1 
ATOM   469  O O   . ARG A 1 60  ? -4.561  7.790   -6.802  1.00 32.38 ? 1915 ARG A O   1 
ATOM   470  C CB  . ARG A 1 60  ? -2.482  8.668   -4.389  1.00 28.64 ? 1915 ARG A CB  1 
ATOM   471  C CG  . ARG A 1 60  ? -3.387  9.907   -4.602  1.00 30.26 ? 1915 ARG A CG  1 
ATOM   472  C CD  . ARG A 1 60  ? -4.706  9.774   -3.878  1.00 26.01 ? 1915 ARG A CD  1 
ATOM   473  N NE  . ARG A 1 60  ? -4.548  9.877   -2.435  1.00 27.18 ? 1915 ARG A NE  1 
ATOM   474  C CZ  . ARG A 1 60  ? -5.505  9.613   -1.551  1.00 30.45 ? 1915 ARG A CZ  1 
ATOM   475  N NH1 . ARG A 1 60  ? -6.704  9.206   -1.951  1.00 32.52 ? 1915 ARG A NH1 1 
ATOM   476  N NH2 . ARG A 1 60  ? -5.255  9.734   -0.262  1.00 33.51 ? 1915 ARG A NH2 1 
ATOM   477  N N   . GLU A 1 61  ? -2.400  7.672   -7.404  1.00 28.00 ? 1916 GLU A N   1 
ATOM   478  C CA  . GLU A 1 61  ? -2.688  7.893   -8.816  1.00 29.98 ? 1916 GLU A CA  1 
ATOM   479  C C   . GLU A 1 61  ? -3.512  6.733   -9.388  1.00 33.32 ? 1916 GLU A C   1 
ATOM   480  O O   . GLU A 1 61  ? -4.535  6.965   -10.036 1.00 33.20 ? 1916 GLU A O   1 
ATOM   481  C CB  . GLU A 1 61  ? -1.390  8.077   -9.609  1.00 30.59 ? 1916 GLU A CB  1 
ATOM   482  C CG  . GLU A 1 61  ? -1.583  8.551   -11.055 1.00 38.67 ? 1916 GLU A CG  1 
ATOM   483  C CD  . GLU A 1 61  ? -2.337  9.884   -11.168 1.00 45.19 ? 1916 GLU A CD  1 
ATOM   484  O OE1 . GLU A 1 61  ? -2.099  10.803  -10.346 1.00 44.98 ? 1916 GLU A OE1 1 
ATOM   485  O OE2 . GLU A 1 61  ? -3.179  10.013  -12.086 1.00 48.73 ? 1916 GLU A OE2 1 
ATOM   486  N N   . LYS A 1 62  ? -3.071  5.497   -9.145  1.00 30.03 ? 1917 LYS A N   1 
ATOM   487  C CA  . LYS A 1 62  ? -3.811  4.308   -9.580  1.00 28.80 ? 1917 LYS A CA  1 
ATOM   488  C C   . LYS A 1 62  ? -5.251  4.294   -9.042  1.00 29.66 ? 1917 LYS A C   1 
ATOM   489  O O   . LYS A 1 62  ? -6.185  3.957   -9.765  1.00 30.73 ? 1917 LYS A O   1 
ATOM   490  C CB  . LYS A 1 62  ? -3.088  3.025   -9.147  1.00 26.41 ? 1917 LYS A CB  1 
ATOM   491  C CG  . LYS A 1 62  ? -1.836  2.724   -9.966  1.00 29.77 ? 1917 LYS A CG  1 
ATOM   492  C CD  . LYS A 1 62  ? -1.071  1.527   -9.455  1.00 27.69 ? 1917 LYS A CD  1 
ATOM   493  C CE  . LYS A 1 62  ? -1.744  0.228   -9.829  1.00 28.02 ? 1917 LYS A CE  1 
ATOM   494  N NZ  . LYS A 1 62  ? -0.832  -0.912  -9.547  1.00 29.01 ? 1917 LYS A NZ  1 
ATOM   495  N N   . LEU A 1 63  ? -5.423  4.660   -7.776  1.00 25.92 ? 1918 LEU A N   1 
ATOM   496  C CA  . LEU A 1 63  ? -6.741  4.644   -7.160  1.00 29.59 ? 1918 LEU A CA  1 
ATOM   497  C C   . LEU A 1 63  ? -7.668  5.678   -7.801  1.00 32.42 ? 1918 LEU A C   1 
ATOM   498  O O   . LEU A 1 63  ? -8.808  5.369   -8.111  1.00 33.71 ? 1918 LEU A O   1 
ATOM   499  C CB  . LEU A 1 63  ? -6.633  4.897   -5.651  1.00 30.61 ? 1918 LEU A CB  1 
ATOM   500  C CG  . LEU A 1 63  ? -7.898  4.636   -4.820  1.00 28.98 ? 1918 LEU A CG  1 
ATOM   501  C CD1 . LEU A 1 63  ? -8.273  3.154   -4.845  1.00 26.94 ? 1918 LEU A CD1 1 
ATOM   502  C CD2 . LEU A 1 63  ? -7.751  5.138   -3.385  1.00 26.75 ? 1918 LEU A CD2 1 
ATOM   503  N N   . SER A 1 64  ? -7.166  6.897   -7.997  1.00 30.67 ? 1919 SER A N   1 
ATOM   504  C CA  . SER A 1 64  ? -7.944  7.996   -8.578  1.00 35.40 ? 1919 SER A CA  1 
ATOM   505  C C   . SER A 1 64  ? -8.270  7.805   -10.065 1.00 31.73 ? 1919 SER A C   1 
ATOM   506  O O   . SER A 1 64  ? -9.077  8.540   -10.634 1.00 33.99 ? 1919 SER A O   1 
ATOM   507  C CB  . SER A 1 64  ? -7.200  9.325   -8.400  1.00 35.30 ? 1919 SER A CB  1 
ATOM   508  O OG  . SER A 1 64  ? -7.066  9.646   -7.028  1.00 39.77 ? 1919 SER A OG  1 
ATOM   509  N N   . SER A 1 65  ? -7.644  6.824   -10.696 1.00 29.44 ? 1920 SER A N   1 
ATOM   510  C CA  . SER A 1 65  ? -7.819  6.645   -12.122 1.00 30.03 ? 1920 SER A CA  1 
ATOM   511  C C   . SER A 1 65  ? -8.414  5.280   -12.472 1.00 29.66 ? 1920 SER A C   1 
ATOM   512  O O   . SER A 1 65  ? -8.274  4.812   -13.606 1.00 30.78 ? 1920 SER A O   1 
ATOM   513  C CB  . SER A 1 65  ? -6.485  6.844   -12.836 1.00 30.37 ? 1920 SER A CB  1 
ATOM   514  O OG  . SER A 1 65  ? -5.523  5.899   -12.398 1.00 32.87 ? 1920 SER A OG  1 
ATOM   515  N N   . GLY A 1 66  ? -9.069  4.644   -11.497 1.00 29.77 ? 1921 GLY A N   1 
ATOM   516  C CA  . GLY A 1 66  ? -9.776  3.393   -11.719 1.00 25.04 ? 1921 GLY A CA  1 
ATOM   517  C C   . GLY A 1 66  ? -8.897  2.219   -12.099 1.00 29.69 ? 1921 GLY A C   1 
ATOM   518  O O   . GLY A 1 66  ? -9.307  1.329   -12.845 1.00 27.30 ? 1921 GLY A O   1 
ATOM   519  N N   . GLN A 1 67  ? -7.681  2.193   -11.572 1.00 30.50 ? 1922 GLN A N   1 
ATOM   520  C CA  . GLN A 1 67  ? -6.745  1.133   -11.931 1.00 29.37 ? 1922 GLN A CA  1 
ATOM   521  C C   . GLN A 1 67  ? -6.732  -0.041  -10.939 1.00 30.66 ? 1922 GLN A C   1 
ATOM   522  O O   . GLN A 1 67  ? -6.051  -1.042  -11.174 1.00 29.30 ? 1922 GLN A O   1 
ATOM   523  C CB  . GLN A 1 67  ? -5.332  1.719   -12.089 1.00 34.08 ? 1922 GLN A CB  1 
ATOM   524  C CG  . GLN A 1 67  ? -5.203  2.695   -13.269 1.00 30.59 ? 1922 GLN A CG  1 
ATOM   525  C CD  . GLN A 1 67  ? -3.756  3.061   -13.583 1.00 35.13 ? 1922 GLN A CD  1 
ATOM   526  O OE1 . GLN A 1 67  ? -2.921  2.196   -13.834 1.00 36.87 ? 1922 GLN A OE1 1 
ATOM   527  N NE2 . GLN A 1 67  ? -3.454  4.350   -13.542 1.00 35.53 ? 1922 GLN A NE2 1 
ATOM   528  N N   . TYR A 1 68  ? -7.478  0.072   -9.840  1.00 30.58 ? 1923 TYR A N   1 
ATOM   529  C CA  . TYR A 1 68  ? -7.678  -1.080  -8.954  1.00 27.59 ? 1923 TYR A CA  1 
ATOM   530  C C   . TYR A 1 68  ? -9.045  -1.715  -9.217  1.00 33.16 ? 1923 TYR A C   1 
ATOM   531  O O   . TYR A 1 68  ? -10.080 -1.094  -8.969  1.00 29.29 ? 1923 TYR A O   1 
ATOM   532  C CB  . TYR A 1 68  ? -7.554  -0.683  -7.473  1.00 28.99 ? 1923 TYR A CB  1 
ATOM   533  C CG  . TYR A 1 68  ? -6.137  -0.285  -7.096  1.00 26.36 ? 1923 TYR A CG  1 
ATOM   534  C CD1 . TYR A 1 68  ? -5.097  -1.193  -7.205  1.00 26.86 ? 1923 TYR A CD1 1 
ATOM   535  C CD2 . TYR A 1 68  ? -5.845  0.996   -6.644  1.00 24.56 ? 1923 TYR A CD2 1 
ATOM   536  C CE1 . TYR A 1 68  ? -3.789  -0.838  -6.886  1.00 26.48 ? 1923 TYR A CE1 1 
ATOM   537  C CE2 . TYR A 1 68  ? -4.537  1.366   -6.318  1.00 25.62 ? 1923 TYR A CE2 1 
ATOM   538  C CZ  . TYR A 1 68  ? -3.514  0.431   -6.442  1.00 25.69 ? 1923 TYR A CZ  1 
ATOM   539  O OH  . TYR A 1 68  ? -2.208  0.773   -6.140  1.00 23.91 ? 1923 TYR A OH  1 
ATOM   540  N N   . PRO A 1 69  ? -9.053  -2.948  -9.743  1.00 29.38 ? 1924 PRO A N   1 
ATOM   541  C CA  . PRO A 1 69  ? -10.333 -3.610  -10.004 1.00 33.35 ? 1924 PRO A CA  1 
ATOM   542  C C   . PRO A 1 69  ? -11.112 -3.919  -8.735  1.00 35.15 ? 1924 PRO A C   1 
ATOM   543  O O   . PRO A 1 69  ? -12.335 -3.961  -8.812  1.00 38.86 ? 1924 PRO A O   1 
ATOM   544  C CB  . PRO A 1 69  ? -9.931  -4.900  -10.735 1.00 31.25 ? 1924 PRO A CB  1 
ATOM   545  C CG  . PRO A 1 69  ? -8.486  -5.054  -10.507 1.00 35.46 ? 1924 PRO A CG  1 
ATOM   546  C CD  . PRO A 1 69  ? -7.929  -3.676  -10.345 1.00 31.54 ? 1924 PRO A CD  1 
ATOM   547  N N   . ASN A 1 70  ? -10.436 -4.104  -7.601  1.00 30.26 ? 1925 ASN A N   1 
ATOM   548  C CA  . ASN A 1 70  ? -11.128 -4.395  -6.354  1.00 31.55 ? 1925 ASN A CA  1 
ATOM   549  C C   . ASN A 1 70  ? -10.292 -4.078  -5.111  1.00 35.11 ? 1925 ASN A C   1 
ATOM   550  O O   . ASN A 1 70  ? -9.115  -3.723  -5.216  1.00 31.86 ? 1925 ASN A O   1 
ATOM   551  C CB  . ASN A 1 70  ? -11.548 -5.862  -6.317  1.00 31.24 ? 1925 ASN A CB  1 
ATOM   552  C CG  . ASN A 1 70  ? -10.369 -6.799  -6.442  1.00 32.45 ? 1925 ASN A CG  1 
ATOM   553  O OD1 . ASN A 1 70  ? -9.471  -6.798  -5.600  1.00 35.65 ? 1925 ASN A OD1 1 
ATOM   554  N ND2 . ASN A 1 70  ? -10.361 -7.608  -7.488  1.00 31.80 ? 1925 ASN A ND2 1 
ATOM   555  N N   . LEU A 1 71  ? -10.939 -4.202  -3.952  1.00 33.46 ? 1926 LEU A N   1 
ATOM   556  C CA  . LEU A 1 71  ? -10.324 -4.108  -2.623  1.00 38.26 ? 1926 LEU A CA  1 
ATOM   557  C C   . LEU A 1 71  ? -8.936  -4.711  -2.497  1.00 30.61 ? 1926 LEU A C   1 
ATOM   558  O O   . LEU A 1 71  ? -8.018  -4.101  -1.969  1.00 31.84 ? 1926 LEU A O   1 
ATOM   559  C CB  . LEU A 1 71  ? -11.204 -4.828  -1.588  1.00 41.41 ? 1926 LEU A CB  1 
ATOM   560  C CG  . LEU A 1 71  ? -12.186 -3.990  -0.807  1.00 41.07 ? 1926 LEU A CG  1 
ATOM   561  C CD1 . LEU A 1 71  ? -12.376 -4.598  0.561   1.00 35.66 ? 1926 LEU A CD1 1 
ATOM   562  C CD2 . LEU A 1 71  ? -11.635 -2.597  -0.707  1.00 40.11 ? 1926 LEU A CD2 1 
ATOM   563  N N   . GLU A 1 72  ? -8.823  -5.951  -2.942  1.00 32.85 ? 1927 GLU A N   1 
ATOM   564  C CA  . GLU A 1 72  ? -7.636  -6.728  -2.671  1.00 36.35 ? 1927 GLU A CA  1 
ATOM   565  C C   . GLU A 1 72  ? -6.451  -6.280  -3.503  1.00 31.47 ? 1927 GLU A C   1 
ATOM   566  O O   . GLU A 1 72  ? -5.324  -6.287  -3.014  1.00 30.46 ? 1927 GLU A O   1 
ATOM   567  C CB  . GLU A 1 72  ? -7.918  -8.208  -2.892  1.00 31.54 ? 1927 GLU A CB  1 
ATOM   568  C CG  . GLU A 1 72  ? -9.078  -8.724  -2.005  1.00 43.70 ? 1927 GLU A CG  1 
ATOM   569  C CD  . GLU A 1 72  ? -8.860  -8.511  -0.484  1.00 48.33 ? 1927 GLU A CD  1 
ATOM   570  O OE1 . GLU A 1 72  ? -9.879  -8.436  0.246   1.00 48.09 ? 1927 GLU A OE1 1 
ATOM   571  O OE2 . GLU A 1 72  ? -7.691  -8.442  -0.012  1.00 47.36 ? 1927 GLU A OE2 1 
ATOM   572  N N   . THR A 1 73  ? -6.686  -5.885  -4.752  1.00 27.69 ? 1928 THR A N   1 
ATOM   573  C CA  . THR A 1 73  ? -5.574  -5.421  -5.570  1.00 29.85 ? 1928 THR A CA  1 
ATOM   574  C C   . THR A 1 73  ? -5.004  -4.146  -4.948  1.00 28.07 ? 1928 THR A C   1 
ATOM   575  O O   . THR A 1 73  ? -3.819  -3.880  -5.063  1.00 28.73 ? 1928 THR A O   1 
ATOM   576  C CB  . THR A 1 73  ? -5.975  -5.161  -7.046  1.00 31.28 ? 1928 THR A CB  1 
ATOM   577  O OG1 . THR A 1 73  ? -7.010  -4.172  -7.108  1.00 29.47 ? 1928 THR A OG1 1 
ATOM   578  C CG2 . THR A 1 73  ? -6.446  -6.446  -7.729  1.00 29.00 ? 1928 THR A CG2 1 
ATOM   579  N N   . PHE A 1 74  ? -5.851  -3.364  -4.282  1.00 28.87 ? 1929 PHE A N   1 
ATOM   580  C CA  . PHE A 1 74  ? -5.376  -2.178  -3.581  1.00 25.64 ? 1929 PHE A CA  1 
ATOM   581  C C   . PHE A 1 74  ? -4.469  -2.593  -2.422  1.00 27.81 ? 1929 PHE A C   1 
ATOM   582  O O   . PHE A 1 74  ? -3.354  -2.098  -2.303  1.00 27.69 ? 1929 PHE A O   1 
ATOM   583  C CB  . PHE A 1 74  ? -6.554  -1.337  -3.084  1.00 26.06 ? 1929 PHE A CB  1 
ATOM   584  C CG  . PHE A 1 74  ? -6.165  -0.229  -2.136  1.00 25.62 ? 1929 PHE A CG  1 
ATOM   585  C CD1 . PHE A 1 74  ? -5.627  0.961   -2.616  1.00 23.76 ? 1929 PHE A CD1 1 
ATOM   586  C CD2 . PHE A 1 74  ? -6.355  -0.376  -0.764  1.00 25.44 ? 1929 PHE A CD2 1 
ATOM   587  C CE1 . PHE A 1 74  ? -5.270  1.976   -1.745  1.00 25.41 ? 1929 PHE A CE1 1 
ATOM   588  C CE2 . PHE A 1 74  ? -6.003  0.643   0.118   1.00 26.85 ? 1929 PHE A CE2 1 
ATOM   589  C CZ  . PHE A 1 74  ? -5.456  1.820   -0.374  1.00 24.55 ? 1929 PHE A CZ  1 
ATOM   590  N N   . ALA A 1 75  ? -4.941  -3.518  -1.590  1.00 27.29 ? 1930 ALA A N   1 
ATOM   591  C CA  . ALA A 1 75  ? -4.186  -3.949  -0.421  1.00 26.08 ? 1930 ALA A CA  1 
ATOM   592  C C   . ALA A 1 75  ? -2.845  -4.579  -0.829  1.00 26.30 ? 1930 ALA A C   1 
ATOM   593  O O   . ALA A 1 75  ? -1.847  -4.406  -0.137  1.00 22.87 ? 1930 ALA A O   1 
ATOM   594  C CB  . ALA A 1 75  ? -5.007  -4.918  0.409   1.00 26.50 ? 1930 ALA A CB  1 
ATOM   595  N N   . LEU A 1 76  ? -2.820  -5.277  -1.963  1.00 24.64 ? 1931 LEU A N   1 
ATOM   596  C CA  . LEU A 1 76  ? -1.581  -5.865  -2.463  1.00 27.64 ? 1931 LEU A CA  1 
ATOM   597  C C   . LEU A 1 76  ? -0.508  -4.806  -2.769  1.00 27.73 ? 1931 LEU A C   1 
ATOM   598  O O   . LEU A 1 76  ? 0.661   -4.998  -2.456  1.00 26.93 ? 1931 LEU A O   1 
ATOM   599  C CB  . LEU A 1 76  ? -1.857  -6.709  -3.713  1.00 30.47 ? 1931 LEU A CB  1 
ATOM   600  C CG  . LEU A 1 76  ? -2.544  -8.059  -3.472  1.00 35.98 ? 1931 LEU A CG  1 
ATOM   601  C CD1 . LEU A 1 76  ? -3.035  -8.664  -4.793  1.00 32.49 ? 1931 LEU A CD1 1 
ATOM   602  C CD2 . LEU A 1 76  ? -1.594  -9.020  -2.755  1.00 37.48 ? 1931 LEU A CD2 1 
ATOM   603  N N   . ASP A 1 77  ? -0.899  -3.689  -3.376  1.00 26.03 ? 1932 ASP A N   1 
ATOM   604  C CA  . ASP A 1 77  ? 0.068   -2.616  -3.637  1.00 25.67 ? 1932 ASP A CA  1 
ATOM   605  C C   . ASP A 1 77  ? 0.560   -1.970  -2.350  1.00 23.82 ? 1932 ASP A C   1 
ATOM   606  O O   . ASP A 1 77  ? 1.743   -1.681  -2.226  1.00 24.01 ? 1932 ASP A O   1 
ATOM   607  C CB  . ASP A 1 77  ? -0.525  -1.551  -4.553  1.00 22.83 ? 1932 ASP A CB  1 
ATOM   608  C CG  . ASP A 1 77  ? -0.143  -1.763  -6.012  1.00 29.46 ? 1932 ASP A CG  1 
ATOM   609  O OD1 . ASP A 1 77  ? 0.555   -2.762  -6.323  1.00 28.26 ? 1932 ASP A OD1 1 
ATOM   610  O OD2 . ASP A 1 77  ? -0.546  -0.936  -6.849  1.00 25.31 ? 1932 ASP A OD2 1 
ATOM   611  N N   . VAL A 1 78  ? -0.341  -1.739  -1.398  1.00 23.05 ? 1933 VAL A N   1 
ATOM   612  C CA  . VAL A 1 78  ? 0.076   -1.199  -0.109  1.00 20.22 ? 1933 VAL A CA  1 
ATOM   613  C C   . VAL A 1 78  ? 1.095   -2.137  0.561   1.00 24.61 ? 1933 VAL A C   1 
ATOM   614  O O   . VAL A 1 78  ? 2.145   -1.692  1.042   1.00 24.93 ? 1933 VAL A O   1 
ATOM   615  C CB  . VAL A 1 78  ? -1.114  -0.976  0.829   1.00 23.77 ? 1933 VAL A CB  1 
ATOM   616  C CG1 . VAL A 1 78  ? -0.633  -0.499  2.192   1.00 20.69 ? 1933 VAL A CG1 1 
ATOM   617  C CG2 . VAL A 1 78  ? -2.093  0.042   0.218   1.00 22.18 ? 1933 VAL A CG2 1 
ATOM   618  N N   . ARG A 1 79  ? 0.808   -3.437  0.568   1.00 27.36 ? 1934 ARG A N   1 
ATOM   619  C CA  . ARG A 1 79  ? 1.711   -4.393  1.206   1.00 24.49 ? 1934 ARG A CA  1 
ATOM   620  C C   . ARG A 1 79  ? 3.037   -4.476  0.458   1.00 24.25 ? 1934 ARG A C   1 
ATOM   621  O O   . ARG A 1 79  ? 4.087   -4.665  1.073   1.00 22.45 ? 1934 ARG A O   1 
ATOM   622  C CB  . ARG A 1 79  ? 1.052   -5.768  1.305   1.00 25.54 ? 1934 ARG A CB  1 
ATOM   623  C CG  . ARG A 1 79  ? -0.096  -5.776  2.314   1.00 27.59 ? 1934 ARG A CG  1 
ATOM   624  C CD  . ARG A 1 79  ? -0.928  -7.051  2.292   1.00 26.90 ? 1934 ARG A CD  1 
ATOM   625  N NE  . ARG A 1 79  ? -2.012  -6.909  3.253   1.00 32.03 ? 1934 ARG A NE  1 
ATOM   626  C CZ  . ARG A 1 79  ? -3.241  -7.380  3.102   1.00 29.75 ? 1934 ARG A CZ  1 
ATOM   627  N NH1 . ARG A 1 79  ? -3.567  -8.075  2.015   1.00 27.92 ? 1934 ARG A NH1 1 
ATOM   628  N NH2 . ARG A 1 79  ? -4.138  -7.150  4.055   1.00 29.64 ? 1934 ARG A NH2 1 
ATOM   629  N N   . LEU A 1 80  ? 2.976   -4.311  -0.862  1.00 25.06 ? 1935 LEU A N   1 
ATOM   630  C CA  . LEU A 1 80  ? 4.171   -4.329  -1.708  1.00 26.23 ? 1935 LEU A CA  1 
ATOM   631  C C   . LEU A 1 80  ? 5.152   -3.242  -1.275  1.00 24.62 ? 1935 LEU A C   1 
ATOM   632  O O   . LEU A 1 80  ? 6.362   -3.465  -1.254  1.00 26.52 ? 1935 LEU A O   1 
ATOM   633  C CB  . LEU A 1 80  ? 3.790   -4.148  -3.181  1.00 24.68 ? 1935 LEU A CB  1 
ATOM   634  C CG  . LEU A 1 80  ? 4.929   -4.013  -4.199  1.00 27.02 ? 1935 LEU A CG  1 
ATOM   635  C CD1 . LEU A 1 80  ? 5.899   -5.231  -4.166  1.00 26.30 ? 1935 LEU A CD1 1 
ATOM   636  C CD2 . LEU A 1 80  ? 4.372   -3.777  -5.605  1.00 25.66 ? 1935 LEU A CD2 1 
ATOM   637  N N   . VAL A 1 81  ? 4.623   -2.071  -0.929  1.00 25.27 ? 1936 VAL A N   1 
ATOM   638  C CA  . VAL A 1 81  ? 5.446   -0.976  -0.403  1.00 20.03 ? 1936 VAL A CA  1 
ATOM   639  C C   . VAL A 1 81  ? 6.288   -1.446  0.800   1.00 24.18 ? 1936 VAL A C   1 
ATOM   640  O O   . VAL A 1 81  ? 7.490   -1.206  0.851   1.00 20.68 ? 1936 VAL A O   1 
ATOM   641  C CB  . VAL A 1 81  ? 4.581   0.246   0.019   1.00 23.56 ? 1936 VAL A CB  1 
ATOM   642  C CG1 . VAL A 1 81  ? 5.438   1.301   0.741   1.00 24.31 ? 1936 VAL A CG1 1 
ATOM   643  C CG2 . VAL A 1 81  ? 3.864   0.873   -1.194  1.00 17.98 ? 1936 VAL A CG2 1 
ATOM   644  N N   . PHE A 1 82  ? 5.669   -2.153  1.742   1.00 20.30 ? 1937 PHE A N   1 
ATOM   645  C CA  . PHE A 1 82  ? 6.370   -2.529  2.977   1.00 26.01 ? 1937 PHE A CA  1 
ATOM   646  C C   . PHE A 1 82  ? 7.245   -3.770  2.793   1.00 25.37 ? 1937 PHE A C   1 
ATOM   647  O O   . PHE A 1 82  ? 8.273   -3.914  3.458   1.00 28.16 ? 1937 PHE A O   1 
ATOM   648  C CB  . PHE A 1 82  ? 5.349   -2.717  4.105   1.00 25.77 ? 1937 PHE A CB  1 
ATOM   649  C CG  . PHE A 1 82  ? 4.458   -1.510  4.292   1.00 25.98 ? 1937 PHE A CG  1 
ATOM   650  C CD1 . PHE A 1 82  ? 5.009   -0.226  4.302   1.00 22.40 ? 1937 PHE A CD1 1 
ATOM   651  C CD2 . PHE A 1 82  ? 3.081   -1.646  4.390   1.00 22.92 ? 1937 PHE A CD2 1 
ATOM   652  C CE1 . PHE A 1 82  ? 4.202   0.911   4.432   1.00 26.73 ? 1937 PHE A CE1 1 
ATOM   653  C CE2 . PHE A 1 82  ? 2.259   -0.516  4.536   1.00 25.57 ? 1937 PHE A CE2 1 
ATOM   654  C CZ  . PHE A 1 82  ? 2.825   0.769   4.559   1.00 23.59 ? 1937 PHE A CZ  1 
ATOM   655  N N   . ASP A 1 83  ? 6.850   -4.638  1.867   1.00 26.16 ? 1938 ASP A N   1 
ATOM   656  C CA  . ASP A 1 83  ? 7.674   -5.777  1.463   1.00 25.34 ? 1938 ASP A CA  1 
ATOM   657  C C   . ASP A 1 83  ? 8.946   -5.301  0.766   1.00 29.75 ? 1938 ASP A C   1 
ATOM   658  O O   . ASP A 1 83  ? 10.037  -5.793  1.057   1.00 27.71 ? 1938 ASP A O   1 
ATOM   659  C CB  . ASP A 1 83  ? 6.891   -6.713  0.548   1.00 27.25 ? 1938 ASP A CB  1 
ATOM   660  C CG  . ASP A 1 83  ? 5.782   -7.462  1.283   1.00 31.37 ? 1938 ASP A CG  1 
ATOM   661  O OD1 . ASP A 1 83  ? 5.797   -7.475  2.536   1.00 30.64 ? 1938 ASP A OD1 1 
ATOM   662  O OD2 . ASP A 1 83  ? 4.902   -8.043  0.604   1.00 31.13 ? 1938 ASP A OD2 1 
ATOM   663  N N   . ASN A 1 84  ? 8.815   -4.336  -0.146  1.00 26.63 ? 1939 ASN A N   1 
ATOM   664  C CA  . ASN A 1 84  ? 10.001  -3.732  -0.750  1.00 26.50 ? 1939 ASN A CA  1 
ATOM   665  C C   . ASN A 1 84  ? 10.893  -3.121  0.311   1.00 29.42 ? 1939 ASN A C   1 
ATOM   666  O O   . ASN A 1 84  ? 12.110  -3.286  0.264   1.00 26.77 ? 1939 ASN A O   1 
ATOM   667  C CB  . ASN A 1 84  ? 9.635   -2.662  -1.762  1.00 24.03 ? 1939 ASN A CB  1 
ATOM   668  C CG  . ASN A 1 84  ? 9.023   -3.238  -3.016  1.00 27.03 ? 1939 ASN A CG  1 
ATOM   669  O OD1 . ASN A 1 84  ? 9.069   -4.449  -3.234  1.00 24.73 ? 1939 ASN A OD1 1 
ATOM   670  N ND2 . ASN A 1 84  ? 8.472   -2.370  -3.860  1.00 23.99 ? 1939 ASN A ND2 1 
ATOM   671  N N   . CYS A 1 85  ? 10.281  -2.420  1.264   1.00 25.17 ? 1940 CYS A N   1 
ATOM   672  C CA  . CYS A 1 85  ? 11.040  -1.746  2.312   1.00 29.03 ? 1940 CYS A CA  1 
ATOM   673  C C   . CYS A 1 85  ? 11.880  -2.742  3.119   1.00 29.99 ? 1940 CYS A C   1 
ATOM   674  O O   . CYS A 1 85  ? 13.045  -2.479  3.425   1.00 28.49 ? 1940 CYS A O   1 
ATOM   675  C CB  . CYS A 1 85  ? 10.109  -0.976  3.241   1.00 23.70 ? 1940 CYS A CB  1 
ATOM   676  S SG  . CYS A 1 85  ? 10.956  -0.076  4.555   1.00 26.80 ? 1940 CYS A SG  1 
ATOM   677  N N   . GLU A 1 86  ? 11.276  -3.882  3.444   1.00 27.31 ? 1941 GLU A N   1 
ATOM   678  C CA  . GLU A 1 86  ? 11.950  -4.930  4.204   1.00 31.54 ? 1941 GLU A CA  1 
ATOM   679  C C   . GLU A 1 86  ? 13.091  -5.577  3.442   1.00 32.84 ? 1941 GLU A C   1 
ATOM   680  O O   . GLU A 1 86  ? 14.121  -5.923  4.023   1.00 33.17 ? 1941 GLU A O   1 
ATOM   681  C CB  . GLU A 1 86  ? 10.961  -6.006  4.619   1.00 30.04 ? 1941 GLU A CB  1 
ATOM   682  C CG  . GLU A 1 86  ? 10.317  -5.694  5.933   1.00 41.68 ? 1941 GLU A CG  1 
ATOM   683  C CD  . GLU A 1 86  ? 9.701   -6.906  6.581   1.00 46.77 ? 1941 GLU A CD  1 
ATOM   684  O OE1 . GLU A 1 86  ? 10.482  -7.819  6.935   1.00 46.45 ? 1941 GLU A OE1 1 
ATOM   685  O OE2 . GLU A 1 86  ? 8.448   -6.933  6.726   1.00 38.57 ? 1941 GLU A OE2 1 
ATOM   686  N N   . THR A 1 87  ? 12.892  -5.756  2.145   1.00 29.07 ? 1942 THR A N   1 
ATOM   687  C CA  . THR A 1 87  ? 13.914  -6.328  1.288   1.00 31.99 ? 1942 THR A CA  1 
ATOM   688  C C   . THR A 1 87  ? 15.176  -5.469  1.252   1.00 32.38 ? 1942 THR A C   1 
ATOM   689  O O   . THR A 1 87  ? 16.283  -5.985  1.285   1.00 32.36 ? 1942 THR A O   1 
ATOM   690  C CB  . THR A 1 87  ? 13.391  -6.521  -0.144  1.00 30.66 ? 1942 THR A CB  1 
ATOM   691  O OG1 . THR A 1 87  ? 12.420  -7.566  -0.143  1.00 29.57 ? 1942 THR A OG1 1 
ATOM   692  C CG2 . THR A 1 87  ? 14.526  -6.917  -1.087  1.00 34.69 ? 1942 THR A CG2 1 
ATOM   693  N N   . PHE A 1 88  ? 15.006  -4.154  1.212   1.00 31.75 ? 1943 PHE A N   1 
ATOM   694  C CA  . PHE A 1 88  ? 16.130  -3.269  0.957   1.00 30.52 ? 1943 PHE A CA  1 
ATOM   695  C C   . PHE A 1 88  ? 16.736  -2.614  2.206   1.00 32.98 ? 1943 PHE A C   1 
ATOM   696  O O   . PHE A 1 88  ? 17.855  -2.118  2.152   1.00 34.51 ? 1943 PHE A O   1 
ATOM   697  C CB  . PHE A 1 88  ? 15.705  -2.178  -0.029  1.00 29.14 ? 1943 PHE A CB  1 
ATOM   698  C CG  . PHE A 1 88  ? 16.845  -1.566  -0.789  1.00 26.92 ? 1943 PHE A CG  1 
ATOM   699  C CD1 . PHE A 1 88  ? 17.369  -2.201  -1.912  1.00 28.62 ? 1943 PHE A CD1 1 
ATOM   700  C CD2 . PHE A 1 88  ? 17.379  -0.350  -0.402  1.00 28.16 ? 1943 PHE A CD2 1 
ATOM   701  C CE1 . PHE A 1 88  ? 18.416  -1.637  -2.634  1.00 29.82 ? 1943 PHE A CE1 1 
ATOM   702  C CE2 . PHE A 1 88  ? 18.427  0.225   -1.120  1.00 32.92 ? 1943 PHE A CE2 1 
ATOM   703  C CZ  . PHE A 1 88  ? 18.947  -0.416  -2.234  1.00 27.57 ? 1943 PHE A CZ  1 
ATOM   704  N N   . ASN A 1 89  ? 16.007  -2.594  3.315   1.00 30.37 ? 1944 ASN A N   1 
ATOM   705  C CA  . ASN A 1 89  ? 16.463  -1.876  4.498   1.00 29.87 ? 1944 ASN A CA  1 
ATOM   706  C C   . ASN A 1 89  ? 16.643  -2.788  5.700   1.00 33.96 ? 1944 ASN A C   1 
ATOM   707  O O   . ASN A 1 89  ? 15.863  -3.718  5.909   1.00 32.40 ? 1944 ASN A O   1 
ATOM   708  C CB  . ASN A 1 89  ? 15.480  -0.768  4.864   1.00 31.19 ? 1944 ASN A CB  1 
ATOM   709  C CG  . ASN A 1 89  ? 15.331  0.276   3.770   1.00 33.23 ? 1944 ASN A CG  1 
ATOM   710  O OD1 . ASN A 1 89  ? 16.057  1.267   3.745   1.00 33.78 ? 1944 ASN A OD1 1 
ATOM   711  N ND2 . ASN A 1 89  ? 14.368  0.070   2.878   1.00 28.67 ? 1944 ASN A ND2 1 
ATOM   712  N N   . GLU A 1 90  ? 17.672  -2.516  6.496   1.00 34.42 ? 1945 GLU A N   1 
ATOM   713  C CA  . GLU A 1 90  ? 17.860  -3.250  7.735   1.00 34.38 ? 1945 GLU A CA  1 
ATOM   714  C C   . GLU A 1 90  ? 16.728  -2.908  8.693   1.00 34.70 ? 1945 GLU A C   1 
ATOM   715  O O   . GLU A 1 90  ? 16.285  -1.751  8.746   1.00 32.58 ? 1945 GLU A O   1 
ATOM   716  C CB  A GLU A 1 90  ? 19.224  -2.915  8.358   0.54 37.85 ? 1945 GLU A CB  1 
ATOM   717  C CB  B GLU A 1 90  ? 19.221  -2.937  8.364   0.46 37.79 ? 1945 GLU A CB  1 
ATOM   718  C CG  A GLU A 1 90  ? 20.393  -2.912  7.358   0.54 36.57 ? 1945 GLU A CG  1 
ATOM   719  C CG  B GLU A 1 90  ? 20.397  -3.617  7.663   0.46 37.39 ? 1945 GLU A CG  1 
ATOM   720  C CD  A GLU A 1 90  ? 21.745  -2.680  8.021   0.54 37.18 ? 1945 GLU A CD  1 
ATOM   721  C CD  B GLU A 1 90  ? 20.554  -5.084  8.045   0.46 36.13 ? 1945 GLU A CD  1 
ATOM   722  O OE1 A GLU A 1 90  ? 22.036  -3.367  9.020   0.54 38.84 ? 1945 GLU A OE1 1 
ATOM   723  O OE1 B GLU A 1 90  ? 19.726  -5.604  8.814   0.46 38.37 ? 1945 GLU A OE1 1 
ATOM   724  O OE2 A GLU A 1 90  ? 22.519  -1.818  7.546   0.54 39.20 ? 1945 GLU A OE2 1 
ATOM   725  O OE2 B GLU A 1 90  ? 21.514  -5.720  7.569   0.46 41.41 ? 1945 GLU A OE2 1 
ATOM   726  N N   . ASP A 1 91  ? 16.248  -3.904  9.438   1.00 35.53 ? 1946 ASP A N   1 
ATOM   727  C CA  . ASP A 1 91  ? 15.194  -3.662  10.431  1.00 39.08 ? 1946 ASP A CA  1 
ATOM   728  C C   . ASP A 1 91  ? 15.591  -2.550  11.416  1.00 37.92 ? 1946 ASP A C   1 
ATOM   729  O O   . ASP A 1 91  ? 14.769  -1.716  11.794  1.00 39.17 ? 1946 ASP A O   1 
ATOM   730  C CB  . ASP A 1 91  ? 14.856  -4.943  11.205  1.00 37.01 ? 1946 ASP A CB  1 
ATOM   731  C CG  . ASP A 1 91  ? 14.164  -5.986  10.351  1.00 43.77 ? 1946 ASP A CG  1 
ATOM   732  O OD1 . ASP A 1 91  ? 13.569  -5.625  9.316   1.00 46.61 ? 1946 ASP A OD1 1 
ATOM   733  O OD2 . ASP A 1 91  ? 14.187  -7.178  10.730  1.00 46.34 ? 1946 ASP A OD2 1 
ATOM   734  N N   . ASP A 1 92  ? 16.859  -2.540  11.809  1.00 39.93 ? 1947 ASP A N   1 
ATOM   735  C CA  . ASP A 1 92  ? 17.401  -1.557  12.740  1.00 41.16 ? 1947 ASP A CA  1 
ATOM   736  C C   . ASP A 1 92  ? 17.918  -0.313  11.992  1.00 46.02 ? 1947 ASP A C   1 
ATOM   737  O O   . ASP A 1 92  ? 19.091  0.073   12.086  1.00 45.39 ? 1947 ASP A O   1 
ATOM   738  C CB  . ASP A 1 92  ? 18.511  -2.216  13.576  1.00 44.20 ? 1947 ASP A CB  1 
ATOM   739  C CG  . ASP A 1 92  ? 19.194  -1.251  14.540  1.00 54.32 ? 1947 ASP A CG  1 
ATOM   740  O OD1 . ASP A 1 92  ? 18.576  -0.246  14.959  1.00 49.85 ? 1947 ASP A OD1 1 
ATOM   741  O OD2 . ASP A 1 92  ? 20.374  -1.503  14.865  1.00 61.54 ? 1947 ASP A OD2 1 
ATOM   742  N N   . SER A 1 93  ? 17.034  0.293   11.217  1.00 38.17 ? 1948 SER A N   1 
ATOM   743  C CA  . SER A 1 93  ? 17.334  1.544   10.542  1.00 35.38 ? 1948 SER A CA  1 
ATOM   744  C C   . SER A 1 93  ? 16.087  2.376   10.674  1.00 35.31 ? 1948 SER A C   1 
ATOM   745  O O   . SER A 1 93  ? 15.036  1.833   11.010  1.00 30.99 ? 1948 SER A O   1 
ATOM   746  C CB  . SER A 1 93  ? 17.703  1.322   9.079   1.00 32.64 ? 1948 SER A CB  1 
ATOM   747  O OG  . SER A 1 93  ? 16.582  0.853   8.349   1.00 32.21 ? 1948 SER A OG  1 
ATOM   748  N N   . ASP A 1 94  ? 16.188  3.681   10.441  1.00 34.94 ? 1949 ASP A N   1 
ATOM   749  C CA  . ASP A 1 94  ? 15.006  4.528   10.543  1.00 35.05 ? 1949 ASP A CA  1 
ATOM   750  C C   . ASP A 1 94  ? 13.946  4.094   9.525   1.00 32.34 ? 1949 ASP A C   1 
ATOM   751  O O   . ASP A 1 94  ? 12.770  3.950   9.868   1.00 30.51 ? 1949 ASP A O   1 
ATOM   752  C CB  . ASP A 1 94  ? 15.366  6.000   10.349  1.00 35.07 ? 1949 ASP A CB  1 
ATOM   753  C CG  . ASP A 1 94  ? 16.215  6.544   11.491  1.00 43.15 ? 1949 ASP A CG  1 
ATOM   754  O OD1 . ASP A 1 94  ? 15.675  6.737   12.605  1.00 37.38 ? 1949 ASP A OD1 1 
ATOM   755  O OD2 . ASP A 1 94  ? 17.422  6.785   11.270  1.00 42.58 ? 1949 ASP A OD2 1 
ATOM   756  N N   . ILE A 1 95  ? 14.374  3.859   8.288   1.00 28.83 ? 1950 ILE A N   1 
ATOM   757  C CA  . ILE A 1 95  ? 13.435  3.488   7.239   1.00 29.51 ? 1950 ILE A CA  1 
ATOM   758  C C   . ILE A 1 95  ? 12.863  2.096   7.518   1.00 31.36 ? 1950 ILE A C   1 
ATOM   759  O O   . ILE A 1 95  ? 11.654  1.882   7.383   1.00 29.42 ? 1950 ILE A O   1 
ATOM   760  C CB  . ILE A 1 95  ? 14.096  3.541   5.842   1.00 30.06 ? 1950 ILE A CB  1 
ATOM   761  C CG1 . ILE A 1 95  ? 14.446  4.989   5.494   1.00 30.02 ? 1950 ILE A CG1 1 
ATOM   762  C CG2 . ILE A 1 95  ? 13.165  2.956   4.757   1.00 24.28 ? 1950 ILE A CG2 1 
ATOM   763  C CD1 . ILE A 1 95  ? 15.041  5.149   4.114   1.00 33.99 ? 1950 ILE A CD1 1 
ATOM   764  N N   . GLY A 1 96  ? 13.720  1.168   7.939   1.00 28.89 ? 1951 GLY A N   1 
ATOM   765  C CA  . GLY A 1 96  ? 13.269  -0.156  8.341   1.00 30.12 ? 1951 GLY A CA  1 
ATOM   766  C C   . GLY A 1 96  ? 12.179  -0.119  9.408   1.00 30.41 ? 1951 GLY A C   1 
ATOM   767  O O   . GLY A 1 96  ? 11.177  -0.820  9.308   1.00 28.41 ? 1951 GLY A O   1 
ATOM   768  N N   . ARG A 1 97  ? 12.370  0.712   10.426  1.00 31.54 ? 1952 ARG A N   1 
ATOM   769  C CA  . ARG A 1 97  ? 11.391  0.836   11.502  1.00 28.58 ? 1952 ARG A CA  1 
ATOM   770  C C   . ARG A 1 97  ? 10.132  1.550   11.028  1.00 27.92 ? 1952 ARG A C   1 
ATOM   771  O O   . ARG A 1 97  ? 9.027   1.197   11.438  1.00 28.31 ? 1952 ARG A O   1 
ATOM   772  C CB  . ARG A 1 97  ? 11.992  1.569   12.707  1.00 32.50 ? 1952 ARG A CB  1 
ATOM   773  C CG  . ARG A 1 97  ? 12.823  0.673   13.630  1.00 37.24 ? 1952 ARG A CG  1 
ATOM   774  C CD  . ARG A 1 97  ? 13.322  1.419   14.874  1.00 39.24 ? 1952 ARG A CD  1 
ATOM   775  N NE  . ARG A 1 97  ? 14.305  2.453   14.560  1.00 41.78 ? 1952 ARG A NE  1 
ATOM   776  C CZ  . ARG A 1 97  ? 15.614  2.239   14.489  1.00 41.59 ? 1952 ARG A CZ  1 
ATOM   777  N NH1 . ARG A 1 97  ? 16.443  3.233   14.185  1.00 42.34 ? 1952 ARG A NH1 1 
ATOM   778  N NH2 . ARG A 1 97  ? 16.089  1.025   14.712  1.00 43.23 ? 1952 ARG A NH2 1 
ATOM   779  N N   . ALA A 1 98  ? 10.299  2.554   10.168  1.00 27.39 ? 1953 ALA A N   1 
ATOM   780  C CA  . ALA A 1 98  ? 9.154   3.243   9.567   1.00 29.07 ? 1953 ALA A CA  1 
ATOM   781  C C   . ALA A 1 98  ? 8.244   2.246   8.858   1.00 28.68 ? 1953 ALA A C   1 
ATOM   782  O O   . ALA A 1 98  ? 7.012   2.299   8.985   1.00 29.34 ? 1953 ALA A O   1 
ATOM   783  C CB  . ALA A 1 98  ? 9.618   4.309   8.593   1.00 26.04 ? 1953 ALA A CB  1 
ATOM   784  N N   . GLY A 1 99  ? 8.865   1.329   8.125   1.00 26.39 ? 1954 GLY A N   1 
ATOM   785  C CA  . GLY A 1 99  ? 8.136   0.349   7.345   1.00 26.11 ? 1954 GLY A CA  1 
ATOM   786  C C   . GLY A 1 99  ? 7.313   -0.580  8.213   1.00 30.81 ? 1954 GLY A C   1 
ATOM   787  O O   . GLY A 1 99  ? 6.125   -0.804  7.939   1.00 26.28 ? 1954 GLY A O   1 
ATOM   788  N N   . HIS A 1 100 ? 7.940   -1.124  9.255   1.00 26.77 ? 1955 HIS A N   1 
ATOM   789  C CA  . HIS A 1 100 ? 7.251   -2.019  10.177  1.00 31.12 ? 1955 HIS A CA  1 
ATOM   790  C C   . HIS A 1 100 ? 6.097   -1.293  10.855  1.00 29.85 ? 1955 HIS A C   1 
ATOM   791  O O   . HIS A 1 100 ? 4.999   -1.849  10.971  1.00 29.34 ? 1955 HIS A O   1 
ATOM   792  C CB  . HIS A 1 100 ? 8.213   -2.582  11.234  1.00 31.15 ? 1955 HIS A CB  1 
ATOM   793  C CG  . HIS A 1 100 ? 9.122   -3.647  10.713  1.00 30.77 ? 1955 HIS A CG  1 
ATOM   794  N ND1 . HIS A 1 100 ? 8.662   -4.877  10.291  1.00 39.02 ? 1955 HIS A ND1 1 
ATOM   795  C CD2 . HIS A 1 100 ? 10.468  -3.672  10.546  1.00 33.59 ? 1955 HIS A CD2 1 
ATOM   796  C CE1 . HIS A 1 100 ? 9.682   -5.610  9.879   1.00 41.97 ? 1955 HIS A CE1 1 
ATOM   797  N NE2 . HIS A 1 100 ? 10.789  -4.902  10.022  1.00 38.09 ? 1955 HIS A NE2 1 
ATOM   798  N N   . ASN A 1 101 ? 6.347   -0.056  11.290  1.00 25.29 ? 1956 ASN A N   1 
ATOM   799  C CA  . ASN A 1 101 ? 5.317   0.763   11.928  1.00 27.91 ? 1956 ASN A CA  1 
ATOM   800  C C   . ASN A 1 101 ? 4.115   1.003   10.997  1.00 31.82 ? 1956 ASN A C   1 
ATOM   801  O O   . ASN A 1 101 ? 2.960   0.818   11.394  1.00 29.37 ? 1956 ASN A O   1 
ATOM   802  C CB  . ASN A 1 101 ? 5.883   2.118   12.368  1.00 30.84 ? 1956 ASN A CB  1 
ATOM   803  C CG  . ASN A 1 101 ? 6.723   2.041   13.645  1.00 34.32 ? 1956 ASN A CG  1 
ATOM   804  O OD1 . ASN A 1 101 ? 6.848   0.989   14.272  1.00 32.21 ? 1956 ASN A OD1 1 
ATOM   805  N ND2 . ASN A 1 101 ? 7.307   3.178   14.028  1.00 33.31 ? 1956 ASN A ND2 1 
ATOM   806  N N   . MET A 1 102 ? 4.394   1.415   9.759   1.00 28.33 ? 1957 MET A N   1 
ATOM   807  C CA  . MET A 1 102 ? 3.337   1.716   8.793   1.00 26.78 ? 1957 MET A CA  1 
ATOM   808  C C   . MET A 1 102 ? 2.522   0.474   8.401   1.00 24.64 ? 1957 MET A C   1 
ATOM   809  O O   . MET A 1 102 ? 1.323   0.572   8.169   1.00 26.86 ? 1957 MET A O   1 
ATOM   810  C CB  . MET A 1 102 ? 3.926   2.366   7.530   1.00 26.56 ? 1957 MET A CB  1 
ATOM   811  C CG  . MET A 1 102 ? 4.535   3.752   7.736   1.00 29.21 ? 1957 MET A CG  1 
ATOM   812  S SD  . MET A 1 102 ? 3.327   4.967   8.297   1.00 37.33 ? 1957 MET A SD  1 
ATOM   813  C CE  . MET A 1 102 ? 2.238   5.043   6.894   1.00 29.39 ? 1957 MET A CE  1 
ATOM   814  N N   . ARG A 1 103 ? 3.175   -0.680  8.318   1.00 23.27 ? 1958 ARG A N   1 
ATOM   815  C CA  . ARG A 1 103 ? 2.483   -1.918  7.963   1.00 25.40 ? 1958 ARG A CA  1 
ATOM   816  C C   . ARG A 1 103 ? 1.468   -2.271  9.046   1.00 30.36 ? 1958 ARG A C   1 
ATOM   817  O O   . ARG A 1 103 ? 0.324   -2.604  8.748   1.00 26.26 ? 1958 ARG A O   1 
ATOM   818  C CB  . ARG A 1 103 ? 3.463   -3.089  7.774   1.00 26.41 ? 1958 ARG A CB  1 
ATOM   819  C CG  . ARG A 1 103 ? 2.768   -4.375  7.333   1.00 26.09 ? 1958 ARG A CG  1 
ATOM   820  C CD  . ARG A 1 103 ? 3.600   -5.628  7.543   1.00 27.92 ? 1958 ARG A CD  1 
ATOM   821  N NE  . ARG A 1 103 ? 4.834   -5.661  6.753   1.00 27.15 ? 1958 ARG A NE  1 
ATOM   822  C CZ  . ARG A 1 103 ? 4.914   -6.096  5.498   1.00 28.78 ? 1958 ARG A CZ  1 
ATOM   823  N NH1 . ARG A 1 103 ? 3.821   -6.502  4.848   1.00 28.17 ? 1958 ARG A NH1 1 
ATOM   824  N NH2 . ARG A 1 103 ? 6.083   -6.101  4.882   1.00 27.08 ? 1958 ARG A NH2 1 
ATOM   825  N N   . LYS A 1 104 ? 1.909   -2.192  10.302  1.00 28.55 ? 1959 LYS A N   1 
ATOM   826  C CA  . LYS A 1 104 ? 1.042   -2.424  11.451  1.00 31.20 ? 1959 LYS A CA  1 
ATOM   827  C C   . LYS A 1 104 ? -0.144  -1.454  11.448  1.00 33.14 ? 1959 LYS A C   1 
ATOM   828  O O   . LYS A 1 104 ? -1.294  -1.849  11.635  1.00 33.30 ? 1959 LYS A O   1 
ATOM   829  C CB  . LYS A 1 104 ? 1.843   -2.279  12.741  1.00 29.83 ? 1959 LYS A CB  1 
ATOM   830  C CG  . LYS A 1 104 ? 1.088   -2.706  13.980  1.00 40.42 ? 1959 LYS A CG  1 
ATOM   831  C CD  . LYS A 1 104 ? 1.191   -4.216  14.159  1.00 46.91 ? 1959 LYS A CD  1 
ATOM   832  C CE  . LYS A 1 104 ? 0.460   -4.688  15.416  1.00 54.25 ? 1959 LYS A CE  1 
ATOM   833  N NZ  . LYS A 1 104 ? 0.573   -6.168  15.628  1.00 60.16 ? 1959 LYS A NZ  1 
ATOM   834  N N   . TYR A 1 105 ? 0.155   -0.181  11.213  1.00 28.12 ? 1960 TYR A N   1 
ATOM   835  C CA  . TYR A 1 105 ? -0.865  0.850   11.094  1.00 30.17 ? 1960 TYR A CA  1 
ATOM   836  C C   . TYR A 1 105 ? -1.876  0.507   9.993   1.00 31.51 ? 1960 TYR A C   1 
ATOM   837  O O   . TYR A 1 105 ? -3.093  0.594   10.208  1.00 32.97 ? 1960 TYR A O   1 
ATOM   838  C CB  . TYR A 1 105 ? -0.190  2.192   10.822  1.00 26.11 ? 1960 TYR A CB  1 
ATOM   839  C CG  . TYR A 1 105 ? -1.060  3.414   10.937  1.00 29.18 ? 1960 TYR A CG  1 
ATOM   840  C CD1 . TYR A 1 105 ? -1.500  3.877   12.182  1.00 32.43 ? 1960 TYR A CD1 1 
ATOM   841  C CD2 . TYR A 1 105 ? -1.416  4.133   9.805   1.00 30.34 ? 1960 TYR A CD2 1 
ATOM   842  C CE1 . TYR A 1 105 ? -2.277  5.023   12.287  1.00 31.38 ? 1960 TYR A CE1 1 
ATOM   843  C CE2 . TYR A 1 105 ? -2.191  5.276   9.897   1.00 33.06 ? 1960 TYR A CE2 1 
ATOM   844  C CZ  . TYR A 1 105 ? -2.621  5.716   11.142  1.00 33.28 ? 1960 TYR A CZ  1 
ATOM   845  O OH  . TYR A 1 105 ? -3.398  6.851   11.216  1.00 39.26 ? 1960 TYR A OH  1 
ATOM   846  N N   . PHE A 1 106 ? -1.382  0.092   8.828   1.00 29.00 ? 1961 PHE A N   1 
ATOM   847  C CA  . PHE A 1 106 ? -2.270  -0.255  7.712   1.00 29.46 ? 1961 PHE A CA  1 
ATOM   848  C C   . PHE A 1 106 ? -3.166  -1.439  8.033   1.00 28.55 ? 1961 PHE A C   1 
ATOM   849  O O   . PHE A 1 106 ? -4.374  -1.378  7.817   1.00 30.02 ? 1961 PHE A O   1 
ATOM   850  C CB  . PHE A 1 106 ? -1.489  -0.594  6.440   1.00 25.80 ? 1961 PHE A CB  1 
ATOM   851  C CG  . PHE A 1 106 ? -2.350  -1.195  5.348   1.00 28.18 ? 1961 PHE A CG  1 
ATOM   852  C CD1 . PHE A 1 106 ? -3.262  -0.400  4.645   1.00 27.79 ? 1961 PHE A CD1 1 
ATOM   853  C CD2 . PHE A 1 106 ? -2.246  -2.541  5.014   1.00 27.10 ? 1961 PHE A CD2 1 
ATOM   854  C CE1 . PHE A 1 106 ? -4.061  -0.947  3.619   1.00 25.10 ? 1961 PHE A CE1 1 
ATOM   855  C CE2 . PHE A 1 106 ? -3.029  -3.093  3.998   1.00 26.67 ? 1961 PHE A CE2 1 
ATOM   856  C CZ  . PHE A 1 106 ? -3.944  -2.293  3.299   1.00 24.35 ? 1961 PHE A CZ  1 
ATOM   857  N N   . GLU A 1 107 ? -2.570  -2.522  8.528   1.00 27.50 ? 1962 GLU A N   1 
ATOM   858  C CA  . GLU A 1 107 ? -3.312  -3.769  8.666   1.00 29.27 ? 1962 GLU A CA  1 
ATOM   859  C C   . GLU A 1 107 ? -4.442  -3.639  9.683   1.00 31.94 ? 1962 GLU A C   1 
ATOM   860  O O   . GLU A 1 107 ? -5.492  -4.267  9.519   1.00 32.11 ? 1962 GLU A O   1 
ATOM   861  C CB  . GLU A 1 107 ? -2.381  -4.917  9.037   1.00 28.00 ? 1962 GLU A CB  1 
ATOM   862  C CG  . GLU A 1 107 ? -1.347  -5.251  7.961   1.00 30.82 ? 1962 GLU A CG  1 
ATOM   863  C CD  . GLU A 1 107 ? -1.945  -5.753  6.638   1.00 33.40 ? 1962 GLU A CD  1 
ATOM   864  O OE1 . GLU A 1 107 ? -3.154  -6.053  6.574   1.00 34.57 ? 1962 GLU A OE1 1 
ATOM   865  O OE2 . GLU A 1 107 ? -1.191  -5.864  5.647   1.00 31.58 ? 1962 GLU A OE2 1 
ATOM   866  N N   . LYS A 1 108 ? -4.240  -2.805  10.703  1.00 30.35 ? 1963 LYS A N   1 
ATOM   867  C CA  . LYS A 1 108 ? -5.299  -2.501  11.664  1.00 32.99 ? 1963 LYS A CA  1 
ATOM   868  C C   . LYS A 1 108 ? -6.466  -1.790  10.987  1.00 36.11 ? 1963 LYS A C   1 
ATOM   869  O O   . LYS A 1 108 ? -7.617  -2.226  11.115  1.00 40.04 ? 1963 LYS A O   1 
ATOM   870  C CB  . LYS A 1 108 ? -4.777  -1.639  12.827  1.00 37.24 ? 1963 LYS A CB  1 
ATOM   871  C CG  . LYS A 1 108 ? -5.899  -1.072  13.732  1.00 39.07 ? 1963 LYS A CG  1 
ATOM   872  C CD  . LYS A 1 108 ? -5.850  -1.689  15.116  1.00 45.90 ? 1963 LYS A CD  1 
ATOM   873  C CE  . LYS A 1 108 ? -7.089  -1.351  15.970  1.00 50.97 ? 1963 LYS A CE  1 
ATOM   874  N NZ  . LYS A 1 108 ? -7.481  0.087   15.946  1.00 44.97 ? 1963 LYS A NZ  1 
ATOM   875  N N   . LYS A 1 109 ? -6.178  -0.689  10.291  1.00 34.52 ? 1964 LYS A N   1 
ATOM   876  C CA  . LYS A 1 109 ? -7.203  0.051   9.559   1.00 34.15 ? 1964 LYS A CA  1 
ATOM   877  C C   . LYS A 1 109 ? -7.918  -0.863  8.581   1.00 35.98 ? 1964 LYS A C   1 
ATOM   878  O O   . LYS A 1 109 ? -9.121  -0.754  8.404   1.00 38.46 ? 1964 LYS A O   1 
ATOM   879  C CB  . LYS A 1 109 ? -6.613  1.229   8.779   1.00 34.70 ? 1964 LYS A CB  1 
ATOM   880  C CG  . LYS A 1 109 ? -5.790  2.212   9.566   1.00 38.59 ? 1964 LYS A CG  1 
ATOM   881  C CD  . LYS A 1 109 ? -6.639  3.296   10.171  1.00 47.33 ? 1964 LYS A CD  1 
ATOM   882  C CE  . LYS A 1 109 ? -5.773  4.409   10.741  1.00 41.93 ? 1964 LYS A CE  1 
ATOM   883  N NZ  . LYS A 1 109 ? -6.562  5.213   11.706  1.00 50.52 ? 1964 LYS A NZ  1 
ATOM   884  N N   . TRP A 1 110 ? -7.166  -1.748  7.931   1.00 35.49 ? 1965 TRP A N   1 
ATOM   885  C CA  . TRP A 1 110 ? -7.743  -2.673  6.958   1.00 33.16 ? 1965 TRP A CA  1 
ATOM   886  C C   . TRP A 1 110 ? -8.780  -3.577  7.621   1.00 40.57 ? 1965 TRP A C   1 
ATOM   887  O O   . TRP A 1 110 ? -9.920  -3.667  7.168   1.00 35.95 ? 1965 TRP A O   1 
ATOM   888  C CB  . TRP A 1 110 ? -6.665  -3.530  6.298   1.00 29.65 ? 1965 TRP A CB  1 
ATOM   889  C CG  . TRP A 1 110 ? -7.169  -4.281  5.099   1.00 32.17 ? 1965 TRP A CG  1 
ATOM   890  C CD1 . TRP A 1 110 ? -7.343  -5.625  4.989   1.00 34.45 ? 1965 TRP A CD1 1 
ATOM   891  C CD2 . TRP A 1 110 ? -7.571  -3.721  3.841   1.00 29.33 ? 1965 TRP A CD2 1 
ATOM   892  N NE1 . TRP A 1 110 ? -7.821  -5.943  3.740   1.00 32.24 ? 1965 TRP A NE1 1 
ATOM   893  C CE2 . TRP A 1 110 ? -7.978  -4.788  3.019   1.00 35.20 ? 1965 TRP A CE2 1 
ATOM   894  C CE3 . TRP A 1 110 ? -7.637  -2.420  3.336   1.00 29.61 ? 1965 TRP A CE3 1 
ATOM   895  C CZ2 . TRP A 1 110 ? -8.444  -4.593  1.715   1.00 31.87 ? 1965 TRP A CZ2 1 
ATOM   896  C CZ3 . TRP A 1 110 ? -8.090  -2.231  2.043   1.00 32.14 ? 1965 TRP A CZ3 1 
ATOM   897  C CH2 . TRP A 1 110 ? -8.484  -3.311  1.244   1.00 32.36 ? 1965 TRP A CH2 1 
ATOM   898  N N   . THR A 1 111 ? -8.363  -4.234  8.700   1.00 39.69 ? 1966 THR A N   1 
ATOM   899  C CA  . THR A 1 111 ? -9.229  -5.117  9.469   1.00 40.55 ? 1966 THR A CA  1 
ATOM   900  C C   . THR A 1 111 ? -10.447 -4.402  10.041  1.00 44.77 ? 1966 THR A C   1 
ATOM   901  O O   . THR A 1 111 ? -11.568 -4.881  9.897   1.00 48.96 ? 1966 THR A O   1 
ATOM   902  C CB  . THR A 1 111 ? -8.464  -5.773  10.623  1.00 42.20 ? 1966 THR A CB  1 
ATOM   903  O OG1 . THR A 1 111 ? -7.461  -6.648  10.092  1.00 41.99 ? 1966 THR A OG1 1 
ATOM   904  C CG2 . THR A 1 111 ? -9.411  -6.555  11.513  1.00 46.74 ? 1966 THR A CG2 1 
ATOM   905  N N   . ASP A 1 112 ? -10.238 -3.259  10.684  1.00 42.22 ? 1967 ASP A N   1 
ATOM   906  C CA  . ASP A 1 112 ? -11.356 -2.536  11.272  1.00 40.42 ? 1967 ASP A CA  1 
ATOM   907  C C   . ASP A 1 112 ? -12.346 -2.084  10.214  1.00 46.28 ? 1967 ASP A C   1 
ATOM   908  O O   . ASP A 1 112 ? -13.543 -2.001  10.479  1.00 48.79 ? 1967 ASP A O   1 
ATOM   909  C CB  . ASP A 1 112 ? -10.874 -1.320  12.068  1.00 40.40 ? 1967 ASP A CB  1 
ATOM   910  C CG  . ASP A 1 112 ? -10.019 -1.702  13.271  1.00 44.33 ? 1967 ASP A CG  1 
ATOM   911  O OD1 . ASP A 1 112 ? -9.969  -2.899  13.630  1.00 43.10 ? 1967 ASP A OD1 1 
ATOM   912  O OD2 . ASP A 1 112 ? -9.387  -0.792  13.851  1.00 43.73 ? 1967 ASP A OD2 1 
ATOM   913  N N   . THR A 1 113 ? -11.860 -1.796  9.011   1.00 44.33 ? 1968 THR A N   1 
ATOM   914  C CA  . THR A 1 113 ? -12.715 -1.196  7.989   1.00 41.37 ? 1968 THR A CA  1 
ATOM   915  C C   . THR A 1 113 ? -13.464 -2.234  7.156   1.00 41.32 ? 1968 THR A C   1 
ATOM   916  O O   . THR A 1 113 ? -14.558 -1.965  6.692   1.00 44.76 ? 1968 THR A O   1 
ATOM   917  C CB  . THR A 1 113 ? -11.897 -0.281  7.050   1.00 41.34 ? 1968 THR A CB  1 
ATOM   918  O OG1 . THR A 1 113 ? -11.183 0.686   7.831   1.00 43.06 ? 1968 THR A OG1 1 
ATOM   919  C CG2 . THR A 1 113 ? -12.800 0.442   6.042   1.00 38.84 ? 1968 THR A CG2 1 
ATOM   920  N N   . PHE A 1 114 ? -12.887 -3.418  6.974   1.00 42.21 ? 1969 PHE A N   1 
ATOM   921  C CA  . PHE A 1 114 ? -13.448 -4.383  6.024   1.00 45.14 ? 1969 PHE A CA  1 
ATOM   922  C C   . PHE A 1 114 ? -13.667 -5.797  6.576   1.00 49.43 ? 1969 PHE A C   1 
ATOM   923  O O   . PHE A 1 114 ? -14.388 -6.583  5.968   1.00 55.12 ? 1969 PHE A O   1 
ATOM   924  C CB  . PHE A 1 114 ? -12.554 -4.494  4.780   1.00 41.54 ? 1969 PHE A CB  1 
ATOM   925  C CG  . PHE A 1 114 ? -12.488 -3.234  3.951   1.00 40.84 ? 1969 PHE A CG  1 
ATOM   926  C CD1 . PHE A 1 114 ? -13.612 -2.752  3.302   1.00 41.06 ? 1969 PHE A CD1 1 
ATOM   927  C CD2 . PHE A 1 114 ? -11.289 -2.558  3.790   1.00 37.22 ? 1969 PHE A CD2 1 
ATOM   928  C CE1 . PHE A 1 114 ? -13.547 -1.605  2.543   1.00 35.78 ? 1969 PHE A CE1 1 
ATOM   929  C CE2 . PHE A 1 114 ? -11.220 -1.414  3.031   1.00 34.00 ? 1969 PHE A CE2 1 
ATOM   930  C CZ  . PHE A 1 114 ? -12.344 -0.935  2.408   1.00 38.16 ? 1969 PHE A CZ  1 
ATOM   931  N N   . LYS A 1 115 ? -13.042 -6.136  7.700   1.00 53.48 ? 1970 LYS A N   1 
ATOM   932  C CA  . LYS A 1 115 ? -13.176 -7.493  8.250   1.00 62.08 ? 1970 LYS A CA  1 
ATOM   933  C C   . LYS A 1 115 ? -13.872 -7.508  9.616   1.00 59.41 ? 1970 LYS A C   1 
ATOM   934  O O   . LYS A 1 115 ? -14.898 -6.852  9.817   1.00 59.11 ? 1970 LYS A O   1 
ATOM   935  C CB  . LYS A 1 115 ? -11.800 -8.170  8.359   1.00 55.54 ? 1970 LYS A CB  1 
HETATM 936  N N1  . 54V B 2 .   ? 19.460  5.946   1.795   0.84 54.21 ? 2001 54V A N1  1 
HETATM 937  C C4  . 54V B 2 .   ? 19.352  5.888   4.235   0.84 51.02 ? 2001 54V A C4  1 
HETATM 938  C C5  . 54V B 2 .   ? 18.723  6.009   0.531   0.84 43.27 ? 2001 54V A C5  1 
HETATM 939  C C6  . 54V B 2 .   ? 17.427  5.235   0.558   0.84 42.97 ? 2001 54V A C6  1 
HETATM 940  C C7  . 54V B 2 .   ? 17.424  3.851   0.686   0.84 37.36 ? 2001 54V A C7  1 
HETATM 941  C C8  . 54V B 2 .   ? 16.231  3.147   0.727   0.84 35.71 ? 2001 54V A C8  1 
HETATM 942  C C10 . 54V B 2 .   ? 15.019  5.193   0.511   0.84 38.27 ? 2001 54V A C10 1 
HETATM 943  C C13 . 54V B 2 .   ? 11.401  3.280   0.905   0.84 30.31 ? 2001 54V A C13 1 
HETATM 944  O O   . 54V B 2 .   ? 13.625  1.889   0.764   0.84 26.20 ? 2001 54V A O   1 
HETATM 945  C C12 . 54V B 2 .   ? 13.726  3.079   0.694   0.84 31.97 ? 2001 54V A C12 1 
HETATM 946  O O1  . 54V B 2 .   ? 12.693  3.899   0.726   0.84 35.92 ? 2001 54V A O1  1 
HETATM 947  C C9  . 54V B 2 .   ? 15.021  3.813   0.631   0.84 33.53 ? 2001 54V A C9  1 
HETATM 948  C C11 . 54V B 2 .   ? 16.212  5.894   0.472   0.84 39.71 ? 2001 54V A C11 1 
HETATM 949  C C2  . 54V B 2 .   ? 20.455  7.016   1.896   0.84 54.98 ? 2001 54V A C2  1 
HETATM 950  C C1  . 54V B 2 .   ? 21.238  6.892   3.183   0.84 57.05 ? 2001 54V A C1  1 
HETATM 951  C C3  . 54V B 2 .   ? 18.569  6.016   2.953   0.84 51.17 ? 2001 54V A C3  1 
HETATM 952  N N   . 54V B 2 .   ? 20.348  6.951   4.340   0.84 61.83 ? 2001 54V A N   1 
HETATM 953  C C   . 54V B 2 .   ? 21.110  6.817   5.583   0.84 59.63 ? 2001 54V A C   1 
HETATM 954  C C1  . EDO C 3 .   ? -10.840 5.228   7.712   1.00 49.46 ? 2002 EDO A C1  1 
HETATM 955  O O1  . EDO C 3 .   ? -9.850  4.408   8.358   1.00 51.84 ? 2002 EDO A O1  1 
HETATM 956  C C2  . EDO C 3 .   ? -11.740 4.369   6.827   1.00 47.86 ? 2002 EDO A C2  1 
HETATM 957  O O2  . EDO C 3 .   ? -12.301 3.308   7.612   1.00 53.11 ? 2002 EDO A O2  1 
HETATM 958  O O   . HOH D 4 .   ? -15.005 -5.378  11.404  1.00 60.86 ? 2101 HOH A O   1 
HETATM 959  O O   . HOH D 4 .   ? 21.783  -4.211  11.211  1.00 49.53 ? 2102 HOH A O   1 
HETATM 960  O O   . HOH D 4 .   ? -10.272 3.029   10.264  1.00 54.53 ? 2103 HOH A O   1 
HETATM 961  O O   . HOH D 4 .   ? -0.029  10.416  -2.201  1.00 36.23 ? 2104 HOH A O   1 
HETATM 962  O O   . HOH D 4 .   ? -21.034 -17.098 -12.823 1.00 48.00 ? 2105 HOH A O   1 
HETATM 963  O O   . HOH D 4 .   ? -24.052 -24.453 -11.652 1.00 30.79 ? 2106 HOH A O   1 
HETATM 964  O O   . HOH D 4 .   ? -17.466 -20.509 -2.449  1.00 42.16 ? 2107 HOH A O   1 
HETATM 965  O O   . HOH D 4 .   ? -3.608  12.798  1.864   1.00 46.99 ? 2108 HOH A O   1 
HETATM 966  O O   . HOH D 4 .   ? -2.630  -0.336  -13.877 1.00 46.43 ? 2109 HOH A O   1 
HETATM 967  O O   . HOH D 4 .   ? -9.107  1.447   12.645  1.00 47.59 ? 2110 HOH A O   1 
HETATM 968  O O   . HOH D 4 .   ? -2.988  11.338  -7.992  1.00 36.58 ? 2111 HOH A O   1 
HETATM 969  O O   . HOH D 4 .   ? 1.145   -6.958  5.827   1.00 37.04 ? 2112 HOH A O   1 
HETATM 970  O O   . HOH D 4 .   ? 11.812  0.292   -0.198  1.00 27.80 ? 2113 HOH A O   1 
HETATM 971  O O   . HOH D 4 .   ? -27.266 -15.977 -2.698  1.00 41.00 ? 2114 HOH A O   1 
HETATM 972  O O   . HOH D 4 .   ? 4.681   -4.429  11.205  1.00 36.21 ? 2115 HOH A O   1 
HETATM 973  O O   . HOH D 4 .   ? 11.252  3.727   -7.553  1.00 29.17 ? 2116 HOH A O   1 
HETATM 974  O O   . HOH D 4 .   ? 18.865  1.967   -8.484  1.00 37.28 ? 2117 HOH A O   1 
HETATM 975  O O   . HOH D 4 .   ? 4.589   -7.787  -2.002  1.00 31.11 ? 2118 HOH A O   1 
HETATM 976  O O   . HOH D 4 .   ? 0.508   -5.402  -6.186  1.00 34.82 ? 2119 HOH A O   1 
HETATM 977  O O   . HOH D 4 .   ? 17.744  2.358   5.465   1.00 40.96 ? 2120 HOH A O   1 
HETATM 978  O O   . HOH D 4 .   ? -10.934 10.012  -9.447  1.00 42.89 ? 2121 HOH A O   1 
HETATM 979  O O   . HOH D 4 .   ? 3.876   9.136   16.428  1.00 38.59 ? 2122 HOH A O   1 
HETATM 980  O O   . HOH D 4 .   ? -9.738  -8.456  2.903   1.00 47.74 ? 2123 HOH A O   1 
HETATM 981  O O   . HOH D 4 .   ? 8.719   -3.053  -12.629 1.00 44.92 ? 2124 HOH A O   1 
HETATM 982  O O   . HOH D 4 .   ? 16.719  -8.617  1.332   1.00 31.32 ? 2125 HOH A O   1 
HETATM 983  O O   . HOH D 4 .   ? 9.369   0.867   -3.650  1.00 25.23 ? 2126 HOH A O   1 
HETATM 984  O O   . HOH D 4 .   ? 7.232   3.548   -6.570  1.00 26.86 ? 2127 HOH A O   1 
HETATM 985  O O   . HOH D 4 .   ? -8.191  8.706   -4.784  1.00 38.63 ? 2128 HOH A O   1 
HETATM 986  O O   . HOH D 4 .   ? 8.438   -1.168  14.212  1.00 44.88 ? 2129 HOH A O   1 
HETATM 987  O O   . HOH D 4 .   ? 22.174  -9.914  -13.833 1.00 44.43 ? 2130 HOH A O   1 
HETATM 988  O O   . HOH D 4 .   ? 6.033   -1.648  -9.744  1.00 39.08 ? 2131 HOH A O   1 
HETATM 989  O O   . HOH D 4 .   ? 3.135   12.239  6.473   1.00 35.51 ? 2132 HOH A O   1 
HETATM 990  O O   . HOH D 4 .   ? -5.211  -6.867  8.102   1.00 35.39 ? 2133 HOH A O   1 
HETATM 991  O O   . HOH D 4 .   ? 8.402   2.839   -1.485  1.00 24.71 ? 2134 HOH A O   1 
HETATM 992  O O   . HOH D 4 .   ? -2.158  -4.902  -6.932  1.00 31.12 ? 2135 HOH A O   1 
HETATM 993  O O   . HOH D 4 .   ? 13.078  -1.823  -10.576 1.00 38.13 ? 2136 HOH A O   1 
HETATM 994  O O   . HOH D 4 .   ? -3.265  7.868   -13.758 1.00 36.95 ? 2137 HOH A O   1 
HETATM 995  O O   . HOH D 4 .   ? -0.394  10.826  -6.531  1.00 34.43 ? 2138 HOH A O   1 
HETATM 996  O O   . HOH D 4 .   ? 11.238  10.226  -6.768  1.00 41.34 ? 2139 HOH A O   1 
HETATM 997  O O   . HOH D 4 .   ? -2.454  9.531   10.092  1.00 38.70 ? 2140 HOH A O   1 
HETATM 998  O O   . HOH D 4 .   ? 2.777   -9.302  1.761   1.00 35.93 ? 2141 HOH A O   1 
HETATM 999  O O   . HOH D 4 .   ? -18.383 -0.975  0.366   1.00 41.22 ? 2142 HOH A O   1 
HETATM 1000 O O   . HOH D 4 .   ? 19.134  2.745   14.230  1.00 47.82 ? 2143 HOH A O   1 
HETATM 1001 O O   . HOH D 4 .   ? 1.779   -7.499  -2.312  1.00 29.20 ? 2144 HOH A O   1 
HETATM 1002 O O   . HOH D 4 .   ? -20.611 -10.891 -2.955  1.00 55.73 ? 2145 HOH A O   1 
HETATM 1003 O O   . HOH D 4 .   ? 9.273   5.244   -1.532  1.00 25.94 ? 2146 HOH A O   1 
HETATM 1004 O O   . HOH D 4 .   ? 9.161   9.710   -0.157  1.00 29.75 ? 2147 HOH A O   1 
HETATM 1005 O O   . HOH D 4 .   ? 9.215   0.852   0.194   1.00 25.43 ? 2148 HOH A O   1 
HETATM 1006 O O   . HOH D 4 .   ? -12.906 9.048   0.855   1.00 47.74 ? 2149 HOH A O   1 
HETATM 1007 O O   . HOH D 4 .   ? 8.491   -2.667  5.918   1.00 29.46 ? 2150 HOH A O   1 
HETATM 1008 O O   . HOH D 4 .   ? -21.726 -20.605 -5.522  1.00 31.85 ? 2151 HOH A O   1 
HETATM 1009 O O   . HOH D 4 .   ? -1.815  -3.911  13.414  1.00 39.69 ? 2152 HOH A O   1 
HETATM 1010 O O   . HOH D 4 .   ? 0.644   11.102  -10.049 1.00 47.67 ? 2153 HOH A O   1 
HETATM 1011 O O   . HOH D 4 .   ? 9.757   -8.839  9.423   1.00 52.10 ? 2154 HOH A O   1 
HETATM 1012 O O   . HOH D 4 .   ? 5.993   1.785   -9.765  1.00 40.42 ? 2155 HOH A O   1 
HETATM 1013 O O   . HOH D 4 .   ? 12.262  -2.435  12.783  1.00 46.73 ? 2156 HOH A O   1 
HETATM 1014 O O   . HOH D 4 .   ? 9.067   -7.021  -2.155  1.00 38.91 ? 2157 HOH A O   1 
HETATM 1015 O O   . HOH D 4 .   ? -22.364 -5.741  2.526   1.00 57.20 ? 2158 HOH A O   1 
HETATM 1016 O O   . HOH D 4 .   ? 1.447   -3.071  -8.956  1.00 34.19 ? 2159 HOH A O   1 
HETATM 1017 O O   . HOH D 4 .   ? 13.310  -3.810  7.201   1.00 30.37 ? 2160 HOH A O   1 
HETATM 1018 O O   . HOH D 4 .   ? -4.219  1.583   12.578  1.00 30.33 ? 2161 HOH A O   1 
HETATM 1019 O O   . HOH D 4 .   ? -1.097  5.869   -13.652 1.00 37.75 ? 2162 HOH A O   1 
HETATM 1020 O O   . HOH D 4 .   ? 2.292   10.645  -1.307  1.00 32.61 ? 2163 HOH A O   1 
HETATM 1021 O O   . HOH D 4 .   ? -6.731  2.912   13.325  1.00 45.63 ? 2164 HOH A O   1 
HETATM 1022 O O   . HOH D 4 .   ? 7.250   -4.448  7.574   1.00 33.77 ? 2165 HOH A O   1 
HETATM 1023 O O   . HOH D 4 .   ? 17.091  -6.621  9.019   1.00 42.27 ? 2166 HOH A O   1 
HETATM 1024 O O   . HOH D 4 .   ? -19.691 -5.865  -7.646  1.00 55.78 ? 2167 HOH A O   1 
HETATM 1025 O O   . HOH D 4 .   ? 1.520   -5.557  18.235  1.00 41.58 ? 2168 HOH A O   1 
HETATM 1026 O O   . HOH D 4 .   ? 18.734  -4.650  11.445  1.00 43.32 ? 2169 HOH A O   1 
HETATM 1027 O O   . HOH D 4 .   ? 14.964  12.585  -5.622  1.00 50.33 ? 2170 HOH A O   1 
HETATM 1028 O O   . HOH D 4 .   ? 15.392  -4.860  -12.368 1.00 43.23 ? 2171 HOH A O   1 
HETATM 1029 O O   . HOH D 4 .   ? 9.370   -5.848  -5.721  1.00 28.53 ? 2172 HOH A O   1 
HETATM 1030 O O   . HOH D 4 .   ? 14.905  8.188   -3.191  1.00 36.51 ? 2173 HOH A O   1 
HETATM 1031 O O   . HOH D 4 .   ? -19.520 -4.198  2.955   1.00 53.67 ? 2174 HOH A O   1 
HETATM 1032 O O   . HOH D 4 .   ? -13.918 -4.084  -4.166  1.00 33.14 ? 2175 HOH A O   1 
HETATM 1033 O O   . HOH D 4 .   ? 18.824  4.731   9.789   1.00 45.27 ? 2176 HOH A O   1 
HETATM 1034 O O   . HOH D 4 .   ? 24.035  -0.091  -8.049  1.00 46.62 ? 2177 HOH A O   1 
HETATM 1035 O O   . HOH D 4 .   ? -16.847 4.427   -3.138  1.00 35.75 ? 2178 HOH A O   1 
HETATM 1036 O O   . HOH D 4 .   ? 17.034  4.513   7.322   1.00 38.66 ? 2179 HOH A O   1 
HETATM 1037 O O   . HOH D 4 .   ? -9.147  2.175   -8.722  1.00 32.25 ? 2180 HOH A O   1 
HETATM 1038 O O   . HOH D 4 .   ? 10.976  -2.612  7.026   1.00 27.64 ? 2181 HOH A O   1 
HETATM 1039 O O   . HOH D 4 .   ? -15.113 3.255   8.370   1.00 52.19 ? 2182 HOH A O   1 
HETATM 1040 O O   . HOH D 4 .   ? -2.100  -3.530  -9.349  1.00 35.20 ? 2183 HOH A O   1 
HETATM 1041 O O   . HOH D 4 .   ? 1.490   13.662  2.943   1.00 41.63 ? 2184 HOH A O   1 
HETATM 1042 O O   . HOH D 4 .   ? -0.016  2.015   -13.562 1.00 46.77 ? 2185 HOH A O   1 
HETATM 1043 O O   . HOH D 4 .   ? -1.717  -9.913  0.691   1.00 38.65 ? 2186 HOH A O   1 
HETATM 1044 O O   . HOH D 4 .   ? 13.252  7.204   -10.096 1.00 41.32 ? 2187 HOH A O   1 
HETATM 1045 O O   . HOH D 4 .   ? -19.008 -18.433 -10.419 1.00 47.37 ? 2188 HOH A O   1 
HETATM 1046 O O   . HOH D 4 .   ? -23.723 -17.497 -13.621 1.00 38.70 ? 2189 HOH A O   1 
HETATM 1047 O O   . HOH D 4 .   ? -9.726  10.625  1.376   1.00 49.41 ? 2190 HOH A O   1 
HETATM 1048 O O   . HOH D 4 .   ? -6.167  12.872  0.217   1.00 47.18 ? 2191 HOH A O   1 
HETATM 1049 O O   . HOH D 4 .   ? -17.011 -4.266  4.234   1.00 50.68 ? 2192 HOH A O   1 
HETATM 1050 O O   . HOH D 4 .   ? 19.353  -0.122  5.886   1.00 37.64 ? 2193 HOH A O   1 
HETATM 1051 O O   . HOH D 4 .   ? -12.771 -8.312  -9.114  1.00 43.67 ? 2194 HOH A O   1 
HETATM 1052 O O   . HOH D 4 .   ? 9.549   3.241   -5.233  1.00 24.55 ? 2195 HOH A O   1 
HETATM 1053 O O   . HOH D 4 .   ? 5.425   -9.933  4.267   1.00 45.07 ? 2196 HOH A O   1 
HETATM 1054 O O   . HOH D 4 .   ? 9.656   12.604  2.478   1.00 44.25 ? 2197 HOH A O   1 
HETATM 1055 O O   . HOH D 4 .   ? -6.681  8.252   11.550  1.00 50.98 ? 2198 HOH A O   1 
HETATM 1056 O O   . HOH D 4 .   ? -8.074  -9.568  -7.996  1.00 50.47 ? 2199 HOH A O   1 
HETATM 1057 O O   . HOH D 4 .   ? 1.726   -0.418  -11.156 1.00 40.93 ? 2200 HOH A O   1 
HETATM 1058 O O   . HOH D 4 .   ? 1.475   10.075  13.005  1.00 33.02 ? 2201 HOH A O   1 
HETATM 1059 O O   . HOH D 4 .   ? -4.133  -3.272  -10.246 1.00 41.43 ? 2202 HOH A O   1 
HETATM 1060 O O   . HOH D 4 .   ? 7.353   -0.649  16.872  1.00 44.89 ? 2203 HOH A O   1 
HETATM 1061 O O   . HOH D 4 .   ? 11.399  -7.638  -5.859  1.00 36.04 ? 2204 HOH A O   1 
HETATM 1062 O O   . HOH D 4 .   ? 4.391   8.375   -9.343  1.00 44.81 ? 2205 HOH A O   1 
HETATM 1063 O O   . HOH D 4 .   ? 11.185  8.839   -1.831  1.00 33.58 ? 2206 HOH A O   1 
HETATM 1064 O O   . HOH D 4 .   ? 12.669  7.231   -0.147  1.00 36.93 ? 2207 HOH A O   1 
HETATM 1065 O O   . HOH D 4 .   ? 2.530   14.649  8.155   1.00 50.89 ? 2208 HOH A O   1 
HETATM 1066 O O   . HOH D 4 .   ? 6.091   12.486  6.411   1.00 34.40 ? 2209 HOH A O   1 
HETATM 1067 O O   . HOH D 4 .   ? 4.208   -7.988  -6.541  1.00 47.12 ? 2210 HOH A O   1 
HETATM 1068 O O   . HOH D 4 .   ? 1.571   -9.115  3.840   1.00 39.64 ? 2211 HOH A O   1 
HETATM 1069 O O   . HOH D 4 .   ? -1.875  -9.635  6.345   1.00 46.96 ? 2212 HOH A O   1 
HETATM 1070 O O   . HOH D 4 .   ? -6.736  -8.850  7.041   1.00 46.22 ? 2213 HOH A O   1 
HETATM 1071 O O   . HOH D 4 .   ? -1.287  10.770  12.231  1.00 54.84 ? 2214 HOH A O   1 
HETATM 1072 O O   . HOH D 4 .   ? -6.187  3.746   15.858  1.00 46.74 ? 2215 HOH A O   1 
HETATM 1073 O O   . HOH D 4 .   ? -3.525  -8.807  9.334   1.00 50.01 ? 2216 HOH A O   1 
HETATM 1074 O O   . HOH D 4 .   ? 7.222   3.894   -9.326  1.00 26.71 ? 2217 HOH A O   1 
HETATM 1075 O O   . HOH D 4 .   ? -5.854  -1.080  19.363  1.00 45.43 ? 2218 HOH A O   1 
HETATM 1076 O O   . HOH D 4 .   ? 17.079  7.394   6.532   1.00 35.79 ? 2219 HOH A O   1 
HETATM 1077 O O   . HOH D 4 .   ? 9.060   12.673  0.084   1.00 46.86 ? 2220 HOH A O   1 
HETATM 1078 O O   . HOH D 4 .   ? -17.664 -1.930  4.152   1.00 52.23 ? 2221 HOH A O   1 
HETATM 1079 O O   . HOH D 4 .   ? -0.925  8.998   13.616  1.00 41.77 ? 2222 HOH A O   1 
HETATM 1080 O O   . HOH D 4 .   ? -14.411 -6.431  -4.145  1.00 40.80 ? 2223 HOH A O   1 
HETATM 1081 O O   . HOH D 4 .   ? 1.908   -7.577  -5.434  1.00 39.64 ? 2224 HOH A O   1 
HETATM 1082 O O   . HOH D 4 .   ? 22.861  3.624   -9.436  1.00 47.74 ? 2225 HOH A O   1 
HETATM 1083 O O   . HOH D 4 .   ? -7.637  13.231  -1.513  1.00 45.42 ? 2226 HOH A O   1 
HETATM 1084 O O   . HOH D 4 .   ? 0.942   -9.125  -0.409  1.00 33.64 ? 2227 HOH A O   1 
HETATM 1085 O O   . HOH D 4 .   ? 12.293  9.606   -8.853  1.00 42.25 ? 2228 HOH A O   1 
HETATM 1086 O O   . HOH D 4 .   ? 7.345   -7.709  -6.156  1.00 36.82 ? 2229 HOH A O   1 
HETATM 1087 O O   . HOH D 4 .   ? 7.241   -1.360  -12.151 1.00 42.11 ? 2230 HOH A O   1 
HETATM 1088 O O   . HOH D 4 .   ? 1.191   -8.303  8.266   1.00 44.40 ? 2231 HOH A O   1 
HETATM 1089 O O   . HOH D 4 .   ? -10.824 8.175   -5.175  1.00 46.20 ? 2232 HOH A O   1 
HETATM 1090 O O   . HOH D 4 .   ? 12.117  12.240  -4.726  1.00 54.02 ? 2233 HOH A O   1 
HETATM 1091 O O   . HOH D 4 .   ? 11.687  -0.561  -12.205 1.00 40.38 ? 2234 HOH A O   1 
HETATM 1092 O O   . HOH D 4 .   ? 6.898   7.081   -10.932 1.00 50.53 ? 2235 HOH A O   1 
HETATM 1093 O O   . HOH D 4 .   ? 6.852   -8.633  -3.446  1.00 35.27 ? 2236 HOH A O   1 
HETATM 1094 O O   . HOH D 4 .   ? 21.109  3.063   9.320   1.00 55.72 ? 2237 HOH A O   1 
HETATM 1095 O O   . HOH D 4 .   ? -0.458  12.217  -4.346  1.00 40.65 ? 2238 HOH A O   1 
HETATM 1096 O O   . HOH D 4 .   ? 4.284   14.080  -1.241  1.00 49.45 ? 2239 HOH A O   1 
HETATM 1097 O O   . HOH D 4 .   ? 1.371   3.146   -12.223 1.00 43.67 ? 2240 HOH A O   1 
HETATM 1098 O O   . HOH D 4 .   ? 9.981   3.549   -9.961  1.00 31.44 ? 2241 HOH A O   1 
HETATM 1099 O O   . HOH D 4 .   ? -2.309  -7.138  -8.217  1.00 47.95 ? 2242 HOH A O   1 
HETATM 1100 O O   . HOH D 4 .   ? 10.540  -2.426  14.270  1.00 44.97 ? 2243 HOH A O   1 
HETATM 1101 O O   . HOH D 4 .   ? 1.367   13.261  -0.014  1.00 54.71 ? 2244 HOH A O   1 
HETATM 1102 O O   . HOH D 4 .   ? 3.232   1.257   -11.303 1.00 43.65 ? 2245 HOH A O   1 
HETATM 1103 O O   . HOH D 4 .   ? 10.307  -9.907  -6.911  1.00 45.46 ? 2246 HOH A O   1 
HETATM 1104 O O   . HOH D 4 .   ? 9.934   1.447   -11.685 1.00 39.73 ? 2247 HOH A O   1 
HETATM 1105 O O   . HOH D 4 .   ? 6.920   14.403  -0.381  1.00 40.60 ? 2248 HOH A O   1 
HETATM 1106 O O   . HOH D 4 .   ? 9.423   8.248   -10.719 1.00 50.02 ? 2249 HOH A O   1 
HETATM 1107 O O   . HOH D 4 .   ? 11.106  13.579  -1.449  1.00 54.17 ? 2250 HOH A O   1 
HETATM 1108 O O   . HOH D 4 .   ? 8.313   16.463  -2.072  1.00 52.67 ? 2251 HOH A O   1 
# 
